data_3KX6
#
_entry.id   3KX6
#
_cell.length_a   85.880
_cell.length_b   114.160
_cell.length_c   174.540
_cell.angle_alpha   90.00
_cell.angle_beta   90.00
_cell.angle_gamma   90.00
#
_symmetry.space_group_name_H-M   'P 21 21 21'
#
loop_
_entity.id
_entity.type
_entity.pdbx_description
1 polymer 'Fructose-bisphosphate aldolase'
2 non-polymer 'CITRIC ACID'
3 non-polymer DI(HYDROXYETHYL)ETHER
4 non-polymer 1,2-ETHANEDIOL
5 water water
#
_entity_poly.entity_id   1
_entity_poly.type   'polypeptide(L)'
_entity_poly.pdbx_seq_one_letter_code
;MAHHHHHHMGTLEAQTQGPGSMQVKLSQERAKELAENASFIASPGKGILAADESTGTIQKRFDNVGVENTEKNRAEYRSI
LFTTKGLGKYISGCILFEETLFQQAPNGQNMVDLLRAEGILPGIKVDKGLVTIPNTDEEVSTTGLDGLAERCQKYYNAGA
RFAKWRAVLSIDVKKNKPSNLSILETAHTLARYAAICQENGLVPIVEPEILADGDHSIEVCAEVTERVLAAVFKALNDHK
VLLEGALLKPNMVTQGVDCKDKPAPQTVGFLTSRALRRTVPPALPGVMFLSGGQSESMATRHLNEINKCNKHPWSLSFSY
GRALQSSVLKTWNGSMSNAAAAQDVLMKLAQQNSEASLGSLKTDLSDDGESLFEAKYIY
;
_entity_poly.pdbx_strand_id   A,B,C,D
#
loop_
_chem_comp.id
_chem_comp.type
_chem_comp.name
_chem_comp.formula
CIT non-polymer 'CITRIC ACID' 'C6 H8 O7'
EDO non-polymer 1,2-ETHANEDIOL 'C2 H6 O2'
PEG non-polymer DI(HYDROXYETHYL)ETHER 'C4 H10 O3'
#
# COMPACT_ATOMS: atom_id res chain seq x y z
N MET A 22 -12.14 -28.73 -9.86
CA MET A 22 -11.39 -27.63 -9.16
C MET A 22 -10.64 -26.69 -10.15
N GLN A 23 -11.27 -25.59 -10.59
CA GLN A 23 -10.67 -24.63 -11.57
C GLN A 23 -10.26 -23.30 -10.91
N VAL A 24 -9.15 -22.72 -11.35
CA VAL A 24 -8.52 -21.58 -10.69
C VAL A 24 -9.04 -20.20 -11.18
N LYS A 25 -9.32 -20.11 -12.48
CA LYS A 25 -9.88 -18.92 -13.10
C LYS A 25 -11.42 -19.00 -13.12
N LEU A 26 -12.07 -17.93 -12.64
CA LEU A 26 -13.53 -17.88 -12.59
C LEU A 26 -14.13 -17.82 -14.01
N SER A 27 -14.98 -18.78 -14.37
CA SER A 27 -15.60 -18.80 -15.70
C SER A 27 -16.86 -17.92 -15.71
N GLN A 28 -17.30 -17.54 -16.91
CA GLN A 28 -18.53 -16.77 -17.10
C GLN A 28 -19.72 -17.47 -16.45
N GLU A 29 -19.84 -18.78 -16.64
CA GLU A 29 -20.94 -19.52 -16.06
C GLU A 29 -20.92 -19.59 -14.54
N ARG A 30 -19.74 -19.73 -13.96
CA ARG A 30 -19.69 -19.79 -12.51
C ARG A 30 -19.87 -18.41 -11.88
N ALA A 31 -19.37 -17.38 -12.55
CA ALA A 31 -19.61 -15.98 -12.14
C ALA A 31 -21.10 -15.69 -12.16
N LYS A 32 -21.77 -16.15 -13.21
CA LYS A 32 -23.20 -15.97 -13.34
C LYS A 32 -23.99 -16.64 -12.21
N GLU A 33 -23.64 -17.88 -11.85
CA GLU A 33 -24.33 -18.56 -10.74
C GLU A 33 -24.13 -17.80 -9.43
N LEU A 34 -22.92 -17.29 -9.19
CA LEU A 34 -22.66 -16.50 -7.98
C LEU A 34 -23.50 -15.20 -7.98
N ALA A 35 -23.51 -14.51 -9.12
CA ALA A 35 -24.25 -13.25 -9.25
C ALA A 35 -25.75 -13.45 -9.04
N GLU A 36 -26.31 -14.47 -9.66
CA GLU A 36 -27.73 -14.81 -9.48
C GLU A 36 -28.05 -15.17 -8.04
N ASN A 37 -27.18 -15.95 -7.39
CA ASN A 37 -27.40 -16.30 -5.99
C ASN A 37 -27.30 -15.10 -5.06
N ALA A 38 -26.32 -14.23 -5.30
CA ALA A 38 -26.13 -13.05 -4.48
C ALA A 38 -27.32 -12.08 -4.65
N SER A 39 -27.76 -11.90 -5.88
CA SER A 39 -28.96 -11.06 -6.12
C SER A 39 -30.19 -11.66 -5.47
N PHE A 40 -30.32 -12.99 -5.50
CA PHE A 40 -31.45 -13.64 -4.84
C PHE A 40 -31.45 -13.33 -3.34
N ILE A 41 -30.30 -13.53 -2.70
CA ILE A 41 -30.16 -13.27 -1.27
C ILE A 41 -30.51 -11.82 -0.93
N ALA A 42 -30.12 -10.91 -1.84
CA ALA A 42 -30.41 -9.48 -1.76
C ALA A 42 -31.81 -9.07 -2.29
N SER A 43 -32.69 -10.04 -2.59
CA SER A 43 -34.06 -9.75 -3.07
C SER A 43 -34.75 -8.67 -2.23
N PRO A 44 -35.38 -7.69 -2.89
CA PRO A 44 -36.05 -6.63 -2.12
C PRO A 44 -37.07 -7.20 -1.14
N GLY A 45 -36.98 -6.74 0.12
CA GLY A 45 -37.90 -7.17 1.15
C GLY A 45 -37.46 -8.41 1.90
N LYS A 46 -36.31 -8.98 1.53
CA LYS A 46 -35.81 -10.19 2.20
C LYS A 46 -34.45 -9.94 2.87
N GLY A 47 -34.15 -10.78 3.85
CA GLY A 47 -32.91 -10.74 4.56
C GLY A 47 -32.49 -12.12 5.00
N ILE A 48 -31.47 -12.16 5.83
CA ILE A 48 -30.84 -13.41 6.23
C ILE A 48 -31.12 -13.72 7.68
N LEU A 49 -31.48 -14.97 7.95
CA LEU A 49 -31.53 -15.48 9.31
C LEU A 49 -30.16 -16.10 9.62
N ALA A 50 -29.46 -15.54 10.60
CA ALA A 50 -28.17 -16.05 11.10
C ALA A 50 -28.43 -17.09 12.17
N ALA A 51 -28.46 -18.36 11.76
CA ALA A 51 -28.73 -19.47 12.67
C ALA A 51 -27.49 -20.32 12.86
N ASP A 52 -26.32 -19.67 12.76
CA ASP A 52 -25.04 -20.37 12.66
C ASP A 52 -24.25 -20.38 13.97
N GLU A 53 -24.96 -20.45 15.10
CA GLU A 53 -24.28 -20.53 16.39
C GLU A 53 -23.59 -21.90 16.55
N SER A 54 -22.30 -21.87 16.90
CA SER A 54 -21.58 -23.09 17.20
C SER A 54 -22.09 -23.72 18.49
N THR A 55 -21.58 -24.90 18.80
CA THR A 55 -22.00 -25.60 20.00
C THR A 55 -21.80 -24.75 21.25
N GLY A 56 -20.65 -24.09 21.34
CA GLY A 56 -20.31 -23.23 22.47
C GLY A 56 -21.18 -22.00 22.59
N THR A 57 -21.51 -21.37 21.46
CA THR A 57 -22.38 -20.19 21.47
C THR A 57 -23.81 -20.58 21.81
N ILE A 58 -24.32 -21.63 21.17
CA ILE A 58 -25.69 -22.06 21.43
C ILE A 58 -25.85 -22.48 22.90
N GLN A 59 -24.78 -22.97 23.51
CA GLN A 59 -24.77 -23.28 24.94
C GLN A 59 -25.25 -22.12 25.83
N LYS A 60 -24.77 -20.91 25.53
CA LYS A 60 -25.11 -19.71 26.31
C LYS A 60 -26.56 -19.32 26.02
N ARG A 61 -26.94 -19.25 24.76
CA ARG A 61 -28.32 -18.91 24.41
C ARG A 61 -29.31 -19.85 25.09
N PHE A 62 -28.97 -21.15 25.18
CA PHE A 62 -29.84 -22.17 25.79
C PHE A 62 -29.76 -22.09 27.31
N ASP A 63 -28.58 -21.75 27.82
CA ASP A 63 -28.43 -21.44 29.26
C ASP A 63 -29.38 -20.33 29.67
N ASN A 64 -29.47 -19.26 28.88
CA ASN A 64 -30.37 -18.15 29.21
C ASN A 64 -31.84 -18.56 29.40
N VAL A 65 -32.26 -19.70 28.83
CA VAL A 65 -33.67 -20.11 28.94
C VAL A 65 -33.84 -21.47 29.59
N GLY A 66 -32.82 -21.93 30.30
CA GLY A 66 -32.89 -23.17 31.05
C GLY A 66 -32.89 -24.45 30.21
N VAL A 67 -32.51 -24.38 28.93
CA VAL A 67 -32.62 -25.56 28.04
C VAL A 67 -31.28 -26.28 27.91
N GLU A 68 -31.27 -27.58 28.13
CA GLU A 68 -30.04 -28.37 28.07
C GLU A 68 -29.53 -28.43 26.62
N ASN A 69 -28.24 -28.20 26.44
CA ASN A 69 -27.61 -28.19 25.14
C ASN A 69 -27.28 -29.62 24.68
N THR A 70 -28.30 -30.36 24.28
CA THR A 70 -28.12 -31.68 23.67
C THR A 70 -28.24 -31.53 22.15
N GLU A 71 -27.63 -32.46 21.40
CA GLU A 71 -27.78 -32.45 19.95
C GLU A 71 -29.25 -32.54 19.58
N LYS A 72 -30.01 -33.25 20.39
CA LYS A 72 -31.46 -33.38 20.23
C LYS A 72 -32.21 -32.04 20.32
N ASN A 73 -31.81 -31.23 21.31
CA ASN A 73 -32.43 -29.95 21.50
C ASN A 73 -32.02 -28.98 20.39
N ARG A 74 -30.77 -29.06 19.95
CA ARG A 74 -30.34 -28.24 18.82
C ARG A 74 -31.12 -28.58 17.53
N ALA A 75 -31.31 -29.87 17.28
CA ALA A 75 -32.11 -30.36 16.11
C ALA A 75 -33.57 -29.92 16.22
N GLU A 76 -34.13 -30.04 17.42
CA GLU A 76 -35.50 -29.64 17.64
C GLU A 76 -35.68 -28.14 17.41
N TYR A 77 -34.82 -27.34 18.01
CA TYR A 77 -34.95 -25.89 17.90
C TYR A 77 -34.79 -25.43 16.45
N ARG A 78 -33.74 -25.88 15.80
CA ARG A 78 -33.55 -25.52 14.39
C ARG A 78 -34.69 -26.02 13.52
N SER A 79 -35.25 -27.21 13.77
CA SER A 79 -36.35 -27.71 12.93
C SER A 79 -37.58 -26.80 13.11
N ILE A 80 -37.77 -26.27 14.30
CA ILE A 80 -38.87 -25.35 14.54
C ILE A 80 -38.69 -24.09 13.71
N LEU A 81 -37.49 -23.51 13.74
CA LEU A 81 -37.17 -22.36 12.91
C LEU A 81 -37.49 -22.64 11.45
N PHE A 82 -36.99 -23.77 10.95
CA PHE A 82 -36.97 -24.01 9.51
C PHE A 82 -38.28 -24.59 8.95
N THR A 83 -39.26 -24.88 9.82
CA THR A 83 -40.60 -25.32 9.37
C THR A 83 -41.62 -24.22 9.62
N THR A 84 -41.16 -23.00 9.88
CA THR A 84 -42.03 -21.84 10.05
C THR A 84 -42.70 -21.52 8.71
N LYS A 85 -44.01 -21.75 8.61
CA LYS A 85 -44.71 -21.62 7.33
C LYS A 85 -44.69 -20.18 6.78
N GLY A 86 -44.25 -20.02 5.54
CA GLY A 86 -44.19 -18.70 4.90
C GLY A 86 -42.92 -17.89 5.24
N LEU A 87 -41.99 -18.48 5.99
CA LEU A 87 -40.73 -17.81 6.38
C LEU A 87 -39.95 -17.28 5.16
N GLY A 88 -40.02 -18.03 4.08
CA GLY A 88 -39.39 -17.69 2.82
C GLY A 88 -39.88 -16.42 2.16
N LYS A 89 -41.04 -15.92 2.57
CA LYS A 89 -41.51 -14.62 2.09
C LYS A 89 -40.64 -13.46 2.58
N TYR A 90 -39.94 -13.66 3.70
CA TYR A 90 -39.13 -12.62 4.34
C TYR A 90 -37.64 -12.98 4.48
N ILE A 91 -37.31 -14.27 4.35
CA ILE A 91 -35.97 -14.76 4.50
C ILE A 91 -35.50 -15.39 3.18
N SER A 92 -34.42 -14.85 2.62
CA SER A 92 -33.83 -15.37 1.36
C SER A 92 -32.75 -16.38 1.62
N GLY A 93 -32.08 -16.26 2.75
CA GLY A 93 -30.99 -17.17 3.13
C GLY A 93 -30.90 -17.44 4.63
N CYS A 94 -30.35 -18.59 4.99
CA CYS A 94 -30.14 -18.93 6.38
C CYS A 94 -28.74 -19.46 6.54
N ILE A 95 -27.93 -18.76 7.32
CA ILE A 95 -26.56 -19.18 7.62
C ILE A 95 -26.61 -20.30 8.65
N LEU A 96 -25.96 -21.42 8.34
CA LEU A 96 -25.92 -22.57 9.26
C LEU A 96 -24.52 -22.80 9.82
N PHE A 97 -24.45 -23.41 11.01
CA PHE A 97 -23.24 -24.06 11.50
C PHE A 97 -23.07 -25.42 10.83
N GLU A 98 -21.83 -25.88 10.71
CA GLU A 98 -21.54 -27.13 10.01
C GLU A 98 -22.41 -28.29 10.52
N GLU A 99 -22.57 -28.46 11.82
CA GLU A 99 -23.45 -29.51 12.32
C GLU A 99 -24.80 -29.54 11.62
N THR A 100 -25.46 -28.38 11.59
CA THR A 100 -26.82 -28.25 11.14
C THR A 100 -26.92 -28.48 9.63
N LEU A 101 -25.91 -28.05 8.88
CA LEU A 101 -25.89 -28.29 7.45
C LEU A 101 -25.97 -29.77 7.09
N PHE A 102 -25.38 -30.61 7.93
CA PHE A 102 -25.40 -32.07 7.71
C PHE A 102 -26.42 -32.83 8.57
N GLN A 103 -27.34 -32.11 9.20
CA GLN A 103 -28.24 -32.64 10.21
C GLN A 103 -29.63 -32.91 9.62
N GLN A 104 -30.32 -33.87 10.24
CA GLN A 104 -31.74 -34.13 9.99
C GLN A 104 -32.58 -33.63 11.18
N ALA A 105 -33.80 -33.19 10.88
CA ALA A 105 -34.79 -32.84 11.87
C ALA A 105 -35.32 -34.11 12.54
N PRO A 106 -36.07 -33.97 13.66
CA PRO A 106 -36.69 -35.12 14.35
C PRO A 106 -37.46 -36.08 13.47
N ASN A 107 -38.15 -35.58 12.46
CA ASN A 107 -38.92 -36.43 11.52
C ASN A 107 -38.13 -37.04 10.36
N GLY A 108 -36.81 -36.89 10.37
CA GLY A 108 -35.97 -37.50 9.35
C GLY A 108 -35.66 -36.60 8.15
N GLN A 109 -36.30 -35.45 8.06
CA GLN A 109 -36.01 -34.55 6.93
C GLN A 109 -34.65 -33.83 7.09
N ASN A 110 -33.86 -33.78 6.02
CA ASN A 110 -32.63 -33.00 6.07
C ASN A 110 -32.93 -31.53 6.33
N MET A 111 -32.15 -30.88 7.22
CA MET A 111 -32.31 -29.45 7.46
C MET A 111 -32.29 -28.65 6.16
N VAL A 112 -31.38 -28.98 5.26
CA VAL A 112 -31.25 -28.29 3.97
C VAL A 112 -32.55 -28.40 3.14
N ASP A 113 -33.21 -29.55 3.20
CA ASP A 113 -34.48 -29.76 2.48
C ASP A 113 -35.63 -29.00 3.10
N LEU A 114 -35.60 -28.79 4.41
CA LEU A 114 -36.56 -27.89 5.04
C LEU A 114 -36.41 -26.46 4.50
N LEU A 115 -35.16 -26.01 4.40
CA LEU A 115 -34.89 -24.69 3.86
C LEU A 115 -35.31 -24.57 2.41
N ARG A 116 -34.96 -25.56 1.59
CA ARG A 116 -35.37 -25.58 0.18
C ARG A 116 -36.89 -25.48 0.03
N ALA A 117 -37.61 -26.25 0.83
CA ALA A 117 -39.07 -26.19 0.81
C ALA A 117 -39.62 -24.81 1.14
N GLU A 118 -38.90 -23.97 1.87
CA GLU A 118 -39.38 -22.62 2.10
C GLU A 118 -38.91 -21.64 1.05
N GLY A 119 -38.08 -22.07 0.11
CA GLY A 119 -37.46 -21.16 -0.88
C GLY A 119 -36.27 -20.39 -0.32
N ILE A 120 -35.60 -20.97 0.68
CA ILE A 120 -34.50 -20.32 1.39
C ILE A 120 -33.19 -20.98 0.98
N LEU A 121 -32.21 -20.18 0.56
CA LEU A 121 -30.85 -20.70 0.27
C LEU A 121 -30.11 -20.97 1.55
N PRO A 122 -29.55 -22.19 1.68
CA PRO A 122 -28.70 -22.45 2.82
C PRO A 122 -27.33 -21.79 2.68
N GLY A 123 -26.81 -21.27 3.78
CA GLY A 123 -25.44 -20.80 3.85
C GLY A 123 -24.68 -21.49 4.95
N ILE A 124 -23.38 -21.21 5.03
CA ILE A 124 -22.50 -21.93 5.92
C ILE A 124 -21.39 -21.00 6.47
N LYS A 125 -21.16 -21.07 7.77
CA LYS A 125 -20.09 -20.39 8.43
C LYS A 125 -18.82 -21.16 8.12
N VAL A 126 -17.82 -20.49 7.57
CA VAL A 126 -16.58 -21.20 7.16
C VAL A 126 -15.32 -20.74 7.85
N ASP A 127 -15.42 -19.74 8.71
CA ASP A 127 -14.26 -19.32 9.50
C ASP A 127 -14.09 -20.26 10.70
N LYS A 128 -12.90 -20.29 11.28
CA LYS A 128 -12.58 -21.13 12.44
C LYS A 128 -12.29 -20.32 13.70
N GLY A 129 -12.71 -19.07 13.77
CA GLY A 129 -12.54 -18.33 15.03
C GLY A 129 -11.32 -17.42 15.06
N LEU A 130 -11.12 -16.76 16.22
CA LEU A 130 -10.25 -15.60 16.33
C LEU A 130 -9.00 -15.88 17.13
N VAL A 131 -7.87 -15.35 16.69
CA VAL A 131 -6.68 -15.35 17.51
C VAL A 131 -6.08 -13.96 17.56
N THR A 132 -5.26 -13.71 18.56
CA THR A 132 -4.64 -12.40 18.73
CA THR A 132 -4.65 -12.39 18.71
C THR A 132 -3.51 -12.19 17.70
N ILE A 133 -3.39 -10.98 17.19
CA ILE A 133 -2.28 -10.57 16.33
C ILE A 133 -1.13 -10.24 17.25
N PRO A 134 0.06 -10.84 17.01
CA PRO A 134 1.21 -10.47 17.84
C PRO A 134 1.57 -8.98 17.75
N ASN A 135 2.05 -8.46 18.87
CA ASN A 135 2.44 -7.07 19.05
C ASN A 135 1.34 -6.02 18.82
N THR A 136 0.10 -6.42 19.13
CA THR A 136 -1.01 -5.50 19.15
C THR A 136 -1.57 -5.52 20.57
N ASP A 137 -2.45 -4.58 20.89
CA ASP A 137 -3.13 -4.66 22.17
C ASP A 137 -4.39 -5.49 22.01
N GLU A 138 -4.23 -6.81 21.95
CA GLU A 138 -5.35 -7.74 21.87
C GLU A 138 -6.25 -7.53 20.64
N GLU A 139 -5.70 -7.08 19.53
CA GLU A 139 -6.48 -7.09 18.29
C GLU A 139 -6.38 -8.45 17.62
N VAL A 140 -7.37 -8.76 16.77
CA VAL A 140 -7.52 -10.14 16.34
C VAL A 140 -7.50 -10.34 14.85
N SER A 141 -7.19 -11.58 14.48
CA SER A 141 -7.18 -12.08 13.13
C SER A 141 -8.16 -13.26 13.09
N THR A 142 -8.82 -13.50 11.96
CA THR A 142 -9.71 -14.63 11.82
C THR A 142 -8.96 -15.80 11.16
N THR A 143 -9.13 -17.01 11.70
CA THR A 143 -8.48 -18.17 11.14
C THR A 143 -9.46 -18.95 10.24
N GLY A 144 -8.90 -19.86 9.43
CA GLY A 144 -9.70 -20.74 8.60
C GLY A 144 -9.32 -20.87 7.13
N LEU A 145 -8.28 -20.19 6.68
CA LEU A 145 -7.90 -20.31 5.26
C LEU A 145 -7.36 -21.71 4.92
N ASP A 146 -6.74 -22.40 5.86
CA ASP A 146 -6.16 -23.70 5.56
C ASP A 146 -7.33 -24.70 5.36
N GLY A 147 -7.32 -25.32 4.18
CA GLY A 147 -8.31 -26.28 3.73
C GLY A 147 -9.64 -25.63 3.32
N LEU A 148 -9.66 -24.32 3.08
CA LEU A 148 -10.93 -23.63 2.87
C LEU A 148 -11.58 -24.04 1.59
N ALA A 149 -10.79 -24.18 0.53
CA ALA A 149 -11.32 -24.66 -0.76
C ALA A 149 -12.02 -25.99 -0.60
N GLU A 150 -11.37 -26.94 0.08
CA GLU A 150 -11.98 -28.28 0.28
C GLU A 150 -13.21 -28.24 1.14
N ARG A 151 -13.24 -27.39 2.19
CA ARG A 151 -14.48 -27.23 2.94
C ARG A 151 -15.58 -26.64 2.08
N CYS A 152 -15.25 -25.63 1.27
CA CYS A 152 -16.25 -24.99 0.42
C CYS A 152 -16.89 -26.00 -0.53
N GLN A 153 -16.08 -26.87 -1.13
CA GLN A 153 -16.56 -27.87 -2.06
C GLN A 153 -17.54 -28.84 -1.40
N LYS A 154 -17.16 -29.29 -0.22
CA LYS A 154 -18.00 -30.16 0.58
C LYS A 154 -19.34 -29.52 0.96
N TYR A 155 -19.32 -28.25 1.32
CA TYR A 155 -20.51 -27.55 1.75
C TYR A 155 -21.44 -27.30 0.57
N TYR A 156 -20.84 -26.89 -0.55
CA TYR A 156 -21.58 -26.74 -1.81
C TYR A 156 -22.33 -28.03 -2.15
N ASN A 157 -21.64 -29.17 -2.07
CA ASN A 157 -22.26 -30.47 -2.41
C ASN A 157 -23.39 -30.83 -1.46
N ALA A 158 -23.33 -30.33 -0.23
CA ALA A 158 -24.41 -30.52 0.75
C ALA A 158 -25.54 -29.51 0.60
N GLY A 159 -25.41 -28.57 -0.34
CA GLY A 159 -26.50 -27.62 -0.66
C GLY A 159 -26.26 -26.16 -0.26
N ALA A 160 -25.15 -25.85 0.39
CA ALA A 160 -24.85 -24.46 0.75
C ALA A 160 -24.54 -23.66 -0.53
N ARG A 161 -25.01 -22.42 -0.59
CA ARG A 161 -24.74 -21.55 -1.73
C ARG A 161 -24.11 -20.20 -1.35
N PHE A 162 -24.00 -19.94 -0.05
CA PHE A 162 -23.25 -18.80 0.42
C PHE A 162 -22.49 -19.11 1.68
N ALA A 163 -21.55 -18.23 2.04
CA ALA A 163 -20.65 -18.44 3.14
C ALA A 163 -20.54 -17.20 3.95
N LYS A 164 -20.03 -17.40 5.15
CA LYS A 164 -19.84 -16.31 6.09
C LYS A 164 -18.49 -16.46 6.85
N TRP A 165 -17.84 -15.34 7.01
CA TRP A 165 -16.58 -15.23 7.73
C TRP A 165 -16.57 -13.88 8.45
N ARG A 166 -16.35 -13.91 9.74
CA ARG A 166 -16.36 -12.75 10.60
C ARG A 166 -14.95 -12.28 11.02
N ALA A 167 -14.62 -11.07 10.61
CA ALA A 167 -13.48 -10.36 11.12
C ALA A 167 -13.94 -9.33 12.15
N VAL A 168 -13.09 -9.07 13.12
CA VAL A 168 -13.43 -8.22 14.25
C VAL A 168 -12.40 -7.12 14.45
N LEU A 169 -12.89 -5.88 14.58
CA LEU A 169 -12.06 -4.73 14.85
C LEU A 169 -12.61 -3.95 16.07
N SER A 170 -11.73 -3.33 16.83
CA SER A 170 -12.13 -2.53 17.99
C SER A 170 -11.76 -1.08 17.82
N ILE A 171 -12.57 -0.22 18.43
CA ILE A 171 -12.30 1.21 18.52
C ILE A 171 -11.86 1.54 19.95
N ASP A 172 -10.70 2.16 20.06
CA ASP A 172 -10.21 2.68 21.33
C ASP A 172 -9.33 3.86 21.02
N VAL A 173 -9.87 5.03 21.29
CA VAL A 173 -9.23 6.24 20.84
C VAL A 173 -7.93 6.47 21.61
N LYS A 174 -7.92 6.12 22.90
CA LYS A 174 -6.72 6.30 23.73
C LYS A 174 -5.57 5.40 23.28
N LYS A 175 -5.89 4.27 22.65
CA LYS A 175 -4.90 3.28 22.24
C LYS A 175 -4.70 3.21 20.72
N ASN A 176 -5.26 4.18 20.00
CA ASN A 176 -5.17 4.24 18.54
CA ASN A 176 -5.16 4.23 18.55
C ASN A 176 -5.63 2.93 17.89
N LYS A 177 -6.76 2.42 18.38
CA LYS A 177 -7.45 1.30 17.76
C LYS A 177 -8.67 1.74 16.92
N PRO A 178 -8.90 1.10 15.75
CA PRO A 178 -8.14 -0.06 15.20
C PRO A 178 -6.78 0.34 14.60
N SER A 179 -5.76 -0.45 14.87
CA SER A 179 -4.42 -0.17 14.42
C SER A 179 -4.37 -0.39 12.90
N ASN A 180 -3.40 0.23 12.23
CA ASN A 180 -3.10 -0.10 10.83
C ASN A 180 -2.98 -1.60 10.58
N LEU A 181 -2.33 -2.29 11.49
CA LEU A 181 -2.06 -3.73 11.34
C LEU A 181 -3.38 -4.51 11.42
N SER A 182 -4.26 -4.09 12.33
CA SER A 182 -5.58 -4.68 12.38
C SER A 182 -6.39 -4.54 11.06
N ILE A 183 -6.36 -3.33 10.50
CA ILE A 183 -7.15 -3.06 9.29
C ILE A 183 -6.52 -3.81 8.13
N LEU A 184 -5.22 -3.79 8.04
CA LEU A 184 -4.49 -4.45 6.94
C LEU A 184 -4.77 -5.97 6.96
N GLU A 185 -4.67 -6.54 8.15
CA GLU A 185 -4.91 -7.96 8.34
C GLU A 185 -6.35 -8.32 8.04
N THR A 186 -7.27 -7.49 8.53
CA THR A 186 -8.70 -7.69 8.25
C THR A 186 -9.00 -7.69 6.73
N ALA A 187 -8.50 -6.67 6.06
CA ALA A 187 -8.78 -6.51 4.64
C ALA A 187 -8.20 -7.65 3.78
N HIS A 188 -6.92 -7.98 4.02
CA HIS A 188 -6.24 -9.03 3.24
C HIS A 188 -6.94 -10.36 3.45
N THR A 189 -7.21 -10.69 4.70
CA THR A 189 -7.73 -12.01 5.00
C THR A 189 -9.18 -12.17 4.53
N LEU A 190 -10.00 -11.13 4.70
CA LEU A 190 -11.35 -11.14 4.10
C LEU A 190 -11.32 -11.35 2.59
N ALA A 191 -10.36 -10.72 1.92
CA ALA A 191 -10.27 -10.81 0.46
C ALA A 191 -9.84 -12.21 -0.02
N ARG A 192 -8.93 -12.84 0.68
CA ARG A 192 -8.55 -14.23 0.41
C ARG A 192 -9.71 -15.20 0.56
N TYR A 193 -10.40 -15.11 1.70
CA TYR A 193 -11.59 -15.92 1.96
C TYR A 193 -12.64 -15.73 0.85
N ALA A 194 -12.84 -14.47 0.44
CA ALA A 194 -13.87 -14.18 -0.56
C ALA A 194 -13.49 -14.78 -1.91
N ALA A 195 -12.24 -14.63 -2.30
CA ALA A 195 -11.76 -15.18 -3.55
C ALA A 195 -11.87 -16.72 -3.59
N ILE A 196 -11.49 -17.36 -2.50
CA ILE A 196 -11.57 -18.82 -2.38
C ILE A 196 -13.03 -19.28 -2.41
N CYS A 197 -13.94 -18.60 -1.71
CA CYS A 197 -15.35 -18.95 -1.79
C CYS A 197 -15.83 -18.97 -3.23
N GLN A 198 -15.52 -17.91 -3.97
CA GLN A 198 -16.01 -17.76 -5.31
C GLN A 198 -15.44 -18.82 -6.26
N GLU A 199 -14.20 -19.24 -6.00
CA GLU A 199 -13.54 -20.29 -6.75
C GLU A 199 -14.26 -21.62 -6.55
N ASN A 200 -15.01 -21.77 -5.45
CA ASN A 200 -15.60 -23.04 -5.09
C ASN A 200 -17.12 -22.96 -4.91
N GLY A 201 -17.76 -22.01 -5.61
CA GLY A 201 -19.20 -22.01 -5.76
C GLY A 201 -20.04 -21.30 -4.74
N LEU A 202 -19.42 -20.67 -3.75
CA LEU A 202 -20.15 -19.98 -2.69
C LEU A 202 -20.03 -18.45 -2.77
N VAL A 203 -21.18 -17.77 -2.63
CA VAL A 203 -21.18 -16.31 -2.48
C VAL A 203 -20.62 -15.96 -1.08
N PRO A 204 -19.54 -15.18 -1.01
CA PRO A 204 -19.06 -14.80 0.30
C PRO A 204 -19.78 -13.59 0.83
N ILE A 205 -20.19 -13.70 2.07
CA ILE A 205 -20.55 -12.56 2.88
C ILE A 205 -19.28 -12.07 3.56
N VAL A 206 -18.87 -10.87 3.17
CA VAL A 206 -17.68 -10.18 3.70
C VAL A 206 -18.09 -9.40 4.95
N GLU A 207 -17.64 -9.84 6.12
CA GLU A 207 -18.07 -9.23 7.40
C GLU A 207 -16.94 -8.59 8.17
N PRO A 208 -16.73 -7.28 7.99
CA PRO A 208 -15.75 -6.61 8.85
C PRO A 208 -16.47 -5.93 10.00
N GLU A 209 -16.63 -6.61 11.12
CA GLU A 209 -17.40 -6.05 12.19
C GLU A 209 -16.55 -5.16 13.09
N ILE A 210 -16.85 -3.87 13.09
CA ILE A 210 -16.34 -2.96 14.08
C ILE A 210 -17.23 -3.02 15.31
N LEU A 211 -16.67 -3.51 16.42
CA LEU A 211 -17.41 -3.60 17.68
C LEU A 211 -17.82 -2.22 18.19
N ALA A 212 -18.94 -2.19 18.88
CA ALA A 212 -19.44 -0.98 19.47
C ALA A 212 -18.98 -0.79 20.91
N ASP A 213 -18.12 -1.69 21.43
CA ASP A 213 -17.51 -1.55 22.78
C ASP A 213 -16.83 -0.22 22.95
N GLY A 214 -16.94 0.34 24.15
CA GLY A 214 -16.23 1.57 24.51
C GLY A 214 -17.16 2.78 24.52
N ASP A 215 -16.60 3.95 24.74
CA ASP A 215 -17.43 5.13 24.93
C ASP A 215 -17.19 6.25 23.90
N HIS A 216 -16.64 5.86 22.76
CA HIS A 216 -16.46 6.74 21.59
C HIS A 216 -17.81 7.24 21.03
N SER A 217 -17.77 8.37 20.34
CA SER A 217 -18.95 8.96 19.74
C SER A 217 -19.31 8.31 18.40
N ILE A 218 -20.51 8.59 17.92
CA ILE A 218 -20.97 8.15 16.58
C ILE A 218 -20.09 8.70 15.46
N GLU A 219 -19.52 9.90 15.65
CA GLU A 219 -18.62 10.51 14.67
CA GLU A 219 -18.64 10.48 14.61
C GLU A 219 -17.34 9.69 14.51
N VAL A 220 -16.83 9.20 15.63
CA VAL A 220 -15.63 8.34 15.58
C VAL A 220 -15.96 7.02 14.85
N CYS A 221 -17.12 6.43 15.17
CA CYS A 221 -17.55 5.22 14.43
C CYS A 221 -17.67 5.49 12.93
N ALA A 222 -18.30 6.61 12.56
CA ALA A 222 -18.42 6.96 11.13
C ALA A 222 -17.05 7.04 10.45
N GLU A 223 -16.10 7.71 11.09
CA GLU A 223 -14.76 7.86 10.51
C GLU A 223 -14.04 6.53 10.38
N VAL A 224 -14.04 5.74 11.45
CA VAL A 224 -13.47 4.41 11.43
C VAL A 224 -14.16 3.49 10.39
N THR A 225 -15.47 3.45 10.38
CA THR A 225 -16.19 2.59 9.41
C THR A 225 -15.84 2.94 7.93
N GLU A 226 -15.82 4.24 7.60
CA GLU A 226 -15.42 4.65 6.25
C GLU A 226 -14.01 4.22 5.84
N ARG A 227 -13.04 4.40 6.74
CA ARG A 227 -11.65 3.96 6.50
C ARG A 227 -11.58 2.46 6.33
N VAL A 228 -12.24 1.71 7.21
CA VAL A 228 -12.18 0.28 7.17
C VAL A 228 -12.78 -0.27 5.83
N LEU A 229 -13.91 0.26 5.43
CA LEU A 229 -14.58 -0.20 4.24
C LEU A 229 -13.78 0.16 2.98
N ALA A 230 -13.14 1.32 2.96
CA ALA A 230 -12.31 1.71 1.82
C ALA A 230 -11.15 0.70 1.65
N ALA A 231 -10.52 0.32 2.75
CA ALA A 231 -9.47 -0.69 2.75
C ALA A 231 -10.02 -2.06 2.31
N VAL A 232 -11.18 -2.45 2.82
CA VAL A 232 -11.77 -3.74 2.51
C VAL A 232 -12.09 -3.77 1.03
N PHE A 233 -12.70 -2.74 0.47
CA PHE A 233 -13.04 -2.81 -0.97
C PHE A 233 -11.80 -2.74 -1.91
N LYS A 234 -10.76 -2.02 -1.51
CA LYS A 234 -9.55 -1.99 -2.30
C LYS A 234 -8.94 -3.40 -2.35
N ALA A 235 -8.96 -4.08 -1.20
CA ALA A 235 -8.42 -5.44 -1.09
C ALA A 235 -9.20 -6.43 -1.93
N LEU A 236 -10.53 -6.31 -1.90
CA LEU A 236 -11.36 -7.17 -2.73
C LEU A 236 -11.02 -6.99 -4.20
N ASN A 237 -10.79 -5.75 -4.59
CA ASN A 237 -10.34 -5.48 -5.95
C ASN A 237 -8.97 -6.08 -6.25
N ASP A 238 -7.99 -5.89 -5.34
CA ASP A 238 -6.65 -6.45 -5.54
C ASP A 238 -6.67 -7.99 -5.64
N HIS A 239 -7.57 -8.64 -4.92
CA HIS A 239 -7.66 -10.11 -4.94
C HIS A 239 -8.66 -10.65 -6.02
N LYS A 240 -9.19 -9.75 -6.84
CA LYS A 240 -10.06 -10.12 -7.98
C LYS A 240 -11.33 -10.82 -7.53
N VAL A 241 -11.92 -10.26 -6.46
CA VAL A 241 -13.22 -10.70 -6.01
C VAL A 241 -14.30 -10.08 -6.87
N LEU A 242 -15.26 -10.89 -7.26
CA LEU A 242 -16.33 -10.43 -8.11
C LEU A 242 -17.42 -9.84 -7.21
N LEU A 243 -17.61 -8.54 -7.26
CA LEU A 243 -18.53 -7.88 -6.35
C LEU A 243 -19.95 -8.30 -6.66
N GLU A 244 -20.23 -8.57 -7.94
CA GLU A 244 -21.57 -8.98 -8.36
C GLU A 244 -21.98 -10.29 -7.67
N GLY A 245 -21.00 -11.09 -7.28
CA GLY A 245 -21.26 -12.33 -6.56
C GLY A 245 -20.84 -12.34 -5.10
N ALA A 246 -20.97 -11.20 -4.42
CA ALA A 246 -20.58 -11.06 -3.00
C ALA A 246 -21.61 -10.24 -2.28
N LEU A 247 -21.56 -10.24 -0.94
CA LEU A 247 -22.41 -9.42 -0.09
C LEU A 247 -21.55 -8.85 1.05
N LEU A 248 -21.95 -7.73 1.62
CA LEU A 248 -21.25 -7.10 2.73
C LEU A 248 -22.11 -7.24 3.96
N LYS A 249 -21.51 -7.53 5.11
CA LYS A 249 -22.23 -7.52 6.39
C LYS A 249 -21.45 -6.64 7.37
N PRO A 250 -21.73 -5.33 7.36
CA PRO A 250 -21.01 -4.39 8.20
C PRO A 250 -21.80 -4.08 9.47
N ASN A 251 -21.14 -3.46 10.44
CA ASN A 251 -21.82 -2.81 11.54
C ASN A 251 -22.56 -1.61 11.01
N MET A 252 -23.65 -1.25 11.66
CA MET A 252 -24.23 0.07 11.46
C MET A 252 -23.29 1.08 12.15
N VAL A 253 -23.42 2.35 11.79
CA VAL A 253 -22.65 3.41 12.41
C VAL A 253 -23.45 3.89 13.60
N THR A 254 -22.91 3.64 14.80
CA THR A 254 -23.52 4.03 16.05
C THR A 254 -22.46 4.55 17.00
N GLN A 255 -22.92 5.23 18.05
CA GLN A 255 -22.05 5.53 19.19
C GLN A 255 -21.66 4.26 19.94
N GLY A 256 -20.59 4.34 20.71
CA GLY A 256 -20.20 3.23 21.53
C GLY A 256 -21.23 2.92 22.60
N VAL A 257 -21.19 1.68 23.08
CA VAL A 257 -22.13 1.18 24.07
CA VAL A 257 -22.15 1.21 24.07
C VAL A 257 -22.08 2.01 25.35
N ASP A 258 -20.89 2.49 25.72
CA ASP A 258 -20.74 3.32 26.93
C ASP A 258 -20.71 4.83 26.64
N CYS A 259 -21.01 5.25 25.42
CA CYS A 259 -21.08 6.69 25.13
C CYS A 259 -22.33 7.29 25.80
N LYS A 260 -22.13 8.37 26.56
CA LYS A 260 -23.24 9.08 27.21
C LYS A 260 -24.14 9.92 26.28
N ASP A 261 -23.70 10.20 25.05
CA ASP A 261 -24.51 10.89 24.04
C ASP A 261 -25.29 9.95 23.15
N LYS A 262 -26.60 9.85 23.35
CA LYS A 262 -27.47 9.04 22.49
C LYS A 262 -27.90 9.88 21.27
N PRO A 263 -27.37 9.57 20.07
CA PRO A 263 -27.93 10.25 18.89
C PRO A 263 -29.32 9.69 18.50
N ALA A 264 -30.06 10.42 17.66
CA ALA A 264 -31.36 9.94 17.22
C ALA A 264 -31.14 8.71 16.30
N PRO A 265 -32.15 7.85 16.20
CA PRO A 265 -32.10 6.80 15.21
C PRO A 265 -31.94 7.36 13.81
N GLN A 266 -32.40 8.60 13.61
CA GLN A 266 -32.22 9.28 12.33
C GLN A 266 -30.74 9.53 12.01
N THR A 267 -29.93 9.90 12.99
CA THR A 267 -28.49 10.12 12.78
C THR A 267 -27.76 8.80 12.50
N VAL A 268 -28.10 7.75 13.25
CA VAL A 268 -27.62 6.41 12.94
C VAL A 268 -27.93 6.06 11.48
N GLY A 269 -29.18 6.30 11.09
CA GLY A 269 -29.62 6.01 9.73
C GLY A 269 -28.80 6.79 8.73
N PHE A 270 -28.67 8.09 8.95
CA PHE A 270 -27.97 8.92 7.97
C PHE A 270 -26.46 8.62 7.83
N LEU A 271 -25.75 8.50 8.94
CA LEU A 271 -24.31 8.25 8.92
C LEU A 271 -23.97 6.85 8.44
N THR A 272 -24.86 5.88 8.69
CA THR A 272 -24.67 4.56 8.16
C THR A 272 -24.82 4.61 6.62
N SER A 273 -25.89 5.25 6.14
CA SER A 273 -26.11 5.38 4.70
C SER A 273 -24.93 6.06 4.05
N ARG A 274 -24.47 7.14 4.67
CA ARG A 274 -23.36 7.91 4.13
C ARG A 274 -22.09 7.14 4.08
N ALA A 275 -21.80 6.33 5.09
CA ALA A 275 -20.53 5.60 5.13
C ALA A 275 -20.52 4.65 3.96
N LEU A 276 -21.65 4.04 3.72
CA LEU A 276 -21.77 3.08 2.65
C LEU A 276 -21.73 3.74 1.28
N ARG A 277 -22.46 4.85 1.12
CA ARG A 277 -22.50 5.58 -0.16
CA ARG A 277 -22.49 5.53 -0.17
C ARG A 277 -21.11 6.09 -0.52
N ARG A 278 -20.29 6.32 0.50
CA ARG A 278 -18.95 6.84 0.28
C ARG A 278 -17.93 5.77 -0.07
N THR A 279 -18.28 4.51 0.06
CA THR A 279 -17.28 3.46 -0.04
C THR A 279 -17.66 2.23 -0.87
N VAL A 280 -18.96 1.93 -0.99
CA VAL A 280 -19.39 0.62 -1.54
C VAL A 280 -19.84 0.74 -3.01
N PRO A 281 -19.05 0.18 -3.95
CA PRO A 281 -19.45 0.31 -5.33
C PRO A 281 -20.83 -0.33 -5.63
N PRO A 282 -21.58 0.27 -6.57
CA PRO A 282 -22.94 -0.20 -6.85
C PRO A 282 -23.03 -1.62 -7.38
N ALA A 283 -21.93 -2.19 -7.88
CA ALA A 283 -21.98 -3.57 -8.39
C ALA A 283 -22.30 -4.60 -7.29
N LEU A 284 -22.00 -4.29 -6.03
CA LEU A 284 -22.32 -5.17 -4.92
C LEU A 284 -23.85 -5.19 -4.75
N PRO A 285 -24.49 -6.39 -4.78
CA PRO A 285 -25.97 -6.38 -4.78
C PRO A 285 -26.62 -6.12 -3.42
N GLY A 286 -25.93 -6.39 -2.34
CA GLY A 286 -26.54 -6.19 -1.02
C GLY A 286 -25.58 -5.98 0.14
N VAL A 287 -26.07 -5.19 1.08
CA VAL A 287 -25.47 -4.93 2.39
C VAL A 287 -26.46 -5.48 3.44
N MET A 288 -26.04 -6.49 4.17
CA MET A 288 -26.91 -7.18 5.08
C MET A 288 -26.35 -6.96 6.49
N PHE A 289 -26.96 -6.02 7.21
CA PHE A 289 -26.35 -5.55 8.43
C PHE A 289 -26.32 -6.60 9.52
N LEU A 290 -25.27 -6.54 10.33
CA LEU A 290 -25.28 -7.17 11.66
C LEU A 290 -25.90 -6.20 12.68
N SER A 291 -26.47 -6.74 13.74
CA SER A 291 -27.17 -5.93 14.75
C SER A 291 -26.38 -5.83 16.06
N GLY A 292 -25.36 -6.67 16.20
CA GLY A 292 -24.50 -6.69 17.37
C GLY A 292 -25.31 -6.91 18.64
N GLY A 293 -25.13 -6.01 19.60
CA GLY A 293 -25.87 -6.09 20.86
C GLY A 293 -27.17 -5.31 20.91
N GLN A 294 -27.63 -4.77 19.77
CA GLN A 294 -28.90 -4.03 19.73
C GLN A 294 -30.08 -4.94 20.08
N SER A 295 -31.15 -4.36 20.63
CA SER A 295 -32.37 -5.08 20.93
C SER A 295 -33.11 -5.40 19.63
N GLU A 296 -34.09 -6.30 19.69
CA GLU A 296 -34.86 -6.67 18.52
C GLU A 296 -35.48 -5.42 17.90
N SER A 297 -36.07 -4.57 18.75
CA SER A 297 -36.73 -3.37 18.27
C SER A 297 -35.76 -2.38 17.64
N MET A 298 -34.63 -2.13 18.29
CA MET A 298 -33.69 -1.12 17.78
C MET A 298 -33.07 -1.56 16.46
N ALA A 299 -32.80 -2.86 16.33
CA ALA A 299 -32.18 -3.44 15.14
C ALA A 299 -33.10 -3.20 13.95
N THR A 300 -34.40 -3.32 14.20
CA THR A 300 -35.39 -3.03 13.17
C THR A 300 -35.54 -1.54 12.93
N ARG A 301 -35.67 -0.73 13.99
CA ARG A 301 -35.85 0.72 13.80
C ARG A 301 -34.67 1.29 13.04
N HIS A 302 -33.46 0.89 13.42
CA HIS A 302 -32.27 1.42 12.74
C HIS A 302 -32.24 1.07 11.23
N LEU A 303 -32.55 -0.18 10.90
CA LEU A 303 -32.57 -0.61 9.48
C LEU A 303 -33.56 0.25 8.71
N ASN A 304 -34.76 0.42 9.27
CA ASN A 304 -35.74 1.30 8.64
C ASN A 304 -35.21 2.73 8.35
N GLU A 305 -34.57 3.32 9.36
CA GLU A 305 -34.00 4.67 9.24
C GLU A 305 -32.88 4.73 8.21
N ILE A 306 -32.07 3.68 8.15
CA ILE A 306 -31.01 3.63 7.16
C ILE A 306 -31.66 3.72 5.78
N ASN A 307 -32.71 2.94 5.53
CA ASN A 307 -33.35 2.90 4.21
C ASN A 307 -34.13 4.17 3.83
N LYS A 308 -34.76 4.81 4.80
CA LYS A 308 -35.60 5.99 4.51
C LYS A 308 -34.81 7.22 4.10
N CYS A 309 -33.56 7.37 4.51
CA CYS A 309 -32.88 8.65 4.33
C CYS A 309 -32.36 8.90 2.89
N ASN A 310 -32.41 7.90 2.01
CA ASN A 310 -31.93 8.08 0.63
C ASN A 310 -32.28 6.92 -0.33
N LYS A 311 -32.04 7.13 -1.63
CA LYS A 311 -32.07 6.05 -2.63
C LYS A 311 -30.69 5.42 -2.72
N HIS A 312 -30.61 4.10 -2.75
CA HIS A 312 -29.34 3.37 -2.71
C HIS A 312 -29.28 2.34 -3.83
N PRO A 313 -28.09 2.11 -4.38
CA PRO A 313 -27.93 1.22 -5.52
C PRO A 313 -27.81 -0.27 -5.14
N TRP A 314 -27.71 -0.58 -3.85
CA TRP A 314 -27.72 -1.95 -3.35
C TRP A 314 -28.87 -2.12 -2.36
N SER A 315 -29.34 -3.35 -2.16
CA SER A 315 -30.32 -3.59 -1.08
C SER A 315 -29.64 -3.33 0.24
N LEU A 316 -30.38 -2.74 1.18
CA LEU A 316 -29.97 -2.56 2.57
C LEU A 316 -30.91 -3.36 3.48
N SER A 317 -30.40 -4.49 3.97
CA SER A 317 -31.25 -5.46 4.66
C SER A 317 -30.50 -5.97 5.87
N PHE A 318 -30.86 -7.16 6.33
CA PHE A 318 -30.42 -7.65 7.61
C PHE A 318 -29.83 -9.03 7.46
N SER A 319 -28.89 -9.35 8.33
CA SER A 319 -28.45 -10.72 8.57
C SER A 319 -28.35 -10.83 10.08
N TYR A 320 -29.47 -11.19 10.70
CA TYR A 320 -29.64 -11.08 12.13
C TYR A 320 -29.75 -12.44 12.75
N GLY A 321 -29.15 -12.56 13.94
CA GLY A 321 -29.23 -13.79 14.72
C GLY A 321 -30.06 -13.57 15.96
N ARG A 322 -29.44 -13.05 17.00
CA ARG A 322 -30.18 -12.69 18.23
C ARG A 322 -31.39 -11.79 17.99
N ALA A 323 -31.28 -10.86 17.05
CA ALA A 323 -32.35 -9.92 16.79
C ALA A 323 -33.55 -10.55 16.07
N LEU A 324 -33.37 -11.79 15.59
CA LEU A 324 -34.48 -12.59 15.09
C LEU A 324 -34.82 -13.78 16.01
N GLN A 325 -34.01 -14.09 17.01
CA GLN A 325 -34.23 -15.32 17.78
C GLN A 325 -34.43 -15.25 19.29
N SER A 326 -34.00 -14.18 19.96
CA SER A 326 -34.08 -14.10 21.42
C SER A 326 -35.47 -14.40 21.93
N SER A 327 -36.44 -13.68 21.42
CA SER A 327 -37.84 -13.83 21.81
C SER A 327 -38.41 -15.17 21.39
N VAL A 328 -37.84 -15.75 20.33
CA VAL A 328 -38.26 -17.03 19.83
C VAL A 328 -37.80 -18.15 20.77
N LEU A 329 -36.50 -18.13 21.12
CA LEU A 329 -35.97 -19.04 22.11
C LEU A 329 -36.78 -18.96 23.42
N LYS A 330 -36.93 -17.76 23.96
CA LYS A 330 -37.72 -17.55 25.20
C LYS A 330 -39.14 -18.11 25.12
N THR A 331 -39.78 -18.01 23.96
CA THR A 331 -41.17 -18.50 23.77
C THR A 331 -41.22 -20.02 23.66
N TRP A 332 -40.32 -20.60 22.86
CA TRP A 332 -40.19 -22.05 22.80
C TRP A 332 -39.97 -22.65 24.19
N ASN A 333 -38.99 -22.10 24.91
CA ASN A 333 -38.67 -22.51 26.28
C ASN A 333 -38.45 -24.03 26.41
N GLY A 334 -37.92 -24.62 25.35
CA GLY A 334 -37.59 -26.04 25.35
C GLY A 334 -38.72 -27.05 25.16
N SER A 335 -39.94 -26.60 24.90
CA SER A 335 -41.05 -27.55 24.75
C SER A 335 -41.76 -27.47 23.39
N MET A 336 -41.91 -28.63 22.74
CA MET A 336 -42.65 -28.73 21.46
C MET A 336 -44.08 -28.18 21.55
N SER A 337 -44.65 -28.11 22.76
CA SER A 337 -45.97 -27.51 22.91
C SER A 337 -45.98 -26.00 22.57
N ASN A 338 -44.82 -25.35 22.65
CA ASN A 338 -44.73 -23.92 22.30
C ASN A 338 -44.22 -23.66 20.88
N ALA A 339 -44.07 -24.72 20.10
CA ALA A 339 -43.51 -24.65 18.75
C ALA A 339 -44.25 -23.66 17.86
N ALA A 340 -45.58 -23.77 17.88
CA ALA A 340 -46.44 -22.94 17.05
C ALA A 340 -46.31 -21.48 17.48
N ALA A 341 -46.33 -21.22 18.78
CA ALA A 341 -46.17 -19.85 19.31
C ALA A 341 -44.78 -19.26 18.94
N ALA A 342 -43.72 -20.03 19.09
CA ALA A 342 -42.38 -19.63 18.71
C ALA A 342 -42.28 -19.24 17.22
N GLN A 343 -42.90 -20.04 16.36
CA GLN A 343 -42.90 -19.77 14.93
C GLN A 343 -43.62 -18.46 14.60
N ASP A 344 -44.73 -18.17 15.27
CA ASP A 344 -45.40 -16.89 15.09
C ASP A 344 -44.54 -15.68 15.52
N VAL A 345 -43.79 -15.80 16.62
CA VAL A 345 -42.86 -14.75 17.02
C VAL A 345 -41.78 -14.57 15.97
N LEU A 346 -41.28 -15.65 15.39
CA LEU A 346 -40.27 -15.52 14.32
C LEU A 346 -40.84 -14.78 13.11
N MET A 347 -42.11 -15.07 12.76
CA MET A 347 -42.76 -14.41 11.61
C MET A 347 -42.98 -12.94 11.85
N LYS A 348 -43.35 -12.56 13.08
CA LYS A 348 -43.51 -11.14 13.40
C LYS A 348 -42.16 -10.41 13.23
N LEU A 349 -41.09 -10.96 13.80
CA LEU A 349 -39.77 -10.33 13.71
C LEU A 349 -39.25 -10.30 12.26
N ALA A 350 -39.43 -11.40 11.55
CA ALA A 350 -39.01 -11.48 10.15
C ALA A 350 -39.77 -10.45 9.32
N GLN A 351 -41.08 -10.37 9.57
CA GLN A 351 -41.91 -9.42 8.86
C GLN A 351 -41.51 -7.97 9.12
N GLN A 352 -41.29 -7.59 10.38
CA GLN A 352 -40.96 -6.19 10.65
C GLN A 352 -39.58 -5.84 10.07
N ASN A 353 -38.64 -6.79 10.07
CA ASN A 353 -37.34 -6.55 9.43
C ASN A 353 -37.41 -6.51 7.90
N SER A 354 -38.26 -7.34 7.31
CA SER A 354 -38.62 -7.21 5.88
C SER A 354 -39.10 -5.78 5.52
N GLU A 355 -40.01 -5.26 6.34
CA GLU A 355 -40.53 -3.91 6.09
C GLU A 355 -39.44 -2.86 6.28
N ALA A 356 -38.60 -3.06 7.30
CA ALA A 356 -37.51 -2.14 7.57
C ALA A 356 -36.50 -2.09 6.42
N SER A 357 -36.31 -3.23 5.75
CA SER A 357 -35.40 -3.33 4.59
C SER A 357 -35.92 -2.60 3.33
N LEU A 358 -37.19 -2.25 3.33
CA LEU A 358 -37.77 -1.46 2.22
C LEU A 358 -38.06 -0.03 2.63
N GLY A 359 -37.66 0.33 3.86
CA GLY A 359 -37.90 1.66 4.42
C GLY A 359 -39.37 1.91 4.71
N SER A 360 -40.08 0.86 5.08
CA SER A 360 -41.55 0.89 5.16
C SER A 360 -42.07 0.25 6.43
N LEU A 361 -41.34 0.37 7.53
CA LEU A 361 -41.79 -0.24 8.79
C LEU A 361 -43.17 0.35 9.18
N LYS A 362 -44.13 -0.52 9.53
CA LYS A 362 -45.49 -0.12 9.96
C LYS A 362 -45.72 -0.35 11.46
N TYR A 377 -27.86 17.21 5.65
CA TYR A 377 -26.69 16.41 5.29
C TYR A 377 -25.53 16.77 6.21
N ILE A 378 -24.86 15.79 6.79
CA ILE A 378 -23.63 16.02 7.55
C ILE A 378 -22.45 15.58 6.66
N TYR A 379 -21.58 16.52 6.32
CA TYR A 379 -20.43 16.23 5.45
C TYR A 379 -19.21 15.80 6.28
N GLN B 23 -8.79 28.37 5.60
CA GLN B 23 -8.98 27.34 6.68
C GLN B 23 -8.63 25.92 6.16
N VAL B 24 -7.96 25.13 7.00
CA VAL B 24 -7.40 23.82 6.60
C VAL B 24 -8.37 22.62 6.68
N LYS B 25 -9.28 22.63 7.69
CA LYS B 25 -10.36 21.64 7.79
C LYS B 25 -11.61 22.12 7.02
N LEU B 26 -12.15 21.26 6.18
CA LEU B 26 -13.34 21.61 5.41
C LEU B 26 -14.55 21.80 6.33
N SER B 27 -15.15 22.98 6.37
CA SER B 27 -16.35 23.23 7.24
C SER B 27 -17.59 22.66 6.57
N GLN B 28 -18.66 22.47 7.36
CA GLN B 28 -19.97 22.04 6.84
C GLN B 28 -20.50 22.97 5.75
N GLU B 29 -20.37 24.27 5.94
CA GLU B 29 -20.84 25.21 4.94
C GLU B 29 -20.04 25.13 3.65
N ARG B 30 -18.73 24.97 3.76
CA ARG B 30 -17.92 24.94 2.54
C ARG B 30 -18.08 23.59 1.83
N ALA B 31 -18.30 22.53 2.62
CA ALA B 31 -18.61 21.21 2.05
C ALA B 31 -19.94 21.28 1.28
N LYS B 32 -20.93 21.90 1.91
CA LYS B 32 -22.25 22.12 1.28
C LYS B 32 -22.17 22.87 -0.05
N GLU B 33 -21.39 23.94 -0.11
CA GLU B 33 -21.21 24.67 -1.38
C GLU B 33 -20.63 23.77 -2.48
N LEU B 34 -19.59 23.01 -2.13
CA LEU B 34 -18.99 22.09 -3.09
C LEU B 34 -20.01 21.07 -3.56
N ALA B 35 -20.77 20.47 -2.64
CA ALA B 35 -21.74 19.44 -3.01
C ALA B 35 -22.84 19.99 -3.92
N GLU B 36 -23.35 21.19 -3.60
CA GLU B 36 -24.37 21.83 -4.43
C GLU B 36 -23.86 22.16 -5.82
N ASN B 37 -22.65 22.69 -5.90
CA ASN B 37 -22.06 22.98 -7.21
C ASN B 37 -21.81 21.71 -8.01
N ALA B 38 -21.28 20.65 -7.38
CA ALA B 38 -21.03 19.40 -8.06
C ALA B 38 -22.34 18.80 -8.57
N SER B 39 -23.38 18.77 -7.73
CA SER B 39 -24.68 18.25 -8.17
C SER B 39 -25.24 19.07 -9.30
N PHE B 40 -25.06 20.41 -9.26
CA PHE B 40 -25.54 21.25 -10.37
C PHE B 40 -24.83 20.89 -11.68
N ILE B 41 -23.50 20.77 -11.63
CA ILE B 41 -22.75 20.39 -12.84
C ILE B 41 -23.27 19.04 -13.39
N ALA B 42 -23.59 18.13 -12.46
CA ALA B 42 -24.13 16.81 -12.81
C ALA B 42 -25.63 16.79 -13.09
N SER B 43 -26.27 17.96 -13.21
CA SER B 43 -27.74 18.03 -13.42
C SER B 43 -28.18 17.10 -14.53
N PRO B 44 -29.26 16.34 -14.30
CA PRO B 44 -29.72 15.45 -15.37
C PRO B 44 -29.91 16.17 -16.70
N GLY B 45 -29.33 15.63 -17.75
CA GLY B 45 -29.56 16.18 -19.08
C GLY B 45 -28.58 17.27 -19.43
N LYS B 46 -27.60 17.53 -18.58
CA LYS B 46 -26.58 18.55 -18.83
C LYS B 46 -25.18 17.97 -18.77
N GLY B 47 -24.26 18.62 -19.48
CA GLY B 47 -22.85 18.22 -19.42
C GLY B 47 -21.92 19.41 -19.50
N ILE B 48 -20.65 19.12 -19.71
CA ILE B 48 -19.62 20.13 -19.67
C ILE B 48 -19.04 20.38 -21.04
N LEU B 49 -18.88 21.65 -21.39
CA LEU B 49 -18.12 22.03 -22.57
C LEU B 49 -16.70 22.24 -22.12
N ALA B 50 -15.77 21.44 -22.64
CA ALA B 50 -14.37 21.56 -22.27
C ALA B 50 -13.72 22.52 -23.25
N ALA B 51 -13.62 23.78 -22.88
CA ALA B 51 -13.01 24.79 -23.75
C ALA B 51 -11.65 25.25 -23.22
N ASP B 52 -10.93 24.33 -22.58
CA ASP B 52 -9.73 24.69 -21.78
C ASP B 52 -8.38 24.37 -22.51
N GLU B 53 -8.42 24.39 -23.84
CA GLU B 53 -7.24 24.16 -24.63
C GLU B 53 -6.23 25.26 -24.33
N SER B 54 -5.01 24.84 -24.01
CA SER B 54 -3.88 25.74 -23.82
C SER B 54 -3.47 26.40 -25.15
N THR B 55 -2.59 27.39 -25.06
CA THR B 55 -2.04 28.04 -26.24
C THR B 55 -1.51 27.07 -27.26
N GLY B 56 -0.66 26.13 -26.85
CA GLY B 56 -0.14 25.11 -27.78
C GLY B 56 -1.18 24.14 -28.32
N THR B 57 -2.23 23.83 -27.56
CA THR B 57 -3.27 22.90 -28.05
C THR B 57 -4.23 23.57 -29.04
N ILE B 58 -4.71 24.75 -28.71
CA ILE B 58 -5.59 25.51 -29.61
C ILE B 58 -4.89 25.82 -30.93
N GLN B 59 -3.57 26.00 -30.89
CA GLN B 59 -2.76 26.14 -32.12
C GLN B 59 -3.09 25.05 -33.13
N LYS B 60 -3.09 23.81 -32.63
CA LYS B 60 -3.33 22.65 -33.47
C LYS B 60 -4.75 22.66 -33.98
N ARG B 61 -5.70 23.01 -33.12
CA ARG B 61 -7.12 23.03 -33.54
C ARG B 61 -7.32 24.12 -34.62
N PHE B 62 -6.72 25.29 -34.42
CA PHE B 62 -6.78 26.39 -35.40
C PHE B 62 -6.01 26.06 -36.71
N ASP B 63 -4.90 25.33 -36.60
CA ASP B 63 -4.15 24.86 -37.80
C ASP B 63 -5.06 24.04 -38.74
N ASN B 64 -5.91 23.18 -38.18
CA ASN B 64 -6.85 22.37 -38.96
C ASN B 64 -7.81 23.20 -39.82
N VAL B 65 -8.10 24.43 -39.39
CA VAL B 65 -9.04 25.27 -40.13
C VAL B 65 -8.40 26.54 -40.70
N GLY B 66 -7.07 26.58 -40.76
CA GLY B 66 -6.34 27.68 -41.37
C GLY B 66 -6.53 29.01 -40.65
N VAL B 67 -6.59 28.96 -39.31
CA VAL B 67 -6.78 30.16 -38.53
C VAL B 67 -5.49 30.44 -37.74
N GLU B 68 -5.09 31.69 -37.72
CA GLU B 68 -3.93 32.12 -36.98
C GLU B 68 -4.20 32.07 -35.46
N ASN B 69 -3.22 31.56 -34.71
CA ASN B 69 -3.34 31.45 -33.27
C ASN B 69 -2.89 32.74 -32.57
N THR B 70 -3.76 33.73 -32.57
CA THR B 70 -3.54 34.99 -31.90
C THR B 70 -4.48 35.08 -30.72
N GLU B 71 -4.18 35.95 -29.76
CA GLU B 71 -5.11 36.14 -28.64
C GLU B 71 -6.50 36.64 -29.11
N LYS B 72 -6.54 37.55 -30.10
CA LYS B 72 -7.79 38.04 -30.65
C LYS B 72 -8.62 36.90 -31.26
N ASN B 73 -7.99 36.00 -32.03
CA ASN B 73 -8.70 34.86 -32.59
C ASN B 73 -9.24 33.88 -31.53
N ARG B 74 -8.44 33.65 -30.48
CA ARG B 74 -8.90 32.82 -29.36
C ARG B 74 -10.09 33.45 -28.63
N ALA B 75 -9.98 34.74 -28.33
CA ALA B 75 -11.08 35.51 -27.74
C ALA B 75 -12.35 35.46 -28.66
N GLU B 76 -12.16 35.74 -29.97
CA GLU B 76 -13.29 35.68 -30.91
C GLU B 76 -13.96 34.31 -30.89
N TYR B 77 -13.17 33.26 -31.05
CA TYR B 77 -13.74 31.92 -31.14
C TYR B 77 -14.52 31.57 -29.85
N ARG B 78 -13.91 31.77 -28.71
CA ARG B 78 -14.56 31.49 -27.41
C ARG B 78 -15.79 32.36 -27.21
N SER B 79 -15.75 33.63 -27.62
CA SER B 79 -16.95 34.48 -27.48
C SER B 79 -18.13 33.93 -28.26
N ILE B 80 -17.86 33.38 -29.44
CA ILE B 80 -18.92 32.77 -30.25
C ILE B 80 -19.52 31.56 -29.53
N LEU B 81 -18.66 30.71 -28.96
CA LEU B 81 -19.15 29.59 -28.15
C LEU B 81 -20.04 30.12 -27.03
N PHE B 82 -19.57 31.12 -26.30
CA PHE B 82 -20.20 31.52 -25.05
C PHE B 82 -21.42 32.45 -25.19
N THR B 83 -21.70 32.88 -26.42
CA THR B 83 -22.90 33.66 -26.73
C THR B 83 -23.89 32.83 -27.54
N THR B 84 -23.76 31.51 -27.55
CA THR B 84 -24.73 30.65 -28.22
C THR B 84 -26.05 30.67 -27.43
N LYS B 85 -27.10 31.22 -28.05
CA LYS B 85 -28.40 31.37 -27.36
C LYS B 85 -28.98 30.02 -26.91
N GLY B 86 -29.24 29.91 -25.61
CA GLY B 86 -29.82 28.70 -25.02
C GLY B 86 -28.84 27.56 -24.75
N LEU B 87 -27.53 27.81 -24.88
CA LEU B 87 -26.53 26.77 -24.61
C LEU B 87 -26.64 26.19 -23.19
N GLY B 88 -27.00 27.05 -22.22
CA GLY B 88 -27.14 26.64 -20.84
C GLY B 88 -28.29 25.69 -20.58
N LYS B 89 -29.13 25.42 -21.58
CA LYS B 89 -30.10 24.33 -21.45
C LYS B 89 -29.41 22.95 -21.50
N TYR B 90 -28.26 22.87 -22.16
CA TYR B 90 -27.56 21.59 -22.30
C TYR B 90 -26.24 21.54 -21.54
N ILE B 91 -25.70 22.71 -21.21
CA ILE B 91 -24.38 22.85 -20.66
C ILE B 91 -24.51 23.44 -19.25
N SER B 92 -23.99 22.73 -18.26
CA SER B 92 -24.02 23.15 -16.86
C SER B 92 -22.73 23.88 -16.50
N GLY B 93 -21.64 23.53 -17.18
CA GLY B 93 -20.34 24.00 -16.84
C GLY B 93 -19.46 24.11 -18.06
N CYS B 94 -18.56 25.09 -18.05
CA CYS B 94 -17.60 25.24 -19.13
C CYS B 94 -16.20 25.39 -18.54
N ILE B 95 -15.28 24.50 -18.93
CA ILE B 95 -13.91 24.53 -18.37
C ILE B 95 -13.08 25.49 -19.22
N LEU B 96 -12.41 26.44 -18.57
CA LEU B 96 -11.60 27.44 -19.26
C LEU B 96 -10.12 27.25 -18.98
N PHE B 97 -9.32 27.72 -19.93
CA PHE B 97 -7.89 27.93 -19.73
C PHE B 97 -7.72 29.25 -19.04
N GLU B 98 -6.66 29.39 -18.27
CA GLU B 98 -6.45 30.60 -17.50
C GLU B 98 -6.59 31.92 -18.28
N GLU B 99 -6.02 31.99 -19.48
CA GLU B 99 -6.13 33.21 -20.31
C GLU B 99 -7.61 33.64 -20.39
N THR B 100 -8.45 32.69 -20.80
CA THR B 100 -9.85 32.97 -21.07
C THR B 100 -10.61 33.40 -19.82
N LEU B 101 -10.25 32.83 -18.67
CA LEU B 101 -10.91 33.18 -17.44
C LEU B 101 -10.75 34.67 -17.16
N PHE B 102 -9.64 35.27 -17.60
CA PHE B 102 -9.38 36.66 -17.29
C PHE B 102 -9.54 37.58 -18.50
N GLN B 103 -10.23 37.10 -19.54
CA GLN B 103 -10.22 37.72 -20.83
C GLN B 103 -11.55 38.44 -21.08
N GLN B 104 -11.49 39.48 -21.93
CA GLN B 104 -12.70 40.13 -22.41
C GLN B 104 -13.01 39.57 -23.78
N ALA B 105 -14.28 39.41 -24.10
CA ALA B 105 -14.68 39.16 -25.48
C ALA B 105 -14.50 40.46 -26.31
N PRO B 106 -14.61 40.35 -27.64
CA PRO B 106 -14.45 41.50 -28.52
C PRO B 106 -15.37 42.70 -28.21
N ASN B 107 -16.55 42.48 -27.64
CA ASN B 107 -17.38 43.65 -27.27
C ASN B 107 -17.11 44.20 -25.86
N GLY B 108 -16.00 43.80 -25.24
CA GLY B 108 -15.64 44.34 -23.92
C GLY B 108 -16.21 43.61 -22.72
N GLN B 109 -17.18 42.71 -22.91
CA GLN B 109 -17.68 41.90 -21.79
C GLN B 109 -16.71 40.81 -21.36
N ASN B 110 -16.67 40.53 -20.06
CA ASN B 110 -15.85 39.46 -19.57
C ASN B 110 -16.40 38.12 -20.03
N MET B 111 -15.50 37.20 -20.41
CA MET B 111 -15.89 35.84 -20.79
C MET B 111 -16.72 35.17 -19.71
N VAL B 112 -16.32 35.34 -18.46
CA VAL B 112 -17.05 34.79 -17.30
C VAL B 112 -18.49 35.33 -17.19
N ASP B 113 -18.68 36.61 -17.55
CA ASP B 113 -20.02 37.16 -17.59
C ASP B 113 -20.83 36.59 -18.74
N LEU B 114 -20.20 36.29 -19.87
CA LEU B 114 -20.92 35.62 -20.94
C LEU B 114 -21.47 34.28 -20.43
N LEU B 115 -20.65 33.55 -19.66
CA LEU B 115 -21.06 32.27 -19.16
C LEU B 115 -22.16 32.44 -18.12
N ARG B 116 -22.03 33.45 -17.26
CA ARG B 116 -23.05 33.68 -16.24
C ARG B 116 -24.40 33.99 -16.89
N ALA B 117 -24.39 34.73 -17.99
CA ALA B 117 -25.63 35.11 -18.64
C ALA B 117 -26.31 33.87 -19.19
N GLU B 118 -25.55 32.84 -19.52
CA GLU B 118 -26.12 31.56 -19.99
C GLU B 118 -26.61 30.64 -18.91
N GLY B 119 -26.33 30.99 -17.66
CA GLY B 119 -26.56 30.09 -16.52
C GLY B 119 -25.55 28.95 -16.44
N ILE B 120 -24.35 29.15 -16.99
CA ILE B 120 -23.28 28.13 -17.01
C ILE B 120 -22.21 28.44 -15.95
N LEU B 121 -21.83 27.46 -15.12
CA LEU B 121 -20.73 27.70 -14.15
C LEU B 121 -19.40 27.72 -14.87
N PRO B 122 -18.56 28.75 -14.59
CA PRO B 122 -17.23 28.70 -15.13
C PRO B 122 -16.37 27.72 -14.33
N GLY B 123 -15.51 27.02 -15.05
CA GLY B 123 -14.50 26.10 -14.47
C GLY B 123 -13.13 26.49 -14.98
N ILE B 124 -12.09 25.92 -14.40
CA ILE B 124 -10.72 26.27 -14.75
C ILE B 124 -9.81 25.05 -14.71
N LYS B 125 -8.99 24.89 -15.75
CA LYS B 125 -7.90 23.94 -15.76
C LYS B 125 -6.79 24.44 -14.83
N VAL B 126 -6.37 23.62 -13.88
CA VAL B 126 -5.36 24.07 -12.92
C VAL B 126 -4.02 23.32 -12.97
N ASP B 127 -3.93 22.30 -13.82
CA ASP B 127 -2.69 21.58 -14.00
C ASP B 127 -1.77 22.39 -14.93
N LYS B 128 -0.46 22.13 -14.86
CA LYS B 128 0.52 22.80 -15.72
C LYS B 128 1.15 21.84 -16.72
N GLY B 129 0.47 20.76 -17.06
CA GLY B 129 0.98 19.83 -18.10
C GLY B 129 1.83 18.68 -17.58
N LEU B 130 2.33 17.87 -18.53
CA LEU B 130 2.92 16.56 -18.28
C LEU B 130 4.44 16.61 -18.29
N VAL B 131 5.09 15.82 -17.42
CA VAL B 131 6.51 15.54 -17.53
C VAL B 131 6.70 14.04 -17.33
N THR B 132 7.80 13.52 -17.86
CA THR B 132 8.12 12.10 -17.78
CA THR B 132 8.09 12.10 -17.76
C THR B 132 8.56 11.69 -16.35
N ILE B 133 8.14 10.49 -15.92
CA ILE B 133 8.59 9.92 -14.68
C ILE B 133 9.92 9.25 -14.97
N PRO B 134 10.96 9.53 -14.16
CA PRO B 134 12.23 8.89 -14.41
C PRO B 134 12.17 7.37 -14.26
N ASN B 135 12.93 6.68 -15.09
CA ASN B 135 13.06 5.23 -15.04
C ASN B 135 11.78 4.52 -15.38
N THR B 136 10.94 5.19 -16.18
CA THR B 136 9.82 4.53 -16.82
C THR B 136 10.04 4.64 -18.34
N ASP B 137 9.24 3.89 -19.09
CA ASP B 137 9.27 3.99 -20.56
C ASP B 137 8.31 5.10 -20.98
N GLU B 138 8.74 6.32 -20.77
CA GLU B 138 8.00 7.50 -21.13
C GLU B 138 6.59 7.58 -20.53
N GLU B 139 6.41 7.14 -19.26
CA GLU B 139 5.15 7.37 -18.56
C GLU B 139 5.24 8.76 -17.93
N VAL B 140 4.09 9.35 -17.62
CA VAL B 140 4.05 10.76 -17.25
C VAL B 140 3.38 11.05 -15.89
N SER B 141 3.78 12.22 -15.35
CA SER B 141 3.33 12.80 -14.10
C SER B 141 2.72 14.14 -14.49
N THR B 142 1.67 14.54 -13.80
CA THR B 142 1.04 15.84 -14.03
C THR B 142 1.61 16.84 -12.99
N THR B 143 2.00 18.03 -13.45
CA THR B 143 2.59 19.04 -12.61
C THR B 143 1.55 20.11 -12.28
N GLY B 144 1.82 20.89 -11.22
CA GLY B 144 0.97 22.03 -10.87
C GLY B 144 0.61 22.20 -9.40
N LEU B 145 1.12 21.34 -8.51
CA LEU B 145 0.77 21.43 -7.09
C LEU B 145 1.35 22.66 -6.41
N ASP B 146 2.50 23.14 -6.91
CA ASP B 146 3.16 24.26 -6.30
C ASP B 146 2.30 25.51 -6.53
N GLY B 147 1.96 26.20 -5.45
CA GLY B 147 1.11 27.34 -5.49
C GLY B 147 -0.33 27.08 -5.92
N LEU B 148 -0.80 25.82 -5.91
CA LEU B 148 -2.16 25.52 -6.39
C LEU B 148 -3.23 26.23 -5.52
N ALA B 149 -3.04 26.24 -4.20
CA ALA B 149 -4.01 26.85 -3.27
C ALA B 149 -4.25 28.32 -3.65
N GLU B 150 -3.17 29.04 -3.89
CA GLU B 150 -3.23 30.47 -4.24
C GLU B 150 -3.86 30.69 -5.60
N ARG B 151 -3.58 29.80 -6.55
CA ARG B 151 -4.21 29.93 -7.88
C ARG B 151 -5.70 29.66 -7.76
N CYS B 152 -6.07 28.61 -7.03
CA CYS B 152 -7.47 28.30 -6.78
C CYS B 152 -8.21 29.51 -6.20
N GLN B 153 -7.63 30.17 -5.22
CA GLN B 153 -8.27 31.33 -4.60
C GLN B 153 -8.50 32.45 -5.62
N LYS B 154 -7.48 32.73 -6.42
CA LYS B 154 -7.56 33.78 -7.42
C LYS B 154 -8.64 33.39 -8.45
N TYR B 155 -8.70 32.11 -8.83
CA TYR B 155 -9.68 31.65 -9.81
C TYR B 155 -11.10 31.71 -9.29
N TYR B 156 -11.28 31.32 -8.03
CA TYR B 156 -12.57 31.46 -7.35
C TYR B 156 -13.06 32.91 -7.32
N ASN B 157 -12.16 33.82 -6.95
CA ASN B 157 -12.48 35.24 -6.92
C ASN B 157 -12.87 35.75 -8.31
N ALA B 158 -12.30 35.18 -9.37
CA ALA B 158 -12.67 35.52 -10.73
C ALA B 158 -13.97 34.87 -11.20
N GLY B 159 -14.56 34.01 -10.40
CA GLY B 159 -15.84 33.38 -10.75
C GLY B 159 -15.84 31.88 -11.00
N ALA B 160 -14.68 31.22 -11.01
CA ALA B 160 -14.62 29.78 -11.24
C ALA B 160 -15.20 29.06 -10.06
N ARG B 161 -15.94 27.99 -10.30
CA ARG B 161 -16.46 27.16 -9.21
C ARG B 161 -16.07 25.68 -9.28
N PHE B 162 -15.34 25.32 -10.33
CA PHE B 162 -14.83 23.96 -10.46
C PHE B 162 -13.53 23.97 -11.21
N ALA B 163 -12.75 22.90 -11.03
CA ALA B 163 -11.41 22.75 -11.56
C ALA B 163 -11.24 21.46 -12.33
N LYS B 164 -10.15 21.40 -13.08
CA LYS B 164 -9.79 20.20 -13.82
C LYS B 164 -8.30 20.00 -13.81
N TRP B 165 -7.91 18.74 -13.71
CA TRP B 165 -6.51 18.32 -13.71
C TRP B 165 -6.48 16.99 -14.45
N ARG B 166 -5.70 16.93 -15.52
CA ARG B 166 -5.58 15.74 -16.35
C ARG B 166 -4.30 14.94 -16.08
N ALA B 167 -4.51 13.70 -15.66
CA ALA B 167 -3.46 12.69 -15.60
C ALA B 167 -3.59 11.75 -16.78
N VAL B 168 -2.46 11.18 -17.23
CA VAL B 168 -2.43 10.34 -18.42
C VAL B 168 -1.70 9.03 -18.15
N LEU B 169 -2.33 7.91 -18.53
CA LEU B 169 -1.75 6.60 -18.45
C LEU B 169 -1.83 5.96 -19.84
N SER B 170 -0.87 5.07 -20.17
CA SER B 170 -0.82 4.36 -21.46
C SER B 170 -0.99 2.87 -21.21
N ILE B 171 -1.60 2.18 -22.17
CA ILE B 171 -1.62 0.73 -22.15
C ILE B 171 -0.60 0.22 -23.19
N ASP B 172 0.22 -0.73 -22.78
CA ASP B 172 1.17 -1.41 -23.67
C ASP B 172 1.47 -2.76 -23.00
N VAL B 173 0.77 -3.78 -23.47
CA VAL B 173 0.88 -5.10 -22.83
C VAL B 173 2.28 -5.68 -22.93
N LYS B 174 3.00 -5.42 -24.03
CA LYS B 174 4.34 -5.96 -24.18
C LYS B 174 5.34 -5.29 -23.21
N LYS B 175 5.09 -4.03 -22.82
CA LYS B 175 5.97 -3.33 -21.87
C LYS B 175 5.36 -3.19 -20.48
N ASN B 176 4.27 -3.90 -20.23
CA ASN B 176 3.61 -3.86 -18.93
CA ASN B 176 3.59 -3.85 -18.92
C ASN B 176 3.26 -2.42 -18.49
N LYS B 177 2.63 -1.68 -19.41
CA LYS B 177 2.10 -0.36 -19.10
C LYS B 177 0.58 -0.48 -19.00
N PRO B 178 -0.04 0.22 -18.03
CA PRO B 178 0.62 1.19 -17.13
C PRO B 178 1.35 0.52 -15.98
N SER B 179 2.56 0.98 -15.71
CA SER B 179 3.39 0.41 -14.63
C SER B 179 2.73 0.70 -13.28
N ASN B 180 3.10 -0.04 -12.24
CA ASN B 180 2.72 0.29 -10.87
C ASN B 180 3.06 1.75 -10.52
N LEU B 181 4.24 2.20 -10.96
CA LEU B 181 4.68 3.57 -10.64
C LEU B 181 3.76 4.57 -11.29
N SER B 182 3.41 4.34 -12.56
CA SER B 182 2.46 5.25 -13.22
C SER B 182 1.13 5.37 -12.45
N ILE B 183 0.63 4.23 -11.98
CA ILE B 183 -0.69 4.22 -11.34
C ILE B 183 -0.61 4.91 -9.97
N LEU B 184 0.44 4.59 -9.22
CA LEU B 184 0.68 5.13 -7.88
C LEU B 184 0.78 6.66 -7.96
N GLU B 185 1.63 7.14 -8.86
CA GLU B 185 1.81 8.57 -9.10
C GLU B 185 0.52 9.25 -9.54
N THR B 186 -0.20 8.62 -10.46
CA THR B 186 -1.43 9.16 -10.93
C THR B 186 -2.44 9.34 -9.77
N ALA B 187 -2.60 8.30 -8.97
CA ALA B 187 -3.61 8.31 -7.92
C ALA B 187 -3.25 9.31 -6.80
N HIS B 188 -2.02 9.27 -6.34
CA HIS B 188 -1.55 10.19 -5.30
C HIS B 188 -1.68 11.65 -5.73
N THR B 189 -1.25 11.97 -6.94
CA THR B 189 -1.24 13.37 -7.39
C THR B 189 -2.63 13.90 -7.66
N LEU B 190 -3.50 13.06 -8.23
CA LEU B 190 -4.91 13.44 -8.37
C LEU B 190 -5.57 13.72 -7.02
N ALA B 191 -5.26 12.90 -6.01
CA ALA B 191 -5.90 13.06 -4.70
C ALA B 191 -5.42 14.35 -4.00
N ARG B 192 -4.15 14.68 -4.15
CA ARG B 192 -3.63 15.94 -3.62
C ARG B 192 -4.32 17.14 -4.23
N TYR B 193 -4.35 17.15 -5.56
CA TYR B 193 -5.00 18.21 -6.32
C TYR B 193 -6.46 18.37 -5.88
N ALA B 194 -7.17 17.26 -5.76
CA ALA B 194 -8.61 17.30 -5.40
C ALA B 194 -8.79 17.85 -4.00
N ALA B 195 -7.93 17.45 -3.08
CA ALA B 195 -8.02 17.95 -1.71
C ALA B 195 -7.75 19.45 -1.62
N ILE B 196 -6.73 19.91 -2.33
CA ILE B 196 -6.40 21.35 -2.34
C ILE B 196 -7.53 22.16 -2.98
N CYS B 197 -8.09 21.69 -4.10
CA CYS B 197 -9.23 22.40 -4.72
C CYS B 197 -10.36 22.63 -3.71
N GLN B 198 -10.72 21.56 -3.00
CA GLN B 198 -11.84 21.56 -2.08
C GLN B 198 -11.56 22.50 -0.92
N GLU B 199 -10.30 22.59 -0.52
CA GLU B 199 -9.90 23.52 0.52
C GLU B 199 -10.08 24.99 0.08
N ASN B 200 -10.12 25.23 -1.23
CA ASN B 200 -10.15 26.60 -1.74
C ASN B 200 -11.35 26.86 -2.65
N GLY B 201 -12.44 26.18 -2.35
CA GLY B 201 -13.74 26.53 -2.90
C GLY B 201 -14.08 25.98 -4.28
N LEU B 202 -13.21 25.15 -4.85
CA LEU B 202 -13.49 24.56 -6.19
C LEU B 202 -13.77 23.06 -6.14
N VAL B 203 -14.80 22.64 -6.87
CA VAL B 203 -15.13 21.23 -7.14
C VAL B 203 -14.08 20.68 -8.09
N PRO B 204 -13.34 19.65 -7.67
CA PRO B 204 -12.35 19.08 -8.56
C PRO B 204 -12.91 18.04 -9.50
N ILE B 205 -12.62 18.19 -10.78
CA ILE B 205 -12.82 17.11 -11.75
C ILE B 205 -11.54 16.29 -11.71
N VAL B 206 -11.70 15.04 -11.28
CA VAL B 206 -10.63 14.04 -11.19
C VAL B 206 -10.54 13.27 -12.53
N GLU B 207 -9.51 13.52 -13.30
CA GLU B 207 -9.37 12.96 -14.67
C GLU B 207 -8.17 12.03 -14.82
N PRO B 208 -8.36 10.72 -14.57
CA PRO B 208 -7.31 9.77 -14.88
C PRO B 208 -7.55 9.20 -16.27
N GLU B 209 -6.98 9.85 -17.29
CA GLU B 209 -7.26 9.42 -18.66
C GLU B 209 -6.35 8.29 -19.09
N ILE B 210 -6.93 7.12 -19.36
CA ILE B 210 -6.18 6.00 -19.94
C ILE B 210 -6.29 6.15 -21.45
N LEU B 211 -5.18 6.40 -22.11
CA LEU B 211 -5.16 6.63 -23.55
C LEU B 211 -5.58 5.37 -24.30
N ALA B 212 -6.25 5.57 -25.42
CA ALA B 212 -6.66 4.48 -26.29
C ALA B 212 -5.58 4.08 -27.32
N ASP B 213 -4.44 4.75 -27.33
CA ASP B 213 -3.32 4.36 -28.22
C ASP B 213 -2.98 2.88 -28.12
N GLY B 214 -2.60 2.30 -29.23
CA GLY B 214 -2.11 0.91 -29.30
C GLY B 214 -3.16 -0.06 -29.84
N ASP B 215 -2.83 -1.34 -29.88
CA ASP B 215 -3.73 -2.32 -30.48
C ASP B 215 -4.32 -3.34 -29.50
N HIS B 216 -4.32 -3.02 -28.21
CA HIS B 216 -5.00 -3.84 -27.18
C HIS B 216 -6.53 -3.97 -27.36
N SER B 217 -7.07 -5.05 -26.79
CA SER B 217 -8.50 -5.35 -26.89
C SER B 217 -9.32 -4.53 -25.86
N ILE B 218 -10.64 -4.48 -26.05
CA ILE B 218 -11.54 -3.83 -25.11
C ILE B 218 -11.45 -4.50 -23.73
N GLU B 219 -11.20 -5.80 -23.70
CA GLU B 219 -11.06 -6.51 -22.43
CA GLU B 219 -11.04 -6.54 -22.47
C GLU B 219 -9.88 -5.98 -21.61
N VAL B 220 -8.76 -5.71 -22.26
CA VAL B 220 -7.55 -5.17 -21.58
C VAL B 220 -7.88 -3.79 -21.02
N CYS B 221 -8.53 -2.96 -21.84
CA CYS B 221 -8.97 -1.64 -21.36
C CYS B 221 -9.91 -1.76 -20.15
N ALA B 222 -10.88 -2.70 -20.20
CA ALA B 222 -11.75 -2.95 -19.05
C ALA B 222 -10.93 -3.26 -17.78
N GLU B 223 -9.97 -4.19 -17.90
CA GLU B 223 -9.17 -4.58 -16.75
C GLU B 223 -8.33 -3.44 -16.21
N VAL B 224 -7.70 -2.70 -17.10
CA VAL B 224 -6.85 -1.58 -16.70
C VAL B 224 -7.67 -0.46 -16.05
N THR B 225 -8.78 -0.09 -16.69
CA THR B 225 -9.66 0.95 -16.19
C THR B 225 -10.11 0.60 -14.75
N GLU B 226 -10.56 -0.62 -14.51
CA GLU B 226 -11.04 -0.99 -13.19
C GLU B 226 -9.92 -0.93 -12.15
N ARG B 227 -8.71 -1.36 -12.53
CA ARG B 227 -7.58 -1.30 -11.60
C ARG B 227 -7.24 0.16 -11.27
N VAL B 228 -7.20 1.00 -12.27
CA VAL B 228 -6.80 2.41 -12.13
C VAL B 228 -7.85 3.11 -11.26
N LEU B 229 -9.12 2.91 -11.56
CA LEU B 229 -10.17 3.55 -10.76
C LEU B 229 -10.20 3.10 -9.33
N ALA B 230 -9.94 1.82 -9.07
CA ALA B 230 -9.86 1.34 -7.71
C ALA B 230 -8.76 2.08 -6.93
N ALA B 231 -7.57 2.20 -7.53
CA ALA B 231 -6.44 2.93 -6.99
C ALA B 231 -6.80 4.42 -6.74
N VAL B 232 -7.45 5.05 -7.70
CA VAL B 232 -7.78 6.48 -7.62
C VAL B 232 -8.74 6.73 -6.47
N PHE B 233 -9.76 5.89 -6.36
CA PHE B 233 -10.75 6.10 -5.28
C PHE B 233 -10.22 5.79 -3.88
N LYS B 234 -9.31 4.83 -3.76
CA LYS B 234 -8.68 4.54 -2.50
C LYS B 234 -7.82 5.77 -2.08
N ALA B 235 -7.08 6.31 -3.04
CA ALA B 235 -6.28 7.52 -2.77
C ALA B 235 -7.16 8.69 -2.37
N LEU B 236 -8.27 8.91 -3.09
CA LEU B 236 -9.18 9.98 -2.74
C LEU B 236 -9.66 9.83 -1.28
N ASN B 237 -9.93 8.59 -0.89
CA ASN B 237 -10.31 8.32 0.48
C ASN B 237 -9.16 8.64 1.45
N ASP B 238 -7.96 8.15 1.13
CA ASP B 238 -6.79 8.38 2.00
C ASP B 238 -6.52 9.87 2.18
N HIS B 239 -6.83 10.68 1.16
CA HIS B 239 -6.55 12.12 1.24
C HIS B 239 -7.73 12.95 1.72
N LYS B 240 -8.80 12.27 2.15
CA LYS B 240 -9.95 12.91 2.73
C LYS B 240 -10.67 13.88 1.77
N VAL B 241 -10.77 13.45 0.52
CA VAL B 241 -11.49 14.13 -0.50
C VAL B 241 -12.96 13.80 -0.36
N LEU B 242 -13.75 14.84 -0.40
CA LEU B 242 -15.22 14.72 -0.29
C LEU B 242 -15.79 14.35 -1.64
N LEU B 243 -16.25 13.12 -1.76
CA LEU B 243 -16.79 12.65 -3.03
C LEU B 243 -18.07 13.41 -3.44
N GLU B 244 -18.87 13.81 -2.43
CA GLU B 244 -20.09 14.60 -2.69
C GLU B 244 -19.76 15.91 -3.44
N GLY B 245 -18.55 16.43 -3.25
CA GLY B 245 -18.16 17.67 -3.87
C GLY B 245 -17.10 17.47 -4.94
N ALA B 246 -17.16 16.36 -5.67
CA ALA B 246 -16.16 16.05 -6.71
C ALA B 246 -16.85 15.43 -7.91
N LEU B 247 -16.13 15.35 -9.02
CA LEU B 247 -16.61 14.69 -10.24
C LEU B 247 -15.47 13.88 -10.81
N LEU B 248 -15.84 12.86 -11.58
CA LEU B 248 -14.89 12.01 -12.26
C LEU B 248 -15.01 12.22 -13.76
N LYS B 249 -13.86 12.31 -14.43
CA LYS B 249 -13.75 12.39 -15.89
C LYS B 249 -12.81 11.27 -16.40
N PRO B 250 -13.37 10.07 -16.62
CA PRO B 250 -12.65 8.93 -17.10
C PRO B 250 -12.80 8.71 -18.59
N ASN B 251 -11.91 7.92 -19.14
CA ASN B 251 -12.09 7.36 -20.48
C ASN B 251 -13.27 6.40 -20.44
N MET B 252 -13.95 6.29 -21.56
CA MET B 252 -14.77 5.11 -21.80
C MET B 252 -13.92 3.85 -21.96
N VAL B 253 -14.55 2.68 -21.82
CA VAL B 253 -13.86 1.43 -22.03
C VAL B 253 -14.04 1.08 -23.50
N THR B 254 -12.94 1.17 -24.25
CA THR B 254 -12.94 0.86 -25.67
C THR B 254 -11.71 0.04 -26.00
N GLN B 255 -11.75 -0.60 -27.16
CA GLN B 255 -10.54 -1.21 -27.70
C GLN B 255 -9.58 -0.10 -28.08
N GLY B 256 -8.31 -0.47 -28.21
CA GLY B 256 -7.30 0.42 -28.71
C GLY B 256 -7.57 0.89 -30.13
N VAL B 257 -7.00 2.05 -30.44
CA VAL B 257 -7.13 2.66 -31.77
C VAL B 257 -6.65 1.74 -32.90
N ASP B 258 -5.62 0.95 -32.69
CA ASP B 258 -5.12 0.06 -33.76
C ASP B 258 -5.62 -1.38 -33.60
N CYS B 259 -6.50 -1.64 -32.64
CA CYS B 259 -7.05 -2.98 -32.49
C CYS B 259 -7.91 -3.34 -33.71
N LYS B 260 -7.74 -4.55 -34.26
CA LYS B 260 -8.45 -4.93 -35.48
C LYS B 260 -9.86 -5.49 -35.24
N ASP B 261 -10.22 -5.70 -33.97
CA ASP B 261 -11.58 -6.10 -33.61
C ASP B 261 -12.39 -4.89 -33.14
N LYS B 262 -13.42 -4.52 -33.91
CA LYS B 262 -14.37 -3.44 -33.52
C LYS B 262 -15.49 -4.07 -32.69
N PRO B 263 -15.61 -3.70 -31.39
CA PRO B 263 -16.73 -4.20 -30.60
C PRO B 263 -18.01 -3.41 -30.87
N ALA B 264 -19.16 -3.97 -30.54
CA ALA B 264 -20.43 -3.24 -30.68
C ALA B 264 -20.46 -2.00 -29.74
N PRO B 265 -21.13 -0.96 -30.21
CA PRO B 265 -21.35 0.18 -29.33
C PRO B 265 -22.00 -0.26 -28.00
N GLN B 266 -22.84 -1.29 -28.06
CA GLN B 266 -23.49 -1.86 -26.88
C GLN B 266 -22.45 -2.43 -25.89
N THR B 267 -21.37 -2.99 -26.44
CA THR B 267 -20.29 -3.58 -25.63
C THR B 267 -19.49 -2.49 -24.93
N VAL B 268 -19.19 -1.41 -25.64
CA VAL B 268 -18.55 -0.27 -25.02
C VAL B 268 -19.46 0.23 -23.91
N GLY B 269 -20.77 0.25 -24.20
CA GLY B 269 -21.76 0.71 -23.23
C GLY B 269 -21.70 -0.10 -21.94
N PHE B 270 -21.80 -1.39 -22.11
CA PHE B 270 -21.83 -2.29 -21.01
C PHE B 270 -20.51 -2.29 -20.21
N LEU B 271 -19.37 -2.38 -20.88
CA LEU B 271 -18.12 -2.52 -20.14
C LEU B 271 -17.78 -1.22 -19.39
N THR B 272 -18.20 -0.08 -19.96
CA THR B 272 -17.96 1.20 -19.33
C THR B 272 -18.79 1.32 -18.05
N SER B 273 -20.08 1.05 -18.16
CA SER B 273 -20.96 0.99 -17.01
C SER B 273 -20.38 0.04 -15.93
N ARG B 274 -20.00 -1.16 -16.35
CA ARG B 274 -19.53 -2.15 -15.41
C ARG B 274 -18.26 -1.70 -14.68
N ALA B 275 -17.31 -1.10 -15.40
CA ALA B 275 -16.10 -0.60 -14.77
C ALA B 275 -16.42 0.42 -13.68
N LEU B 276 -17.37 1.31 -13.97
CA LEU B 276 -17.75 2.32 -13.02
C LEU B 276 -18.54 1.74 -11.84
N ARG B 277 -19.48 0.85 -12.13
CA ARG B 277 -20.30 0.20 -11.10
CA ARG B 277 -20.29 0.25 -11.08
C ARG B 277 -19.41 -0.58 -10.14
N ARG B 278 -18.31 -1.13 -10.66
CA ARG B 278 -17.40 -1.90 -9.83
C ARG B 278 -16.50 -1.09 -8.94
N THR B 279 -16.40 0.22 -9.17
CA THR B 279 -15.37 1.01 -8.50
C THR B 279 -15.79 2.34 -7.93
N VAL B 280 -16.84 2.97 -8.44
CA VAL B 280 -17.13 4.38 -8.07
C VAL B 280 -18.26 4.42 -7.06
N PRO B 281 -17.97 4.83 -5.80
CA PRO B 281 -19.06 4.88 -4.82
C PRO B 281 -20.18 5.85 -5.22
N PRO B 282 -21.41 5.56 -4.78
CA PRO B 282 -22.56 6.37 -5.23
C PRO B 282 -22.59 7.79 -4.73
N ALA B 283 -21.83 8.12 -3.69
CA ALA B 283 -21.84 9.47 -3.19
C ALA B 283 -21.27 10.45 -4.21
N LEU B 284 -20.45 9.99 -5.15
CA LEU B 284 -19.98 10.88 -6.23
C LEU B 284 -21.19 11.24 -7.12
N PRO B 285 -21.43 12.54 -7.39
CA PRO B 285 -22.67 12.90 -8.11
C PRO B 285 -22.62 12.69 -9.61
N GLY B 286 -21.42 12.65 -10.20
CA GLY B 286 -21.34 12.62 -11.64
C GLY B 286 -20.05 12.10 -12.22
N VAL B 287 -20.19 11.40 -13.33
CA VAL B 287 -19.12 10.88 -14.11
C VAL B 287 -19.32 11.55 -15.48
N MET B 288 -18.37 12.42 -15.87
CA MET B 288 -18.48 13.21 -17.07
C MET B 288 -17.38 12.77 -18.06
N PHE B 289 -17.73 11.97 -19.04
CA PHE B 289 -16.73 11.26 -19.85
C PHE B 289 -15.89 12.18 -20.70
N LEU B 290 -14.62 11.81 -20.84
CA LEU B 290 -13.83 12.34 -21.95
C LEU B 290 -14.08 11.47 -23.18
N SER B 291 -13.90 12.06 -24.35
CA SER B 291 -14.12 11.29 -25.60
C SER B 291 -12.86 10.94 -26.40
N GLY B 292 -11.72 11.53 -26.04
CA GLY B 292 -10.45 11.21 -26.67
C GLY B 292 -10.50 11.42 -28.18
N GLY B 293 -10.13 10.39 -28.94
CA GLY B 293 -10.10 10.48 -30.39
C GLY B 293 -11.43 10.17 -31.07
N GLN B 294 -12.47 9.92 -30.31
CA GLN B 294 -13.75 9.54 -30.91
C GLN B 294 -14.36 10.69 -31.73
N SER B 295 -15.04 10.32 -32.82
CA SER B 295 -15.78 11.25 -33.62
C SER B 295 -16.96 11.82 -32.81
N GLU B 296 -17.50 12.94 -33.30
CA GLU B 296 -18.64 13.58 -32.69
C GLU B 296 -19.79 12.60 -32.52
N SER B 297 -20.09 11.84 -33.57
CA SER B 297 -21.17 10.89 -33.53
C SER B 297 -20.93 9.71 -32.55
N MET B 298 -19.74 9.11 -32.61
CA MET B 298 -19.43 7.96 -31.75
C MET B 298 -19.41 8.37 -30.25
N ALA B 299 -18.97 9.59 -29.96
CA ALA B 299 -18.92 10.07 -28.58
C ALA B 299 -20.33 10.10 -28.01
N THR B 300 -21.29 10.54 -28.84
CA THR B 300 -22.68 10.61 -28.46
C THR B 300 -23.34 9.24 -28.36
N ARG B 301 -23.13 8.42 -29.37
CA ARG B 301 -23.71 7.09 -29.41
C ARG B 301 -23.24 6.26 -28.21
N HIS B 302 -21.94 6.29 -27.96
CA HIS B 302 -21.40 5.56 -26.81
C HIS B 302 -22.00 6.04 -25.47
N LEU B 303 -22.06 7.35 -25.28
CA LEU B 303 -22.70 7.90 -24.08
C LEU B 303 -24.13 7.35 -23.90
N ASN B 304 -24.90 7.35 -24.99
CA ASN B 304 -26.27 6.84 -24.97
C ASN B 304 -26.34 5.36 -24.54
N GLU B 305 -25.45 4.54 -25.09
CA GLU B 305 -25.38 3.11 -24.74
C GLU B 305 -24.97 2.88 -23.29
N ILE B 306 -24.12 3.76 -22.77
CA ILE B 306 -23.63 3.61 -21.39
C ILE B 306 -24.84 3.82 -20.47
N ASN B 307 -25.60 4.89 -20.71
CA ASN B 307 -26.79 5.16 -19.95
C ASN B 307 -27.92 4.15 -20.14
N LYS B 308 -28.08 3.57 -21.33
CA LYS B 308 -29.16 2.64 -21.61
C LYS B 308 -29.02 1.30 -20.91
N CYS B 309 -27.79 0.83 -20.67
CA CYS B 309 -27.62 -0.54 -20.21
C CYS B 309 -27.96 -0.77 -18.74
N ASN B 310 -28.17 0.27 -17.96
CA ASN B 310 -28.47 0.07 -16.53
C ASN B 310 -29.02 1.33 -15.86
N LYS B 311 -29.54 1.14 -14.65
CA LYS B 311 -29.78 2.25 -13.72
C LYS B 311 -28.47 2.47 -12.92
N HIS B 312 -28.13 3.74 -12.68
CA HIS B 312 -26.85 4.12 -12.11
C HIS B 312 -27.08 5.18 -11.04
N PRO B 313 -26.25 5.19 -9.99
CA PRO B 313 -26.52 6.14 -8.91
C PRO B 313 -25.82 7.49 -9.06
N TRP B 314 -25.08 7.71 -10.13
CA TRP B 314 -24.49 9.00 -10.43
C TRP B 314 -24.92 9.37 -11.84
N SER B 315 -24.92 10.67 -12.17
CA SER B 315 -25.08 11.06 -13.57
C SER B 315 -23.95 10.49 -14.44
N LEU B 316 -24.31 10.06 -15.64
CA LEU B 316 -23.38 9.66 -16.67
C LEU B 316 -23.49 10.61 -17.84
N SER B 317 -22.50 11.48 -18.00
CA SER B 317 -22.65 12.60 -18.91
C SER B 317 -21.36 12.87 -19.59
N PHE B 318 -21.19 14.08 -20.09
CA PHE B 318 -20.06 14.41 -20.96
C PHE B 318 -19.29 15.61 -20.44
N SER B 319 -17.99 15.59 -20.72
CA SER B 319 -17.10 16.75 -20.61
C SER B 319 -16.25 16.69 -21.89
N TYR B 320 -16.80 17.22 -22.97
CA TYR B 320 -16.29 17.03 -24.32
C TYR B 320 -15.66 18.30 -24.84
N GLY B 321 -14.52 18.17 -25.53
CA GLY B 321 -13.86 19.30 -26.16
C GLY B 321 -14.08 19.14 -27.66
N ARG B 322 -13.24 18.34 -28.28
CA ARG B 322 -13.31 18.08 -29.74
C ARG B 322 -14.66 17.57 -30.20
N ALA B 323 -15.27 16.70 -29.41
CA ALA B 323 -16.59 16.11 -29.75
C ALA B 323 -17.72 17.15 -29.72
N LEU B 324 -17.50 18.31 -29.11
CA LEU B 324 -18.48 19.39 -29.16
C LEU B 324 -18.04 20.52 -30.09
N GLN B 325 -16.80 20.50 -30.58
CA GLN B 325 -16.18 21.64 -31.25
C GLN B 325 -15.61 21.45 -32.64
N SER B 326 -15.26 20.24 -33.08
CA SER B 326 -14.62 20.08 -34.41
C SER B 326 -15.44 20.69 -35.56
N SER B 327 -16.70 20.31 -35.67
CA SER B 327 -17.59 20.88 -36.68
C SER B 327 -17.88 22.36 -36.48
N VAL B 328 -17.85 22.84 -35.24
CA VAL B 328 -18.08 24.25 -34.92
C VAL B 328 -16.93 25.07 -35.51
N LEU B 329 -15.72 24.60 -35.26
CA LEU B 329 -14.52 25.23 -35.79
C LEU B 329 -14.52 25.27 -37.31
N LYS B 330 -14.83 24.12 -37.93
CA LYS B 330 -14.83 24.00 -39.39
C LYS B 330 -15.87 24.97 -40.01
N THR B 331 -17.03 25.10 -39.37
CA THR B 331 -18.09 25.96 -39.86
C THR B 331 -17.65 27.43 -39.71
N TRP B 332 -17.11 27.77 -38.54
CA TRP B 332 -16.62 29.13 -38.28
C TRP B 332 -15.58 29.59 -39.30
N ASN B 333 -14.54 28.77 -39.46
CA ASN B 333 -13.54 28.96 -40.51
C ASN B 333 -12.77 30.28 -40.40
N GLY B 334 -12.70 30.83 -39.19
CA GLY B 334 -12.05 32.11 -38.97
C GLY B 334 -12.78 33.37 -39.42
N SER B 335 -14.10 33.28 -39.66
CA SER B 335 -14.87 34.49 -40.04
C SER B 335 -16.10 34.74 -39.20
N MET B 336 -16.23 35.97 -38.71
CA MET B 336 -17.42 36.35 -37.93
C MET B 336 -18.71 36.19 -38.72
N SER B 337 -18.64 36.15 -40.05
CA SER B 337 -19.84 35.96 -40.86
C SER B 337 -20.38 34.51 -40.81
N ASN B 338 -19.63 33.59 -40.23
CA ASN B 338 -20.10 32.23 -40.01
C ASN B 338 -20.47 31.95 -38.56
N ALA B 339 -20.54 33.00 -37.72
CA ALA B 339 -20.72 32.79 -36.28
C ALA B 339 -22.08 32.16 -35.93
N ALA B 340 -23.17 32.69 -36.51
CA ALA B 340 -24.50 32.13 -36.27
C ALA B 340 -24.56 30.67 -36.73
N ALA B 341 -24.03 30.36 -37.90
CA ALA B 341 -24.01 28.98 -38.38
C ALA B 341 -23.20 28.08 -37.43
N ALA B 342 -22.11 28.62 -36.89
CA ALA B 342 -21.24 27.87 -35.98
C ALA B 342 -21.99 27.54 -34.69
N GLN B 343 -22.71 28.54 -34.15
CA GLN B 343 -23.50 28.39 -32.95
C GLN B 343 -24.61 27.35 -33.12
N ASP B 344 -25.26 27.34 -34.28
CA ASP B 344 -26.27 26.31 -34.51
C ASP B 344 -25.65 24.93 -34.48
N VAL B 345 -24.44 24.79 -34.98
CA VAL B 345 -23.73 23.50 -34.93
C VAL B 345 -23.45 23.09 -33.48
N LEU B 346 -22.97 24.03 -32.69
CA LEU B 346 -22.76 23.79 -31.27
C LEU B 346 -24.03 23.29 -30.59
N MET B 347 -25.17 23.95 -30.87
CA MET B 347 -26.47 23.59 -30.26
C MET B 347 -26.96 22.21 -30.65
N LYS B 348 -26.75 21.84 -31.91
CA LYS B 348 -27.12 20.52 -32.35
C LYS B 348 -26.36 19.44 -31.57
N LEU B 349 -25.04 19.61 -31.47
CA LEU B 349 -24.15 18.67 -30.77
C LEU B 349 -24.40 18.69 -29.24
N ALA B 350 -24.64 19.88 -28.70
CA ALA B 350 -24.97 19.97 -27.27
C ALA B 350 -26.27 19.24 -27.00
N GLN B 351 -27.26 19.42 -27.88
CA GLN B 351 -28.55 18.75 -27.73
C GLN B 351 -28.45 17.23 -27.75
N GLN B 352 -27.77 16.68 -28.75
CA GLN B 352 -27.68 15.24 -28.89
C GLN B 352 -26.95 14.62 -27.70
N ASN B 353 -25.89 15.25 -27.23
CA ASN B 353 -25.18 14.77 -26.03
C ASN B 353 -26.03 14.89 -24.75
N SER B 354 -26.83 15.96 -24.64
CA SER B 354 -27.83 16.06 -23.57
C SER B 354 -28.78 14.88 -23.55
N GLU B 355 -29.36 14.58 -24.72
CA GLU B 355 -30.26 13.40 -24.81
C GLU B 355 -29.50 12.10 -24.50
N ALA B 356 -28.27 11.96 -24.99
CA ALA B 356 -27.46 10.78 -24.70
C ALA B 356 -27.20 10.60 -23.20
N SER B 357 -27.07 11.70 -22.48
CA SER B 357 -26.77 11.66 -21.03
C SER B 357 -27.98 11.20 -20.22
N LEU B 358 -29.13 11.15 -20.88
CA LEU B 358 -30.35 10.56 -20.29
C LEU B 358 -30.71 9.21 -20.92
N GLY B 359 -29.81 8.69 -21.76
CA GLY B 359 -30.08 7.43 -22.45
C GLY B 359 -31.28 7.56 -23.36
N SER B 360 -31.49 8.75 -23.92
CA SER B 360 -32.70 9.05 -24.68
C SER B 360 -32.40 9.59 -26.05
N LEU B 361 -31.28 9.21 -26.66
CA LEU B 361 -30.92 9.79 -27.95
C LEU B 361 -32.04 9.60 -28.98
N LYS B 362 -32.33 10.64 -29.76
CA LYS B 362 -33.28 10.57 -30.89
C LYS B 362 -32.97 11.57 -32.00
N TYR B 377 -24.74 -10.12 -19.62
CA TYR B 377 -23.73 -9.61 -18.65
C TYR B 377 -22.40 -10.30 -18.94
N ILE B 378 -21.31 -9.55 -18.96
CA ILE B 378 -19.97 -10.14 -19.07
C ILE B 378 -19.32 -9.90 -17.69
N TYR B 379 -18.92 -11.00 -17.04
CA TYR B 379 -18.34 -10.96 -15.70
C TYR B 379 -16.81 -10.89 -15.76
N VAL C 24 15.84 10.32 -19.10
CA VAL C 24 14.76 9.76 -18.20
C VAL C 24 15.17 8.42 -17.55
N LYS C 25 15.87 7.57 -18.31
CA LYS C 25 16.38 6.29 -17.79
C LYS C 25 17.84 6.47 -17.32
N LEU C 26 18.14 6.03 -16.09
CA LEU C 26 19.46 6.27 -15.50
C LEU C 26 20.50 5.44 -16.25
N SER C 27 21.44 6.12 -16.93
CA SER C 27 22.51 5.47 -17.72
C SER C 27 23.63 5.04 -16.77
N GLN C 28 24.51 4.17 -17.25
CA GLN C 28 25.57 3.61 -16.40
C GLN C 28 26.54 4.72 -15.94
N GLU C 29 26.84 5.68 -16.80
CA GLU C 29 27.78 6.76 -16.47
C GLU C 29 27.18 7.77 -15.51
N ARG C 30 25.93 8.15 -15.76
CA ARG C 30 25.21 8.99 -14.84
C ARG C 30 25.20 8.30 -13.46
N ALA C 31 24.83 7.02 -13.43
CA ALA C 31 24.75 6.25 -12.17
C ALA C 31 26.10 6.21 -11.48
N LYS C 32 27.16 6.02 -12.26
CA LYS C 32 28.54 6.02 -11.72
C LYS C 32 28.93 7.37 -11.08
N GLU C 33 28.59 8.50 -11.72
CA GLU C 33 28.95 9.80 -11.19
C GLU C 33 28.21 10.07 -9.86
N LEU C 34 26.93 9.68 -9.80
CA LEU C 34 26.11 9.87 -8.59
C LEU C 34 26.72 9.10 -7.43
N ALA C 35 27.04 7.82 -7.67
CA ALA C 35 27.57 6.96 -6.66
C ALA C 35 28.94 7.47 -6.19
N GLU C 36 29.82 7.88 -7.12
CA GLU C 36 31.11 8.43 -6.71
C GLU C 36 30.96 9.69 -5.85
N ASN C 37 30.02 10.56 -6.23
CA ASN C 37 29.83 11.81 -5.49
C ASN C 37 29.16 11.55 -4.15
N ALA C 38 28.20 10.61 -4.09
CA ALA C 38 27.59 10.28 -2.79
C ALA C 38 28.62 9.66 -1.82
N SER C 39 29.46 8.76 -2.31
CA SER C 39 30.54 8.18 -1.49
C SER C 39 31.51 9.25 -1.06
N PHE C 40 31.79 10.24 -1.92
CA PHE C 40 32.70 11.32 -1.54
C PHE C 40 32.09 12.14 -0.40
N ILE C 41 30.81 12.46 -0.51
CA ILE C 41 30.19 13.26 0.54
C ILE C 41 30.22 12.51 1.85
N ALA C 42 29.97 11.21 1.78
CA ALA C 42 30.05 10.32 2.95
C ALA C 42 31.48 9.86 3.37
N SER C 43 32.54 10.47 2.80
CA SER C 43 33.94 10.06 3.11
C SER C 43 34.15 10.00 4.60
N PRO C 44 34.83 8.94 5.09
CA PRO C 44 35.00 8.81 6.53
C PRO C 44 35.68 10.05 7.12
N GLY C 45 35.15 10.53 8.24
CA GLY C 45 35.76 11.67 8.89
C GLY C 45 35.28 13.01 8.38
N LYS C 46 34.42 13.02 7.34
CA LYS C 46 33.87 14.25 6.79
C LYS C 46 32.35 14.33 6.92
N GLY C 47 31.85 15.55 6.96
CA GLY C 47 30.41 15.80 6.95
C GLY C 47 30.06 17.03 6.15
N ILE C 48 28.81 17.47 6.30
CA ILE C 48 28.26 18.54 5.48
C ILE C 48 28.04 19.76 6.35
N LEU C 49 28.43 20.92 5.84
CA LEU C 49 28.10 22.21 6.45
C LEU C 49 26.81 22.65 5.76
N ALA C 50 25.74 22.78 6.53
CA ALA C 50 24.48 23.28 6.00
C ALA C 50 24.47 24.80 6.09
N ALA C 51 24.67 25.46 4.95
CA ALA C 51 24.73 26.93 4.88
C ALA C 51 23.58 27.49 4.04
N ASP C 52 22.50 26.74 3.98
CA ASP C 52 21.38 26.99 3.07
C ASP C 52 20.16 27.68 3.72
N GLU C 53 20.39 28.52 4.72
CA GLU C 53 19.36 29.36 5.28
C GLU C 53 18.84 30.34 4.23
N SER C 54 17.52 30.34 4.08
CA SER C 54 16.81 31.28 3.24
C SER C 54 16.90 32.67 3.85
N THR C 55 16.40 33.66 3.13
CA THR C 55 16.46 35.06 3.59
C THR C 55 15.81 35.22 4.94
N GLY C 56 14.60 34.67 5.07
CA GLY C 56 13.82 34.78 6.30
C GLY C 56 14.42 34.05 7.48
N THR C 57 15.12 32.95 7.20
CA THR C 57 15.77 32.17 8.27
C THR C 57 17.04 32.86 8.76
N ILE C 58 17.85 33.38 7.84
CA ILE C 58 19.10 34.00 8.25
C ILE C 58 18.82 35.37 8.88
N GLN C 59 17.67 35.96 8.58
CA GLN C 59 17.22 37.15 9.34
C GLN C 59 17.28 36.90 10.86
N LYS C 60 16.69 35.78 11.26
CA LYS C 60 16.63 35.31 12.67
C LYS C 60 18.00 35.19 13.31
N ARG C 61 18.89 34.43 12.65
CA ARG C 61 20.26 34.25 13.13
C ARG C 61 21.00 35.58 13.24
N PHE C 62 20.85 36.45 12.23
CA PHE C 62 21.47 37.77 12.25
C PHE C 62 20.84 38.67 13.33
N ASP C 63 19.53 38.53 13.56
CA ASP C 63 18.86 39.30 14.63
C ASP C 63 19.50 39.02 15.99
N ASN C 64 19.69 37.74 16.28
CA ASN C 64 20.25 37.27 17.55
C ASN C 64 21.62 37.84 17.86
N VAL C 65 22.34 38.36 16.87
CA VAL C 65 23.68 38.97 17.06
C VAL C 65 23.75 40.41 16.57
N GLY C 66 22.59 41.04 16.36
CA GLY C 66 22.55 42.50 16.09
C GLY C 66 23.10 42.92 14.73
N VAL C 67 23.06 42.03 13.73
CA VAL C 67 23.65 42.32 12.41
C VAL C 67 22.54 42.51 11.37
N GLU C 68 22.70 43.52 10.54
CA GLU C 68 21.67 43.87 9.57
C GLU C 68 21.65 42.84 8.42
N ASN C 69 20.46 42.32 8.11
CA ASN C 69 20.34 41.34 7.07
C ASN C 69 20.34 41.96 5.67
N THR C 70 21.52 42.40 5.21
CA THR C 70 21.68 42.84 3.83
C THR C 70 22.36 41.76 3.01
N GLU C 71 22.29 41.85 1.70
CA GLU C 71 22.98 40.86 0.88
C GLU C 71 24.48 40.97 1.09
N LYS C 72 24.99 42.19 1.24
CA LYS C 72 26.42 42.38 1.47
C LYS C 72 26.85 41.66 2.73
N ASN C 73 26.01 41.70 3.77
CA ASN C 73 26.34 41.03 5.04
C ASN C 73 26.30 39.52 4.90
N ARG C 74 25.35 39.00 4.14
CA ARG C 74 25.28 37.60 3.84
C ARG C 74 26.50 37.15 3.02
N ALA C 75 26.92 37.96 2.03
CA ALA C 75 28.05 37.61 1.17
C ALA C 75 29.30 37.60 2.02
N GLU C 76 29.44 38.61 2.88
CA GLU C 76 30.61 38.68 3.73
C GLU C 76 30.69 37.47 4.66
N TYR C 77 29.56 37.17 5.31
CA TYR C 77 29.53 36.10 6.30
C TYR C 77 29.82 34.77 5.61
N ARG C 78 29.11 34.48 4.54
CA ARG C 78 29.36 33.21 3.81
C ARG C 78 30.79 33.10 3.25
N SER C 79 31.35 34.23 2.77
CA SER C 79 32.72 34.21 2.22
C SER C 79 33.76 33.92 3.30
N ILE C 80 33.47 34.34 4.54
CA ILE C 80 34.35 33.99 5.65
C ILE C 80 34.30 32.48 5.93
N LEU C 81 33.09 31.92 5.95
CA LEU C 81 32.95 30.47 6.13
C LEU C 81 33.78 29.76 5.06
N PHE C 82 33.62 30.20 3.82
CA PHE C 82 34.12 29.44 2.67
C PHE C 82 35.58 29.69 2.34
N THR C 83 36.24 30.56 3.11
CA THR C 83 37.69 30.77 3.00
C THR C 83 38.47 30.23 4.20
N THR C 84 37.82 29.43 5.04
CA THR C 84 38.47 28.84 6.22
C THR C 84 39.51 27.82 5.80
N LYS C 85 40.76 28.10 6.15
CA LYS C 85 41.90 27.34 5.64
C LYS C 85 41.80 25.94 6.21
N GLY C 86 41.84 24.94 5.34
CA GLY C 86 41.77 23.53 5.75
C GLY C 86 40.37 22.98 6.02
N LEU C 87 39.33 23.77 5.80
CA LEU C 87 37.93 23.35 6.07
C LEU C 87 37.56 22.05 5.38
N GLY C 88 38.07 21.86 4.17
CA GLY C 88 37.85 20.64 3.37
C GLY C 88 38.37 19.34 3.96
N LYS C 89 39.27 19.41 4.95
CA LYS C 89 39.70 18.20 5.67
C LYS C 89 38.53 17.59 6.46
N TYR C 90 37.59 18.44 6.88
CA TYR C 90 36.48 18.00 7.73
C TYR C 90 35.10 18.04 7.03
N ILE C 91 35.00 18.86 5.97
CA ILE C 91 33.76 19.11 5.27
C ILE C 91 33.88 18.65 3.81
N SER C 92 32.99 17.74 3.43
CA SER C 92 32.97 17.14 2.10
C SER C 92 32.01 17.88 1.22
N GLY C 93 31.01 18.49 1.83
CA GLY C 93 29.98 19.19 1.05
C GLY C 93 29.38 20.37 1.78
N CYS C 94 28.91 21.36 1.02
CA CYS C 94 28.27 22.52 1.62
C CYS C 94 26.97 22.87 0.89
N ILE C 95 25.87 22.80 1.62
CA ILE C 95 24.57 23.10 1.05
C ILE C 95 24.35 24.60 1.01
N LEU C 96 24.05 25.12 -0.18
CA LEU C 96 23.75 26.53 -0.34
C LEU C 96 22.27 26.78 -0.59
N PHE C 97 21.86 27.99 -0.25
CA PHE C 97 20.63 28.57 -0.76
C PHE C 97 20.86 29.09 -2.19
N GLU C 98 19.82 29.11 -3.03
CA GLU C 98 19.97 29.57 -4.42
C GLU C 98 20.77 30.86 -4.57
N GLU C 99 20.48 31.87 -3.74
CA GLU C 99 21.19 33.17 -3.80
C GLU C 99 22.71 32.98 -3.82
N THR C 100 23.18 32.17 -2.89
CA THR C 100 24.62 31.96 -2.66
C THR C 100 25.29 31.21 -3.79
N LEU C 101 24.59 30.22 -4.34
CA LEU C 101 25.13 29.45 -5.47
C LEU C 101 25.58 30.36 -6.63
N PHE C 102 24.84 31.46 -6.85
CA PHE C 102 25.15 32.41 -7.96
C PHE C 102 25.82 33.71 -7.53
N GLN C 103 26.22 33.77 -6.27
CA GLN C 103 26.72 35.01 -5.67
C GLN C 103 28.25 35.11 -5.76
N GLN C 104 28.74 36.35 -5.60
CA GLN C 104 30.16 36.61 -5.49
C GLN C 104 30.48 37.04 -4.06
N ALA C 105 31.65 36.66 -3.57
CA ALA C 105 32.21 37.19 -2.35
C ALA C 105 32.56 38.68 -2.57
N PRO C 106 32.85 39.43 -1.47
CA PRO C 106 33.25 40.86 -1.61
C PRO C 106 34.36 41.16 -2.61
N ASN C 107 35.32 40.25 -2.80
CA ASN C 107 36.41 40.47 -3.78
C ASN C 107 36.04 40.08 -5.24
N GLY C 108 34.80 39.62 -5.45
CA GLY C 108 34.30 39.20 -6.75
C GLY C 108 34.43 37.74 -7.13
N GLN C 109 35.21 36.96 -6.40
CA GLN C 109 35.23 35.52 -6.63
C GLN C 109 33.84 34.90 -6.42
N ASN C 110 33.47 33.93 -7.25
CA ASN C 110 32.19 33.23 -7.08
C ASN C 110 32.23 32.36 -5.83
N MET C 111 31.16 32.34 -5.06
CA MET C 111 31.13 31.47 -3.88
C MET C 111 31.42 30.03 -4.23
N VAL C 112 30.87 29.55 -5.35
CA VAL C 112 31.15 28.19 -5.81
C VAL C 112 32.64 27.93 -6.01
N ASP C 113 33.36 28.91 -6.53
CA ASP C 113 34.80 28.72 -6.73
C ASP C 113 35.57 28.69 -5.42
N LEU C 114 35.13 29.44 -4.43
CA LEU C 114 35.69 29.34 -3.09
C LEU C 114 35.57 27.89 -2.58
N LEU C 115 34.38 27.29 -2.74
CA LEU C 115 34.19 25.94 -2.28
C LEU C 115 35.07 24.95 -3.05
N ARG C 116 35.20 25.11 -4.37
CA ARG C 116 36.11 24.27 -5.15
C ARG C 116 37.55 24.36 -4.67
N ALA C 117 38.00 25.57 -4.36
CA ALA C 117 39.39 25.78 -3.87
C ALA C 117 39.63 25.05 -2.55
N GLU C 118 38.56 24.86 -1.77
CA GLU C 118 38.62 24.11 -0.52
C GLU C 118 38.54 22.59 -0.69
N GLY C 119 38.24 22.09 -1.88
CA GLY C 119 38.00 20.67 -2.10
C GLY C 119 36.62 20.23 -1.58
N ILE C 120 35.66 21.14 -1.55
CA ILE C 120 34.33 20.87 -1.02
C ILE C 120 33.30 20.92 -2.16
N LEU C 121 32.45 19.90 -2.26
CA LEU C 121 31.39 19.90 -3.27
C LEU C 121 30.30 20.85 -2.91
N PRO C 122 29.84 21.64 -3.89
CA PRO C 122 28.68 22.46 -3.61
C PRO C 122 27.37 21.65 -3.71
N GLY C 123 26.43 21.97 -2.85
CA GLY C 123 25.09 21.43 -2.92
C GLY C 123 24.07 22.55 -2.86
N ILE C 124 22.81 22.21 -3.09
CA ILE C 124 21.75 23.21 -3.29
C ILE C 124 20.40 22.70 -2.70
N LYS C 125 19.77 23.57 -1.92
CA LYS C 125 18.44 23.30 -1.43
C LYS C 125 17.48 23.54 -2.59
N VAL C 126 16.64 22.54 -2.86
CA VAL C 126 15.79 22.63 -4.05
C VAL C 126 14.31 22.59 -3.74
N ASP C 127 13.94 22.44 -2.46
CA ASP C 127 12.53 22.54 -2.08
C ASP C 127 12.12 23.99 -1.99
N LYS C 128 10.82 24.25 -2.07
CA LYS C 128 10.27 25.61 -1.97
C LYS C 128 9.42 25.79 -0.70
N GLY C 129 9.67 25.02 0.35
CA GLY C 129 8.96 25.24 1.63
C GLY C 129 7.71 24.37 1.86
N LEU C 130 7.11 24.58 3.03
CA LEU C 130 6.05 23.75 3.56
C LEU C 130 4.68 24.38 3.36
N VAL C 131 3.67 23.54 3.10
CA VAL C 131 2.29 23.97 3.13
C VAL C 131 1.51 22.90 3.88
N THR C 132 0.38 23.29 4.41
CA THR C 132 -0.43 22.38 5.20
CA THR C 132 -0.40 22.35 5.19
C THR C 132 -1.20 21.38 4.28
N ILE C 133 -1.29 20.13 4.73
CA ILE C 133 -2.10 19.12 4.09
C ILE C 133 -3.54 19.31 4.53
N PRO C 134 -4.46 19.44 3.58
CA PRO C 134 -5.84 19.61 3.97
C PRO C 134 -6.37 18.46 4.81
N ASN C 135 -7.27 18.82 5.74
CA ASN C 135 -7.95 17.88 6.62
C ASN C 135 -7.00 17.10 7.54
N THR C 136 -5.86 17.70 7.85
CA THR C 136 -5.00 17.15 8.87
C THR C 136 -4.93 18.17 9.98
N ASP C 137 -4.36 17.78 11.12
CA ASP C 137 -4.12 18.76 12.19
C ASP C 137 -2.76 19.41 12.00
N GLU C 138 -2.75 20.35 11.06
CA GLU C 138 -1.56 21.10 10.75
C GLU C 138 -0.34 20.25 10.35
N GLU C 139 -0.54 19.13 9.67
CA GLU C 139 0.62 18.38 9.17
C GLU C 139 0.95 18.95 7.81
N VAL C 140 2.18 18.75 7.37
CA VAL C 140 2.65 19.49 6.20
C VAL C 140 3.20 18.62 5.07
N SER C 141 3.23 19.24 3.89
CA SER C 141 3.73 18.73 2.65
C SER C 141 4.86 19.70 2.20
N THR C 142 5.89 19.17 1.54
CA THR C 142 6.95 20.02 0.97
C THR C 142 6.66 20.27 -0.53
N THR C 143 6.83 21.51 -0.96
CA THR C 143 6.53 21.94 -2.30
C THR C 143 7.86 22.02 -3.07
N GLY C 144 7.77 22.07 -4.39
CA GLY C 144 8.92 22.31 -5.25
C GLY C 144 9.13 21.36 -6.42
N LEU C 145 8.23 20.37 -6.62
CA LEU C 145 8.38 19.48 -7.77
C LEU C 145 8.19 20.15 -9.14
N ASP C 146 7.36 21.21 -9.25
CA ASP C 146 7.15 21.90 -10.51
C ASP C 146 8.45 22.62 -10.97
N GLY C 147 8.93 22.27 -12.16
CA GLY C 147 10.16 22.82 -12.70
C GLY C 147 11.42 22.28 -12.04
N LEU C 148 11.32 21.22 -11.24
CA LEU C 148 12.49 20.71 -10.53
C LEU C 148 13.62 20.23 -11.46
N ALA C 149 13.30 19.51 -12.52
CA ALA C 149 14.30 19.02 -13.43
C ALA C 149 15.11 20.20 -14.00
N GLU C 150 14.41 21.23 -14.45
CA GLU C 150 15.08 22.41 -15.01
C GLU C 150 15.88 23.19 -13.97
N ARG C 151 15.39 23.32 -12.74
CA ARG C 151 16.23 23.86 -11.66
C ARG C 151 17.48 23.01 -11.43
N CYS C 152 17.33 21.68 -11.37
CA CYS C 152 18.51 20.83 -11.13
C CYS C 152 19.56 20.99 -12.27
N GLN C 153 19.08 21.11 -13.51
CA GLN C 153 19.96 21.30 -14.64
C GLN C 153 20.79 22.59 -14.48
N LYS C 154 20.09 23.69 -14.15
CA LYS C 154 20.73 25.01 -13.95
C LYS C 154 21.73 24.98 -12.79
N TYR C 155 21.35 24.30 -11.72
CA TYR C 155 22.23 24.22 -10.55
C TYR C 155 23.48 23.36 -10.84
N TYR C 156 23.29 22.24 -11.52
CA TYR C 156 24.41 21.39 -11.97
C TYR C 156 25.41 22.21 -12.84
N ASN C 157 24.89 22.95 -13.80
CA ASN C 157 25.73 23.77 -14.64
C ASN C 157 26.51 24.82 -13.85
N ALA C 158 25.93 25.33 -12.76
CA ALA C 158 26.60 26.32 -11.94
C ALA C 158 27.62 25.69 -10.99
N GLY C 159 27.68 24.35 -10.93
CA GLY C 159 28.61 23.63 -10.05
C GLY C 159 28.07 22.73 -8.94
N ALA C 160 26.77 22.76 -8.68
CA ALA C 160 26.18 21.90 -7.63
C ALA C 160 26.26 20.44 -8.05
N ARG C 161 26.50 19.57 -7.08
CA ARG C 161 26.51 18.13 -7.35
C ARG C 161 25.64 17.32 -6.36
N PHE C 162 25.08 18.00 -5.36
CA PHE C 162 24.07 17.34 -4.52
C PHE C 162 22.96 18.33 -4.16
N ALA C 163 21.84 17.78 -3.75
CA ALA C 163 20.64 18.57 -3.50
C ALA C 163 20.07 18.22 -2.12
N LYS C 164 19.23 19.11 -1.60
CA LYS C 164 18.56 18.88 -0.33
C LYS C 164 17.08 19.25 -0.41
N TRP C 165 16.23 18.46 0.24
CA TRP C 165 14.76 18.65 0.29
C TRP C 165 14.27 18.19 1.67
N ARG C 166 13.60 19.08 2.40
CA ARG C 166 13.23 18.78 3.74
C ARG C 166 11.72 18.57 3.86
N ALA C 167 11.33 17.41 4.37
CA ALA C 167 10.00 17.10 4.77
C ALA C 167 9.97 17.11 6.31
N VAL C 168 8.82 17.48 6.85
CA VAL C 168 8.62 17.62 8.26
C VAL C 168 7.47 16.77 8.76
N LEU C 169 7.71 15.99 9.82
CA LEU C 169 6.68 15.22 10.51
C LEU C 169 6.67 15.59 12.00
N SER C 170 5.51 15.49 12.63
CA SER C 170 5.33 15.77 14.06
C SER C 170 4.84 14.52 14.79
N ILE C 171 5.25 14.40 16.05
CA ILE C 171 4.77 13.34 16.93
C ILE C 171 3.77 13.92 17.92
N ASP C 172 2.60 13.32 18.00
CA ASP C 172 1.61 13.66 19.02
C ASP C 172 0.76 12.40 19.20
N VAL C 173 0.93 11.71 20.32
CA VAL C 173 0.31 10.37 20.46
C VAL C 173 -1.22 10.42 20.59
N LYS C 174 -1.69 11.38 21.38
CA LYS C 174 -3.12 11.65 21.54
C LYS C 174 -3.81 11.93 20.21
N LYS C 175 -3.20 12.75 19.35
CA LYS C 175 -3.80 13.02 18.02
C LYS C 175 -3.42 12.02 16.92
N ASN C 176 -2.67 10.98 17.28
CA ASN C 176 -2.19 10.01 16.33
C ASN C 176 -1.34 10.63 15.21
N LYS C 177 -0.43 11.51 15.61
CA LYS C 177 0.53 12.08 14.69
C LYS C 177 1.88 11.37 14.91
N PRO C 178 2.62 11.10 13.82
CA PRO C 178 2.27 11.49 12.43
C PRO C 178 1.19 10.60 11.82
N SER C 179 0.20 11.21 11.16
CA SER C 179 -0.87 10.46 10.51
C SER C 179 -0.37 9.58 9.34
N ASN C 180 -1.18 8.58 8.98
CA ASN C 180 -0.92 7.80 7.76
C ASN C 180 -0.72 8.73 6.54
N LEU C 181 -1.58 9.75 6.42
CA LEU C 181 -1.51 10.68 5.29
C LEU C 181 -0.20 11.47 5.30
N SER C 182 0.18 11.99 6.47
CA SER C 182 1.51 12.62 6.61
C SER C 182 2.68 11.70 6.13
N ILE C 183 2.70 10.47 6.62
CA ILE C 183 3.78 9.52 6.27
C ILE C 183 3.79 9.21 4.77
N LEU C 184 2.61 8.94 4.25
CA LEU C 184 2.41 8.63 2.81
C LEU C 184 2.86 9.77 1.89
N GLU C 185 2.49 10.99 2.29
CA GLU C 185 2.82 12.19 1.49
C GLU C 185 4.29 12.44 1.58
N THR C 186 4.81 12.34 2.79
CA THR C 186 6.25 12.48 2.99
C THR C 186 7.04 11.48 2.13
N ALA C 187 6.70 10.20 2.19
CA ALA C 187 7.45 9.17 1.49
C ALA C 187 7.39 9.33 -0.06
N HIS C 188 6.17 9.51 -0.57
CA HIS C 188 5.93 9.65 -2.01
C HIS C 188 6.68 10.88 -2.57
N THR C 189 6.53 12.00 -1.88
CA THR C 189 7.09 13.24 -2.40
C THR C 189 8.61 13.23 -2.28
N LEU C 190 9.16 12.69 -1.19
CA LEU C 190 10.64 12.56 -1.13
C LEU C 190 11.16 11.67 -2.25
N ALA C 191 10.40 10.62 -2.58
CA ALA C 191 10.88 9.69 -3.63
C ALA C 191 10.86 10.36 -5.04
N ARG C 192 9.84 11.16 -5.31
CA ARG C 192 9.76 11.90 -6.57
C ARG C 192 10.96 12.85 -6.71
N TYR C 193 11.21 13.62 -5.66
CA TYR C 193 12.33 14.58 -5.64
C TYR C 193 13.65 13.87 -5.88
N ALA C 194 13.86 12.77 -5.16
CA ALA C 194 15.10 11.99 -5.26
C ALA C 194 15.31 11.49 -6.67
N ALA C 195 14.27 10.95 -7.28
CA ALA C 195 14.34 10.42 -8.62
C ALA C 195 14.64 11.51 -9.65
N ILE C 196 13.98 12.66 -9.49
CA ILE C 196 14.21 13.75 -10.41
C ILE C 196 15.64 14.28 -10.28
N CYS C 197 16.14 14.40 -9.05
CA CYS C 197 17.53 14.85 -8.86
C CYS C 197 18.48 13.93 -9.61
N GLN C 198 18.30 12.63 -9.42
CA GLN C 198 19.18 11.64 -10.04
C GLN C 198 19.15 11.67 -11.55
N GLU C 199 17.98 11.95 -12.12
CA GLU C 199 17.82 12.05 -13.57
C GLU C 199 18.62 13.26 -14.11
N ASN C 200 18.88 14.25 -13.25
CA ASN C 200 19.49 15.50 -13.67
C ASN C 200 20.81 15.80 -13.01
N GLY C 201 21.47 14.75 -12.55
CA GLY C 201 22.85 14.88 -12.13
C GLY C 201 23.17 15.25 -10.70
N LEU C 202 22.18 15.29 -9.83
CA LEU C 202 22.40 15.67 -8.45
C LEU C 202 22.12 14.51 -7.50
N VAL C 203 23.01 14.31 -6.54
CA VAL C 203 22.82 13.31 -5.48
C VAL C 203 21.78 13.89 -4.51
N PRO C 204 20.63 13.21 -4.33
CA PRO C 204 19.66 13.76 -3.39
C PRO C 204 19.98 13.36 -1.98
N ILE C 205 20.01 14.36 -1.10
CA ILE C 205 19.83 14.14 0.30
C ILE C 205 18.33 14.05 0.63
N VAL C 206 17.93 12.90 1.16
CA VAL C 206 16.53 12.58 1.51
C VAL C 206 16.36 12.88 2.98
N GLU C 207 15.59 13.90 3.33
CA GLU C 207 15.46 14.38 4.70
C GLU C 207 14.03 14.30 5.23
N PRO C 208 13.68 13.19 5.91
CA PRO C 208 12.40 13.06 6.56
C PRO C 208 12.59 13.47 8.03
N GLU C 209 12.47 14.75 8.34
CA GLU C 209 12.71 15.25 9.70
C GLU C 209 11.52 15.05 10.61
N ILE C 210 11.65 14.18 11.60
CA ILE C 210 10.61 14.08 12.60
C ILE C 210 11.02 15.04 13.72
N LEU C 211 10.15 16.00 14.02
CA LEU C 211 10.46 17.06 14.97
C LEU C 211 10.53 16.48 16.37
N ALA C 212 11.34 17.08 17.24
CA ALA C 212 11.39 16.68 18.64
C ALA C 212 10.36 17.43 19.51
N ASP C 213 9.49 18.22 18.88
CA ASP C 213 8.43 18.94 19.62
C ASP C 213 7.59 17.99 20.43
N GLY C 214 7.18 18.43 21.62
CA GLY C 214 6.21 17.68 22.44
C GLY C 214 6.89 16.91 23.56
N ASP C 215 6.14 16.10 24.28
CA ASP C 215 6.71 15.46 25.46
C ASP C 215 6.73 13.92 25.40
N HIS C 216 6.50 13.35 24.24
CA HIS C 216 6.78 11.94 24.01
C HIS C 216 8.18 11.45 24.46
N SER C 217 8.24 10.17 24.77
CA SER C 217 9.40 9.52 25.25
C SER C 217 10.31 9.17 24.07
N ILE C 218 11.55 8.80 24.40
CA ILE C 218 12.51 8.43 23.40
C ILE C 218 12.03 7.14 22.70
N GLU C 219 11.33 6.27 23.45
CA GLU C 219 10.79 5.04 22.90
CA GLU C 219 10.84 5.03 22.87
C GLU C 219 9.81 5.32 21.77
N VAL C 220 8.96 6.30 21.99
CA VAL C 220 7.99 6.71 20.98
C VAL C 220 8.70 7.26 19.70
N CYS C 221 9.68 8.13 19.92
CA CYS C 221 10.53 8.59 18.83
C CYS C 221 11.18 7.38 18.08
N ALA C 222 11.72 6.41 18.82
CA ALA C 222 12.31 5.24 18.16
C ALA C 222 11.29 4.55 17.25
N GLU C 223 10.09 4.34 17.76
CA GLU C 223 9.03 3.60 17.06
C GLU C 223 8.55 4.37 15.83
N VAL C 224 8.36 5.68 15.99
CA VAL C 224 7.93 6.51 14.90
C VAL C 224 9.01 6.60 13.84
N THR C 225 10.25 6.80 14.26
CA THR C 225 11.35 6.94 13.33
C THR C 225 11.49 5.67 12.49
N GLU C 226 11.37 4.50 13.12
CA GLU C 226 11.46 3.24 12.39
C GLU C 226 10.33 3.09 11.35
N ARG C 227 9.10 3.41 11.75
CA ARG C 227 7.95 3.33 10.84
C ARG C 227 8.13 4.26 9.63
N VAL C 228 8.54 5.47 9.90
CA VAL C 228 8.71 6.49 8.88
C VAL C 228 9.86 6.11 7.96
N LEU C 229 10.97 5.61 8.47
CA LEU C 229 12.07 5.22 7.57
C LEU C 229 11.71 3.99 6.71
N ALA C 230 10.96 3.04 7.28
CA ALA C 230 10.47 1.90 6.48
C ALA C 230 9.62 2.37 5.25
N ALA C 231 8.75 3.34 5.48
CA ALA C 231 7.88 3.90 4.45
C ALA C 231 8.72 4.66 3.42
N VAL C 232 9.72 5.42 3.89
CA VAL C 232 10.59 6.21 3.02
C VAL C 232 11.40 5.28 2.09
N PHE C 233 12.04 4.25 2.63
CA PHE C 233 12.84 3.35 1.79
C PHE C 233 12.05 2.48 0.83
N LYS C 234 10.87 2.07 1.25
CA LYS C 234 9.97 1.40 0.36
C LYS C 234 9.58 2.31 -0.81
N ALA C 235 9.21 3.55 -0.54
CA ALA C 235 8.86 4.52 -1.63
C ALA C 235 10.08 4.75 -2.56
N LEU C 236 11.28 4.92 -1.97
CA LEU C 236 12.52 5.06 -2.78
C LEU C 236 12.67 3.88 -3.71
N ASN C 237 12.39 2.67 -3.21
CA ASN C 237 12.43 1.50 -4.03
C ASN C 237 11.39 1.56 -5.14
N ASP C 238 10.17 1.89 -4.76
CA ASP C 238 9.06 1.96 -5.72
C ASP C 238 9.35 2.96 -6.86
N HIS C 239 10.04 4.04 -6.54
CA HIS C 239 10.34 5.08 -7.56
C HIS C 239 11.69 4.86 -8.28
N LYS C 240 12.32 3.73 -8.00
CA LYS C 240 13.61 3.34 -8.62
C LYS C 240 14.72 4.34 -8.39
N VAL C 241 14.80 4.80 -7.15
CA VAL C 241 15.87 5.67 -6.72
C VAL C 241 17.08 4.79 -6.38
N LEU C 242 18.25 5.20 -6.91
CA LEU C 242 19.51 4.55 -6.69
C LEU C 242 20.08 4.90 -5.31
N LEU C 243 20.02 3.95 -4.39
CA LEU C 243 20.49 4.20 -3.04
C LEU C 243 21.98 4.50 -3.02
N GLU C 244 22.73 3.85 -3.93
CA GLU C 244 24.17 4.08 -4.05
C GLU C 244 24.49 5.53 -4.39
N GLY C 245 23.53 6.26 -4.99
CA GLY C 245 23.77 7.65 -5.32
C GLY C 245 22.89 8.60 -4.56
N ALA C 246 22.58 8.25 -3.31
CA ALA C 246 21.70 9.06 -2.46
C ALA C 246 22.29 9.09 -1.05
N LEU C 247 21.75 10.01 -0.24
CA LEU C 247 22.12 10.13 1.17
C LEU C 247 20.85 10.36 1.96
N LEU C 248 20.85 9.97 3.22
CA LEU C 248 19.73 10.24 4.14
C LEU C 248 20.15 11.23 5.21
N LYS C 249 19.21 12.11 5.59
CA LYS C 249 19.37 13.09 6.64
C LYS C 249 18.20 12.99 7.58
N PRO C 250 18.30 12.06 8.54
CA PRO C 250 17.22 11.84 9.51
C PRO C 250 17.48 12.59 10.80
N ASN C 251 16.45 12.77 11.60
CA ASN C 251 16.60 13.12 13.01
C ASN C 251 17.31 11.99 13.73
N MET C 252 18.04 12.34 14.78
CA MET C 252 18.45 11.33 15.76
C MET C 252 17.21 10.91 16.53
N VAL C 253 17.29 9.80 17.25
CA VAL C 253 16.21 9.34 18.09
C VAL C 253 16.45 9.90 19.49
N THR C 254 15.59 10.83 19.88
CA THR C 254 15.67 11.49 21.18
C THR C 254 14.28 11.60 21.79
N GLN C 255 14.22 11.82 23.10
CA GLN C 255 12.95 12.10 23.74
C GLN C 255 12.50 13.47 23.22
N GLY C 256 11.22 13.79 23.43
CA GLY C 256 10.72 15.11 23.10
C GLY C 256 11.33 16.23 23.93
N VAL C 257 11.18 17.46 23.43
CA VAL C 257 11.74 18.62 24.08
C VAL C 257 11.09 18.81 25.46
N ASP C 258 9.80 18.54 25.58
CA ASP C 258 9.12 18.70 26.87
C ASP C 258 9.04 17.40 27.70
N CYS C 259 9.63 16.30 27.20
CA CYS C 259 9.62 15.04 27.98
C CYS C 259 10.51 15.17 29.22
N LYS C 260 10.01 14.71 30.35
CA LYS C 260 10.75 14.80 31.60
C LYS C 260 11.74 13.63 31.80
N ASP C 261 11.63 12.55 31.04
CA ASP C 261 12.74 11.60 31.01
C ASP C 261 13.91 12.42 30.51
N LYS C 262 15.11 12.06 30.91
CA LYS C 262 16.29 12.63 30.31
C LYS C 262 17.18 11.43 30.15
N PRO C 263 17.01 10.65 29.06
CA PRO C 263 17.84 9.45 28.88
C PRO C 263 19.33 9.79 28.70
N ALA C 264 20.17 8.80 28.95
CA ALA C 264 21.62 8.94 28.77
C ALA C 264 21.97 9.20 27.27
N PRO C 265 23.08 9.93 27.03
CA PRO C 265 23.56 10.06 25.67
C PRO C 265 23.84 8.71 24.99
N GLN C 266 24.23 7.70 25.77
CA GLN C 266 24.43 6.32 25.32
C GLN C 266 23.16 5.69 24.76
N THR C 267 22.02 6.05 25.34
CA THR C 267 20.72 5.56 24.94
C THR C 267 20.27 6.19 23.61
N VAL C 268 20.47 7.49 23.44
CA VAL C 268 20.27 8.14 22.17
C VAL C 268 21.13 7.44 21.12
N GLY C 269 22.39 7.19 21.45
CA GLY C 269 23.28 6.46 20.54
C GLY C 269 22.71 5.11 20.15
N PHE C 270 22.32 4.34 21.18
CA PHE C 270 21.85 2.97 20.95
C PHE C 270 20.56 2.94 20.13
N LEU C 271 19.59 3.78 20.50
CA LEU C 271 18.30 3.76 19.83
C LEU C 271 18.35 4.35 18.40
N THR C 272 19.21 5.35 18.16
CA THR C 272 19.39 5.85 16.81
C THR C 272 20.00 4.78 15.89
N SER C 273 21.06 4.14 16.38
CA SER C 273 21.73 3.09 15.65
C SER C 273 20.75 1.97 15.35
N ARG C 274 19.96 1.57 16.36
CA ARG C 274 18.96 0.53 16.19
C ARG C 274 17.90 0.84 15.11
N ALA C 275 17.36 2.05 15.15
CA ALA C 275 16.33 2.46 14.23
C ALA C 275 16.88 2.40 12.79
N LEU C 276 18.11 2.86 12.60
CA LEU C 276 18.75 2.85 11.30
C LEU C 276 19.10 1.43 10.84
N ARG C 277 19.67 0.62 11.72
CA ARG C 277 20.03 -0.77 11.40
CA ARG C 277 20.04 -0.74 11.35
C ARG C 277 18.81 -1.60 11.01
N ARG C 278 17.65 -1.23 11.57
CA ARG C 278 16.40 -1.92 11.33
C ARG C 278 15.73 -1.50 10.04
N THR C 279 16.19 -0.43 9.38
CA THR C 279 15.47 0.10 8.22
C THR C 279 16.29 0.52 6.97
N VAL C 280 17.57 0.86 7.13
CA VAL C 280 18.32 1.49 6.04
C VAL C 280 19.22 0.45 5.34
N PRO C 281 18.96 0.15 4.05
CA PRO C 281 19.78 -0.85 3.39
C PRO C 281 21.26 -0.44 3.25
N PRO C 282 22.18 -1.39 3.32
CA PRO C 282 23.59 -0.99 3.32
C PRO C 282 24.12 -0.35 2.02
N ALA C 283 23.36 -0.44 0.91
CA ALA C 283 23.77 0.20 -0.34
C ALA C 283 23.85 1.73 -0.24
N LEU C 284 23.07 2.33 0.68
CA LEU C 284 23.14 3.75 0.98
C LEU C 284 24.51 4.11 1.58
N PRO C 285 25.22 5.10 1.00
CA PRO C 285 26.60 5.25 1.50
C PRO C 285 26.72 6.04 2.79
N GLY C 286 25.75 6.88 3.10
CA GLY C 286 25.87 7.74 4.27
C GLY C 286 24.56 8.25 4.83
N VAL C 287 24.53 8.35 6.16
CA VAL C 287 23.45 8.94 6.93
C VAL C 287 24.10 10.15 7.60
N MET C 288 23.61 11.32 7.20
CA MET C 288 24.16 12.58 7.64
C MET C 288 23.10 13.28 8.48
N PHE C 289 23.26 13.19 9.79
CA PHE C 289 22.22 13.67 10.70
C PHE C 289 21.97 15.16 10.71
N LEU C 290 20.69 15.52 10.86
CA LEU C 290 20.31 16.89 11.29
C LEU C 290 20.43 16.97 12.82
N SER C 291 20.67 18.16 13.35
CA SER C 291 20.83 18.29 14.78
C SER C 291 19.62 18.95 15.46
N GLY C 292 18.74 19.57 14.68
CA GLY C 292 17.55 20.16 15.28
C GLY C 292 17.84 21.29 16.25
N GLY C 293 17.18 21.29 17.38
CA GLY C 293 17.45 22.32 18.40
C GLY C 293 18.59 21.97 19.35
N GLN C 294 19.32 20.87 19.12
CA GLN C 294 20.42 20.49 20.04
C GLN C 294 21.54 21.55 20.06
N SER C 295 22.23 21.65 21.19
CA SER C 295 23.41 22.49 21.31
C SER C 295 24.57 21.95 20.47
N GLU C 296 25.52 22.83 20.19
CA GLU C 296 26.76 22.49 19.50
C GLU C 296 27.44 21.26 20.13
N SER C 297 27.55 21.24 21.46
CA SER C 297 28.22 20.12 22.13
C SER C 297 27.37 18.84 22.13
N MET C 298 26.08 18.96 22.40
CA MET C 298 25.21 17.80 22.40
C MET C 298 25.10 17.18 20.99
N ALA C 299 25.07 17.99 19.95
CA ALA C 299 25.01 17.45 18.58
C ALA C 299 26.23 16.55 18.31
N THR C 300 27.37 16.99 18.82
CA THR C 300 28.65 16.29 18.66
C THR C 300 28.68 15.03 19.53
N ARG C 301 28.29 15.18 20.80
CA ARG C 301 28.30 14.06 21.73
C ARG C 301 27.38 12.96 21.25
N HIS C 302 26.17 13.34 20.79
CA HIS C 302 25.24 12.33 20.30
C HIS C 302 25.78 11.59 19.07
N LEU C 303 26.30 12.33 18.08
CA LEU C 303 26.92 11.69 16.91
C LEU C 303 27.96 10.66 17.35
N ASN C 304 28.80 11.04 18.31
CA ASN C 304 29.87 10.17 18.79
C ASN C 304 29.30 8.89 19.39
N GLU C 305 28.25 9.01 20.20
CA GLU C 305 27.64 7.84 20.85
C GLU C 305 26.96 6.91 19.83
N ILE C 306 26.32 7.52 18.83
CA ILE C 306 25.72 6.75 17.77
C ILE C 306 26.80 5.90 17.09
N ASN C 307 27.94 6.47 16.80
CA ASN C 307 29.01 5.71 16.16
C ASN C 307 29.67 4.61 17.04
N LYS C 308 29.81 4.89 18.33
CA LYS C 308 30.56 4.02 19.23
C LYS C 308 29.83 2.71 19.50
N CYS C 309 28.51 2.71 19.43
CA CYS C 309 27.76 1.58 19.95
C CYS C 309 27.69 0.36 19.01
N ASN C 310 28.16 0.50 17.77
CA ASN C 310 28.14 -0.63 16.87
C ASN C 310 28.98 -0.38 15.62
N LYS C 311 29.25 -1.44 14.87
CA LYS C 311 29.71 -1.31 13.51
C LYS C 311 28.46 -0.99 12.64
N HIS C 312 28.68 -0.24 11.56
CA HIS C 312 27.58 0.15 10.66
C HIS C 312 28.08 0.14 9.22
N PRO C 313 27.19 -0.17 8.27
CA PRO C 313 27.59 -0.32 6.87
C PRO C 313 27.54 0.97 6.05
N TRP C 314 27.04 2.06 6.63
CA TRP C 314 27.02 3.37 5.99
C TRP C 314 27.75 4.32 6.91
N SER C 315 28.32 5.39 6.35
CA SER C 315 28.82 6.45 7.22
C SER C 315 27.70 7.02 8.06
N LEU C 316 28.05 7.33 9.31
CA LEU C 316 27.19 8.05 10.24
C LEU C 316 27.88 9.38 10.58
N SER C 317 27.43 10.44 9.94
CA SER C 317 28.09 11.71 10.05
C SER C 317 27.06 12.81 10.25
N PHE C 318 27.40 14.02 9.84
CA PHE C 318 26.62 15.19 10.16
C PHE C 318 26.29 16.04 8.94
N SER C 319 25.10 16.63 8.96
CA SER C 319 24.76 17.74 8.04
C SER C 319 24.21 18.86 8.92
N TYR C 320 25.11 19.67 9.48
CA TYR C 320 24.76 20.60 10.53
C TYR C 320 24.79 22.07 10.06
N GLY C 321 23.80 22.83 10.51
CA GLY C 321 23.78 24.28 10.26
C GLY C 321 24.11 25.06 11.52
N ARG C 322 23.09 25.29 12.35
CA ARG C 322 23.23 25.92 13.71
C ARG C 322 24.38 25.31 14.54
N ALA C 323 24.47 23.99 14.51
CA ALA C 323 25.42 23.26 15.35
C ALA C 323 26.87 23.44 14.87
N LEU C 324 27.05 23.92 13.65
CA LEU C 324 28.37 24.30 13.17
C LEU C 324 28.60 25.82 13.13
N GLN C 325 27.56 26.63 13.27
CA GLN C 325 27.67 28.07 13.00
C GLN C 325 27.30 29.07 14.12
N SER C 326 26.48 28.70 15.10
CA SER C 326 26.03 29.67 16.14
C SER C 326 27.17 30.42 16.81
N SER C 327 28.18 29.69 17.27
CA SER C 327 29.38 30.32 17.84
C SER C 327 30.23 31.06 16.82
N VAL C 328 30.19 30.61 15.57
CA VAL C 328 30.98 31.23 14.52
C VAL C 328 30.44 32.62 14.26
N LEU C 329 29.12 32.69 14.17
CA LEU C 329 28.35 33.91 13.94
C LEU C 329 28.52 34.93 15.09
N LYS C 330 28.39 34.44 16.33
CA LYS C 330 28.55 35.27 17.52
C LYS C 330 29.97 35.85 17.61
N THR C 331 30.98 35.10 17.15
CA THR C 331 32.38 35.56 17.14
C THR C 331 32.64 36.59 16.04
N TRP C 332 32.06 36.37 14.87
CA TRP C 332 32.18 37.33 13.78
C TRP C 332 31.58 38.66 14.19
N ASN C 333 30.35 38.61 14.70
CA ASN C 333 29.65 39.76 15.27
C ASN C 333 29.50 40.93 14.28
N GLY C 334 29.60 40.60 12.98
CA GLY C 334 29.43 41.57 11.91
C GLY C 334 30.66 42.37 11.51
N SER C 335 31.84 41.92 11.90
CA SER C 335 33.07 42.67 11.64
C SER C 335 34.22 41.83 11.08
N MET C 336 34.78 42.27 9.95
CA MET C 336 35.90 41.58 9.30
C MET C 336 37.13 41.44 10.19
N SER C 337 37.27 42.30 11.18
CA SER C 337 38.39 42.15 12.12
C SER C 337 38.29 40.83 12.92
N ASN C 338 37.10 40.24 13.03
CA ASN C 338 36.92 38.95 13.69
C ASN C 338 36.94 37.73 12.73
N ALA C 339 37.15 37.97 11.44
CA ALA C 339 37.11 36.91 10.41
C ALA C 339 37.97 35.73 10.80
N ALA C 340 39.22 36.03 11.17
CA ALA C 340 40.18 35.02 11.55
C ALA C 340 39.67 34.23 12.76
N ALA C 341 39.17 34.95 13.77
CA ALA C 341 38.68 34.32 14.99
C ALA C 341 37.49 33.40 14.70
N ALA C 342 36.50 33.92 13.98
CA ALA C 342 35.33 33.16 13.50
C ALA C 342 35.72 31.89 12.75
N GLN C 343 36.72 32.00 11.88
CA GLN C 343 37.17 30.84 11.12
C GLN C 343 37.75 29.75 12.04
N ASP C 344 38.53 30.15 13.05
CA ASP C 344 39.12 29.20 14.00
C ASP C 344 38.04 28.43 14.77
N VAL C 345 36.97 29.13 15.15
CA VAL C 345 35.83 28.51 15.83
C VAL C 345 35.18 27.48 14.90
N LEU C 346 35.04 27.83 13.63
CA LEU C 346 34.42 26.91 12.67
C LEU C 346 35.27 25.65 12.53
N MET C 347 36.59 25.82 12.49
CA MET C 347 37.49 24.67 12.41
C MET C 347 37.41 23.83 13.67
N LYS C 348 37.32 24.47 14.85
CA LYS C 348 37.14 23.72 16.10
C LYS C 348 35.90 22.81 16.03
N LEU C 349 34.75 23.39 15.69
CA LEU C 349 33.49 22.61 15.62
C LEU C 349 33.45 21.58 14.47
N ALA C 350 34.05 21.92 13.33
CA ALA C 350 34.18 20.97 12.22
C ALA C 350 35.03 19.79 12.64
N GLN C 351 36.12 20.08 13.34
CA GLN C 351 37.03 19.04 13.81
C GLN C 351 36.37 18.09 14.77
N GLN C 352 35.74 18.62 15.81
CA GLN C 352 35.15 17.72 16.80
C GLN C 352 34.05 16.82 16.18
N ASN C 353 33.29 17.36 15.25
CA ASN C 353 32.27 16.60 14.55
C ASN C 353 32.83 15.58 13.58
N SER C 354 33.93 15.93 12.93
CA SER C 354 34.72 14.93 12.20
C SER C 354 35.11 13.74 13.10
N GLU C 355 35.56 14.02 14.32
CA GLU C 355 35.97 12.95 15.24
C GLU C 355 34.73 12.15 15.73
N ALA C 356 33.65 12.83 16.05
CA ALA C 356 32.41 12.17 16.43
C ALA C 356 31.90 11.23 15.32
N SER C 357 32.08 11.63 14.07
CA SER C 357 31.65 10.79 12.92
C SER C 357 32.45 9.50 12.78
N LEU C 358 33.60 9.43 13.45
CA LEU C 358 34.40 8.20 13.46
C LEU C 358 34.33 7.51 14.83
N GLY C 359 33.47 8.02 15.72
CA GLY C 359 33.33 7.46 17.06
C GLY C 359 34.57 7.66 17.90
N SER C 360 35.30 8.74 17.62
CA SER C 360 36.61 9.02 18.21
C SER C 360 36.71 10.37 18.91
N LEU C 361 35.63 10.84 19.54
CA LEU C 361 35.64 12.19 20.09
C LEU C 361 36.55 12.19 21.30
N ALA C 375 12.52 -2.94 32.46
CA ALA C 375 13.92 -3.21 32.74
C ALA C 375 14.82 -2.64 31.63
N LYS C 376 14.63 -3.01 30.36
CA LYS C 376 15.62 -2.65 29.33
C LYS C 376 15.05 -2.43 27.92
N TYR C 377 15.80 -1.69 27.10
CA TYR C 377 15.46 -1.52 25.67
C TYR C 377 15.76 -2.79 24.85
N ILE C 378 14.85 -3.15 23.93
CA ILE C 378 15.05 -4.29 23.00
C ILE C 378 16.24 -4.05 22.05
N TYR C 379 17.11 -5.06 21.97
CA TYR C 379 18.20 -5.11 20.99
C TYR C 379 17.69 -5.05 19.54
N LYS D 25 2.84 -10.06 21.68
CA LYS D 25 3.33 -9.33 22.92
C LYS D 25 4.82 -9.59 23.32
N LEU D 26 5.79 -9.18 22.48
CA LEU D 26 7.21 -9.63 22.62
C LEU D 26 8.01 -8.96 23.78
N SER D 27 8.43 -9.75 24.77
CA SER D 27 9.14 -9.26 25.96
C SER D 27 10.66 -9.18 25.68
N GLN D 28 11.37 -8.45 26.53
CA GLN D 28 12.79 -8.20 26.36
C GLN D 28 13.54 -9.54 26.38
N GLU D 29 13.10 -10.46 27.22
CA GLU D 29 13.74 -11.76 27.37
C GLU D 29 13.45 -12.73 26.21
N ARG D 30 12.22 -12.74 25.72
CA ARG D 30 11.93 -13.47 24.48
C ARG D 30 12.73 -12.87 23.30
N ALA D 31 12.78 -11.54 23.20
CA ALA D 31 13.48 -10.92 22.08
C ALA D 31 14.95 -11.32 22.14
N LYS D 32 15.48 -11.32 23.35
CA LYS D 32 16.88 -11.66 23.59
C LYS D 32 17.20 -13.11 23.22
N GLU D 33 16.39 -14.05 23.64
CA GLU D 33 16.58 -15.45 23.24
C GLU D 33 16.54 -15.61 21.70
N LEU D 34 15.61 -14.94 21.04
CA LEU D 34 15.49 -15.00 19.57
C LEU D 34 16.75 -14.44 18.92
N ALA D 35 17.19 -13.29 19.38
CA ALA D 35 18.37 -12.66 18.82
C ALA D 35 19.62 -13.52 19.03
N GLU D 36 19.73 -14.13 20.20
CA GLU D 36 20.91 -14.99 20.45
C GLU D 36 20.90 -16.21 19.55
N ASN D 37 19.76 -16.86 19.43
CA ASN D 37 19.65 -18.03 18.56
C ASN D 37 19.81 -17.73 17.09
N ALA D 38 19.28 -16.60 16.65
CA ALA D 38 19.43 -16.18 15.27
C ALA D 38 20.90 -15.88 14.98
N SER D 39 21.57 -15.16 15.87
CA SER D 39 23.01 -14.89 15.70
C SER D 39 23.83 -16.15 15.76
N PHE D 40 23.42 -17.12 16.58
CA PHE D 40 24.09 -18.43 16.60
C PHE D 40 23.98 -19.17 15.28
N ILE D 41 22.78 -19.18 14.71
CA ILE D 41 22.58 -19.88 13.46
C ILE D 41 23.41 -19.23 12.36
N ALA D 42 23.55 -17.91 12.43
CA ALA D 42 24.34 -17.10 11.48
C ALA D 42 25.83 -16.98 11.87
N SER D 43 26.31 -17.84 12.78
CA SER D 43 27.71 -17.78 13.25
C SER D 43 28.63 -17.83 12.04
N PRO D 44 29.69 -16.99 12.03
CA PRO D 44 30.66 -17.05 10.94
C PRO D 44 31.16 -18.45 10.66
N GLY D 45 31.14 -18.84 9.39
CA GLY D 45 31.69 -20.10 8.98
C GLY D 45 30.71 -21.25 9.11
N LYS D 46 29.49 -20.95 9.60
CA LYS D 46 28.48 -22.00 9.76
C LYS D 46 27.23 -21.75 8.92
N GLY D 47 26.58 -22.84 8.53
CA GLY D 47 25.28 -22.77 7.84
C GLY D 47 24.32 -23.87 8.25
N ILE D 48 23.26 -24.02 7.46
CA ILE D 48 22.16 -24.90 7.83
C ILE D 48 22.10 -26.11 6.92
N LEU D 49 21.91 -27.27 7.53
CA LEU D 49 21.59 -28.49 6.79
C LEU D 49 20.07 -28.63 6.77
N ALA D 50 19.53 -28.75 5.57
CA ALA D 50 18.11 -28.91 5.39
C ALA D 50 17.84 -30.37 5.22
N ALA D 51 17.19 -30.98 6.22
CA ALA D 51 16.91 -32.43 6.21
C ALA D 51 15.42 -32.64 6.34
N ASP D 52 14.65 -31.73 5.73
CA ASP D 52 13.20 -31.65 5.99
C ASP D 52 12.36 -32.15 4.80
N GLU D 53 12.86 -33.18 4.13
CA GLU D 53 12.17 -33.73 3.00
C GLU D 53 10.99 -34.54 3.53
N SER D 54 9.86 -34.42 2.84
CA SER D 54 8.68 -35.19 3.16
C SER D 54 8.85 -36.63 2.70
N THR D 55 8.01 -37.52 3.22
CA THR D 55 7.94 -38.88 2.71
C THR D 55 7.94 -38.88 1.17
N GLY D 56 7.13 -38.02 0.56
CA GLY D 56 6.99 -38.02 -0.91
C GLY D 56 8.22 -37.51 -1.65
N THR D 57 8.90 -36.52 -1.10
CA THR D 57 10.19 -36.08 -1.66
C THR D 57 11.33 -37.12 -1.47
N ILE D 58 11.33 -37.78 -0.33
CA ILE D 58 12.31 -38.83 -0.02
C ILE D 58 12.15 -40.02 -0.96
N GLN D 59 10.92 -40.27 -1.40
CA GLN D 59 10.60 -41.43 -2.24
C GLN D 59 11.55 -41.62 -3.43
N LYS D 60 11.62 -40.62 -4.29
CA LYS D 60 12.42 -40.73 -5.50
C LYS D 60 13.88 -40.95 -5.18
N ARG D 61 14.38 -40.27 -4.15
CA ARG D 61 15.80 -40.36 -3.81
C ARG D 61 16.15 -41.77 -3.25
N PHE D 62 15.29 -42.32 -2.40
CA PHE D 62 15.48 -43.69 -1.92
C PHE D 62 15.23 -44.72 -3.02
N ASP D 63 14.41 -44.40 -4.02
CA ASP D 63 14.22 -45.29 -5.17
C ASP D 63 15.55 -45.49 -5.89
N ASN D 64 16.29 -44.41 -6.07
CA ASN D 64 17.50 -44.44 -6.87
C ASN D 64 18.68 -45.17 -6.21
N VAL D 65 18.64 -45.31 -4.88
CA VAL D 65 19.62 -46.15 -4.18
C VAL D 65 19.02 -47.48 -3.72
N GLY D 66 17.83 -47.84 -4.22
CA GLY D 66 17.21 -49.12 -3.89
C GLY D 66 16.86 -49.35 -2.42
N VAL D 67 16.44 -48.30 -1.73
CA VAL D 67 16.03 -48.40 -0.33
C VAL D 67 14.52 -48.14 -0.16
N GLU D 68 13.86 -49.05 0.53
CA GLU D 68 12.49 -48.86 0.90
C GLU D 68 12.24 -47.58 1.71
N ASN D 69 11.24 -46.82 1.29
CA ASN D 69 10.84 -45.61 1.99
C ASN D 69 9.89 -45.94 3.14
N THR D 70 10.47 -46.39 4.25
CA THR D 70 9.74 -46.62 5.48
C THR D 70 10.23 -45.62 6.54
N GLU D 71 9.45 -45.42 7.59
CA GLU D 71 9.83 -44.55 8.70
C GLU D 71 11.21 -45.01 9.26
N LYS D 72 11.41 -46.32 9.42
CA LYS D 72 12.66 -46.81 10.05
C LYS D 72 13.89 -46.57 9.17
N ASN D 73 13.73 -46.67 7.85
CA ASN D 73 14.82 -46.37 6.91
C ASN D 73 15.14 -44.88 6.85
N ARG D 74 14.12 -44.03 6.97
CA ARG D 74 14.41 -42.57 7.03
C ARG D 74 15.19 -42.24 8.33
N ALA D 75 14.81 -42.90 9.41
CA ALA D 75 15.51 -42.75 10.69
C ALA D 75 16.94 -43.26 10.58
N GLU D 76 17.14 -44.39 9.90
CA GLU D 76 18.49 -44.93 9.66
C GLU D 76 19.36 -43.94 8.91
N TYR D 77 18.87 -43.46 7.76
CA TYR D 77 19.61 -42.51 6.94
C TYR D 77 19.91 -41.26 7.75
N ARG D 78 18.89 -40.67 8.39
CA ARG D 78 19.12 -39.42 9.12
C ARG D 78 20.00 -39.57 10.34
N SER D 79 20.02 -40.74 10.94
CA SER D 79 20.94 -40.97 12.07
C SER D 79 22.39 -40.96 11.57
N ILE D 80 22.64 -41.42 10.35
CA ILE D 80 23.98 -41.35 9.80
C ILE D 80 24.40 -39.88 9.69
N LEU D 81 23.52 -39.05 9.13
CA LEU D 81 23.83 -37.62 9.03
C LEU D 81 24.14 -37.02 10.40
N PHE D 82 23.27 -37.28 11.38
CA PHE D 82 23.35 -36.60 12.66
C PHE D 82 24.42 -37.15 13.63
N THR D 83 25.11 -38.23 13.26
CA THR D 83 26.23 -38.73 14.08
C THR D 83 27.57 -38.50 13.38
N THR D 84 27.56 -37.65 12.36
CA THR D 84 28.78 -37.27 11.63
C THR D 84 29.69 -36.48 12.56
N LYS D 85 30.85 -37.05 12.91
CA LYS D 85 31.75 -36.47 13.93
C LYS D 85 32.29 -35.11 13.52
N GLY D 86 32.06 -34.08 14.33
CA GLY D 86 32.51 -32.73 14.00
C GLY D 86 31.64 -31.93 13.02
N LEU D 87 30.46 -32.44 12.71
CA LEU D 87 29.51 -31.73 11.81
C LEU D 87 29.15 -30.34 12.32
N GLY D 88 29.06 -30.22 13.65
CA GLY D 88 28.78 -28.95 14.34
C GLY D 88 29.81 -27.83 14.16
N LYS D 89 30.99 -28.18 13.66
CA LYS D 89 31.98 -27.18 13.28
C LYS D 89 31.54 -26.35 12.09
N TYR D 90 30.73 -26.94 11.22
CA TYR D 90 30.28 -26.29 9.99
C TYR D 90 28.75 -26.03 9.93
N ILE D 91 27.98 -26.78 10.71
CA ILE D 91 26.53 -26.72 10.70
C ILE D 91 26.02 -26.16 12.03
N SER D 92 25.26 -25.08 11.96
CA SER D 92 24.73 -24.41 13.15
C SER D 92 23.30 -24.85 13.44
N GLY D 93 22.54 -25.19 12.40
CA GLY D 93 21.15 -25.61 12.55
C GLY D 93 20.79 -26.66 11.52
N CYS D 94 19.82 -27.50 11.85
CA CYS D 94 19.35 -28.48 10.91
C CYS D 94 17.83 -28.47 10.90
N ILE D 95 17.25 -28.27 9.70
CA ILE D 95 15.81 -28.16 9.57
C ILE D 95 15.23 -29.56 9.46
N LEU D 96 14.29 -29.88 10.34
CA LEU D 96 13.63 -31.19 10.33
C LEU D 96 12.18 -31.10 9.86
N PHE D 97 11.70 -32.23 9.35
CA PHE D 97 10.29 -32.52 9.18
C PHE D 97 9.82 -32.97 10.54
N GLU D 98 8.55 -32.70 10.83
CA GLU D 98 7.95 -33.12 12.08
C GLU D 98 8.23 -34.57 12.52
N GLU D 99 8.07 -35.52 11.61
CA GLU D 99 8.35 -36.91 11.91
C GLU D 99 9.71 -37.03 12.61
N THR D 100 10.72 -36.36 12.07
CA THR D 100 12.11 -36.56 12.50
C THR D 100 12.32 -35.92 13.87
N LEU D 101 11.69 -34.78 14.12
CA LEU D 101 11.79 -34.13 15.41
C LEU D 101 11.35 -35.04 16.56
N PHE D 102 10.36 -35.90 16.31
CA PHE D 102 9.84 -36.78 17.35
C PHE D 102 10.33 -38.22 17.26
N GLN D 103 11.34 -38.48 16.42
CA GLN D 103 11.74 -39.82 16.06
C GLN D 103 12.93 -40.33 16.88
N GLN D 104 13.05 -41.64 16.92
CA GLN D 104 14.26 -42.29 17.44
C GLN D 104 15.09 -42.92 16.34
N ALA D 105 16.40 -42.85 16.48
CA ALA D 105 17.33 -43.60 15.62
C ALA D 105 17.18 -45.12 15.87
N PRO D 106 17.77 -45.96 15.00
CA PRO D 106 17.75 -47.42 15.18
C PRO D 106 18.16 -47.89 16.57
N ASN D 107 19.11 -47.22 17.23
CA ASN D 107 19.56 -47.69 18.54
C ASN D 107 18.71 -47.12 19.69
N GLY D 108 17.63 -46.42 19.37
CA GLY D 108 16.75 -45.85 20.38
C GLY D 108 17.03 -44.41 20.85
N GLN D 109 18.17 -43.81 20.48
CA GLN D 109 18.43 -42.40 20.83
C GLN D 109 17.51 -41.47 20.03
N ASN D 110 17.05 -40.40 20.68
CA ASN D 110 16.24 -39.39 19.99
C ASN D 110 17.08 -38.65 18.96
N MET D 111 16.54 -38.48 17.75
CA MET D 111 17.20 -37.66 16.74
C MET D 111 17.57 -36.29 17.30
N VAL D 112 16.67 -35.67 18.06
CA VAL D 112 16.96 -34.36 18.62
CA VAL D 112 16.97 -34.36 18.62
C VAL D 112 18.18 -34.40 19.53
N ASP D 113 18.34 -35.48 20.29
CA ASP D 113 19.55 -35.58 21.16
C ASP D 113 20.83 -35.75 20.36
N LEU D 114 20.74 -36.41 19.21
CA LEU D 114 21.91 -36.52 18.33
C LEU D 114 22.40 -35.17 17.88
N LEU D 115 21.47 -34.29 17.49
CA LEU D 115 21.79 -32.94 17.04
C LEU D 115 22.38 -32.13 18.20
N ARG D 116 21.77 -32.21 19.37
CA ARG D 116 22.30 -31.56 20.55
C ARG D 116 23.72 -32.02 20.84
N ALA D 117 23.99 -33.32 20.74
CA ALA D 117 25.35 -33.81 21.02
C ALA D 117 26.37 -33.19 20.03
N GLU D 118 25.91 -32.83 18.83
CA GLU D 118 26.78 -32.18 17.83
C GLU D 118 26.93 -30.69 18.05
N GLY D 119 26.15 -30.11 18.96
CA GLY D 119 26.07 -28.64 19.08
C GLY D 119 25.28 -27.95 17.97
N ILE D 120 24.30 -28.64 17.39
CA ILE D 120 23.49 -28.14 16.29
C ILE D 120 22.06 -27.90 16.77
N LEU D 121 21.53 -26.71 16.48
CA LEU D 121 20.15 -26.38 16.86
C LEU D 121 19.16 -27.09 15.94
N PRO D 122 18.16 -27.73 16.53
CA PRO D 122 17.11 -28.27 15.68
C PRO D 122 16.18 -27.17 15.20
N GLY D 123 15.75 -27.29 13.96
CA GLY D 123 14.74 -26.43 13.39
C GLY D 123 13.63 -27.29 12.81
N ILE D 124 12.54 -26.65 12.42
CA ILE D 124 11.34 -27.35 12.04
C ILE D 124 10.59 -26.62 10.93
N LYS D 125 10.16 -27.40 9.93
CA LYS D 125 9.26 -26.94 8.89
C LYS D 125 7.85 -26.76 9.47
N VAL D 126 7.30 -25.55 9.37
CA VAL D 126 5.99 -25.28 9.96
C VAL D 126 4.90 -24.92 8.95
N ASP D 127 5.24 -24.79 7.66
CA ASP D 127 4.23 -24.56 6.62
C ASP D 127 3.57 -25.89 6.24
N LYS D 128 2.40 -25.79 5.60
CA LYS D 128 1.62 -26.99 5.20
C LYS D 128 1.45 -27.11 3.68
N GLY D 129 2.28 -26.45 2.90
CA GLY D 129 2.15 -26.61 1.44
C GLY D 129 1.50 -25.45 0.71
N LEU D 130 1.45 -25.60 -0.61
CA LEU D 130 1.17 -24.56 -1.56
C LEU D 130 -0.18 -24.80 -2.17
N VAL D 131 -0.97 -23.74 -2.32
CA VAL D 131 -2.23 -23.79 -3.06
C VAL D 131 -2.23 -22.61 -4.03
N THR D 132 -2.97 -22.74 -5.13
CA THR D 132 -3.02 -21.69 -6.14
CA THR D 132 -2.99 -21.68 -6.12
C THR D 132 -3.88 -20.51 -5.68
N ILE D 133 -3.46 -19.30 -6.02
CA ILE D 133 -4.23 -18.12 -5.74
C ILE D 133 -5.30 -18.01 -6.82
N PRO D 134 -6.58 -17.83 -6.44
CA PRO D 134 -7.62 -17.66 -7.44
C PRO D 134 -7.40 -16.49 -8.40
N ASN D 135 -7.74 -16.73 -9.66
CA ASN D 135 -7.64 -15.72 -10.70
C ASN D 135 -6.20 -15.27 -11.01
N THR D 136 -5.23 -16.12 -10.74
CA THR D 136 -3.87 -15.87 -11.20
C THR D 136 -3.52 -16.98 -12.22
N ASP D 137 -2.42 -16.82 -12.91
CA ASP D 137 -1.93 -17.92 -13.75
C ASP D 137 -1.05 -18.86 -12.94
N GLU D 138 -1.69 -19.71 -12.15
CA GLU D 138 -0.98 -20.72 -11.36
C GLU D 138 0.05 -20.14 -10.39
N GLU D 139 -0.22 -18.97 -9.83
CA GLU D 139 0.65 -18.45 -8.79
C GLU D 139 0.12 -18.94 -7.44
N VAL D 140 1.00 -19.03 -6.45
CA VAL D 140 0.72 -19.80 -5.26
C VAL D 140 0.80 -19.03 -3.96
N SER D 141 0.07 -19.58 -3.00
CA SER D 141 0.04 -19.13 -1.63
C SER D 141 0.51 -20.27 -0.73
N THR D 142 1.22 -19.96 0.34
CA THR D 142 1.64 -20.96 1.32
C THR D 142 0.63 -21.05 2.45
N THR D 143 0.25 -22.26 2.80
CA THR D 143 -0.76 -22.48 3.83
C THR D 143 -0.07 -22.88 5.13
N GLY D 144 -0.78 -22.74 6.25
CA GLY D 144 -0.30 -23.22 7.54
C GLY D 144 -0.47 -22.30 8.72
N LEU D 145 -1.07 -21.13 8.53
CA LEU D 145 -1.28 -20.21 9.65
C LEU D 145 -2.24 -20.74 10.73
N ASP D 146 -3.22 -21.54 10.32
CA ASP D 146 -4.21 -22.07 11.27
C ASP D 146 -3.52 -23.08 12.21
N GLY D 147 -3.63 -22.84 13.50
CA GLY D 147 -2.95 -23.64 14.52
C GLY D 147 -1.45 -23.41 14.65
N LEU D 148 -0.90 -22.40 13.96
CA LEU D 148 0.54 -22.28 13.93
C LEU D 148 1.17 -22.01 15.33
N ALA D 149 0.54 -21.18 16.15
CA ALA D 149 1.08 -20.87 17.48
C ALA D 149 1.22 -22.16 18.30
N GLU D 150 0.20 -23.00 18.25
CA GLU D 150 0.21 -24.23 18.99
C GLU D 150 1.23 -25.21 18.45
N ARG D 151 1.37 -25.30 17.13
CA ARG D 151 2.43 -26.16 16.59
C ARG D 151 3.80 -25.66 17.05
N CYS D 152 4.03 -24.35 16.97
CA CYS D 152 5.29 -23.75 17.40
C CYS D 152 5.60 -24.10 18.86
N GLN D 153 4.60 -24.01 19.75
CA GLN D 153 4.82 -24.31 21.16
C GLN D 153 5.22 -25.76 21.36
N LYS D 154 4.55 -26.68 20.66
CA LYS D 154 4.86 -28.11 20.76
C LYS D 154 6.25 -28.40 20.21
N TYR D 155 6.61 -27.74 19.11
CA TYR D 155 7.94 -27.97 18.53
C TYR D 155 8.99 -27.37 19.44
N TYR D 156 8.76 -26.16 19.98
CA TYR D 156 9.69 -25.60 20.95
C TYR D 156 9.93 -26.57 22.15
N ASN D 157 8.85 -27.12 22.71
CA ASN D 157 8.97 -28.04 23.83
C ASN D 157 9.78 -29.27 23.49
N ALA D 158 9.74 -29.68 22.24
CA ALA D 158 10.49 -30.84 21.78
C ALA D 158 11.94 -30.51 21.40
N GLY D 159 12.32 -29.22 21.41
CA GLY D 159 13.72 -28.81 21.18
C GLY D 159 14.00 -27.94 19.96
N ALA D 160 13.00 -27.70 19.11
CA ALA D 160 13.18 -26.81 17.97
C ALA D 160 13.40 -25.39 18.48
N ARG D 161 14.27 -24.66 17.78
CA ARG D 161 14.53 -23.26 18.13
C ARG D 161 14.45 -22.33 16.93
N PHE D 162 14.29 -22.92 15.74
CA PHE D 162 13.95 -22.12 14.56
C PHE D 162 12.98 -22.83 13.65
N ALA D 163 12.38 -22.03 12.76
CA ALA D 163 11.32 -22.51 11.90
C ALA D 163 11.60 -22.22 10.47
N LYS D 164 10.89 -22.92 9.63
CA LYS D 164 11.02 -22.74 8.21
C LYS D 164 9.62 -22.68 7.55
N TRP D 165 9.47 -21.74 6.64
CA TRP D 165 8.26 -21.56 5.84
C TRP D 165 8.67 -21.07 4.45
N ARG D 166 8.25 -21.81 3.42
CA ARG D 166 8.55 -21.47 2.04
C ARG D 166 7.39 -20.90 1.21
N ALA D 167 7.61 -19.70 0.69
CA ALA D 167 6.76 -19.08 -0.32
C ALA D 167 7.47 -19.19 -1.67
N VAL D 168 6.68 -19.27 -2.74
CA VAL D 168 7.18 -19.44 -4.08
C VAL D 168 6.60 -18.39 -5.02
N LEU D 169 7.49 -17.77 -5.79
CA LEU D 169 7.14 -16.86 -6.86
C LEU D 169 7.81 -17.33 -8.16
N SER D 170 7.20 -16.97 -9.29
CA SER D 170 7.66 -17.34 -10.62
C SER D 170 7.91 -16.07 -11.40
N ILE D 171 8.87 -16.13 -12.31
CA ILE D 171 9.12 -15.04 -13.25
C ILE D 171 8.61 -15.46 -14.61
N ASP D 172 7.84 -14.58 -15.25
CA ASP D 172 7.39 -14.75 -16.63
C ASP D 172 7.09 -13.36 -17.18
N VAL D 173 7.98 -12.88 -18.03
CA VAL D 173 7.90 -11.49 -18.54
C VAL D 173 6.61 -11.25 -19.31
N LYS D 174 6.32 -12.15 -20.25
CA LYS D 174 5.11 -12.09 -21.09
C LYS D 174 3.82 -12.04 -20.21
N LYS D 175 3.73 -12.89 -19.22
CA LYS D 175 2.53 -12.89 -18.38
C LYS D 175 2.59 -11.94 -17.16
N ASN D 176 3.58 -11.05 -17.11
CA ASN D 176 3.81 -10.14 -15.98
CA ASN D 176 3.78 -10.14 -15.98
C ASN D 176 3.79 -10.85 -14.62
N LYS D 177 4.49 -11.98 -14.53
CA LYS D 177 4.73 -12.66 -13.24
C LYS D 177 6.14 -12.33 -12.74
N PRO D 178 6.29 -12.13 -11.42
CA PRO D 178 5.27 -12.33 -10.38
C PRO D 178 4.29 -11.17 -10.33
N SER D 179 3.00 -11.51 -10.26
CA SER D 179 1.92 -10.48 -10.23
C SER D 179 1.98 -9.68 -8.95
N ASN D 180 1.38 -8.51 -8.96
CA ASN D 180 1.22 -7.74 -7.71
C ASN D 180 0.58 -8.60 -6.65
N LEU D 181 -0.39 -9.41 -7.04
CA LEU D 181 -1.10 -10.18 -6.06
C LEU D 181 -0.23 -11.28 -5.47
N SER D 182 0.55 -11.96 -6.32
CA SER D 182 1.53 -12.91 -5.81
C SER D 182 2.49 -12.27 -4.79
N ILE D 183 3.00 -11.08 -5.11
CA ILE D 183 3.95 -10.39 -4.20
C ILE D 183 3.27 -9.94 -2.85
N LEU D 184 2.07 -9.37 -2.94
CA LEU D 184 1.31 -8.92 -1.77
C LEU D 184 1.01 -10.11 -0.84
N GLU D 185 0.54 -11.18 -1.44
CA GLU D 185 0.23 -12.41 -0.70
C GLU D 185 1.47 -13.01 -0.09
N THR D 186 2.54 -13.07 -0.86
CA THR D 186 3.79 -13.55 -0.37
C THR D 186 4.26 -12.74 0.87
N ALA D 187 4.33 -11.43 0.72
CA ALA D 187 4.87 -10.55 1.77
C ALA D 187 4.01 -10.65 3.03
N HIS D 188 2.70 -10.52 2.87
CA HIS D 188 1.77 -10.54 4.00
C HIS D 188 1.84 -11.87 4.78
N THR D 189 1.86 -12.99 4.05
CA THR D 189 1.80 -14.29 4.75
C THR D 189 3.11 -14.65 5.45
N LEU D 190 4.22 -14.33 4.79
CA LEU D 190 5.53 -14.51 5.40
C LEU D 190 5.64 -13.73 6.70
N ALA D 191 5.13 -12.49 6.71
CA ALA D 191 5.20 -11.62 7.87
C ALA D 191 4.32 -12.15 9.02
N ARG D 192 3.13 -12.65 8.70
CA ARG D 192 2.28 -13.29 9.69
C ARG D 192 2.97 -14.51 10.30
N TYR D 193 3.51 -15.37 9.47
CA TYR D 193 4.22 -16.56 9.93
C TYR D 193 5.38 -16.16 10.83
N ALA D 194 6.16 -15.14 10.41
CA ALA D 194 7.33 -14.71 11.17
C ALA D 194 6.93 -14.15 12.55
N ALA D 195 5.87 -13.36 12.58
CA ALA D 195 5.35 -12.80 13.85
C ALA D 195 4.88 -13.89 14.82
N ILE D 196 4.13 -14.86 14.32
CA ILE D 196 3.62 -15.94 15.17
C ILE D 196 4.78 -16.74 15.71
N CYS D 197 5.76 -17.09 14.88
CA CYS D 197 6.93 -17.85 15.37
C CYS D 197 7.60 -17.15 16.54
N GLN D 198 7.81 -15.84 16.39
CA GLN D 198 8.56 -15.07 17.36
C GLN D 198 7.80 -14.97 18.70
N GLU D 199 6.48 -14.86 18.60
CA GLU D 199 5.59 -14.91 19.73
C GLU D 199 5.71 -16.24 20.49
N ASN D 200 6.16 -17.31 19.83
CA ASN D 200 6.13 -18.64 20.43
C ASN D 200 7.49 -19.29 20.54
N GLY D 201 8.54 -18.48 20.52
CA GLY D 201 9.86 -18.92 20.87
C GLY D 201 10.76 -19.39 19.73
N LEU D 202 10.28 -19.34 18.49
CA LEU D 202 11.07 -19.83 17.36
C LEU D 202 11.54 -18.70 16.43
N VAL D 203 12.81 -18.78 16.03
CA VAL D 203 13.39 -17.87 15.04
C VAL D 203 12.85 -18.24 13.68
N PRO D 204 12.14 -17.31 13.00
CA PRO D 204 11.67 -17.65 11.69
C PRO D 204 12.71 -17.42 10.57
N ILE D 205 12.90 -18.42 9.73
CA ILE D 205 13.57 -18.28 8.45
C ILE D 205 12.49 -17.88 7.44
N VAL D 206 12.63 -16.66 6.93
CA VAL D 206 11.69 -16.08 5.99
C VAL D 206 12.22 -16.41 4.59
N GLU D 207 11.50 -17.22 3.85
CA GLU D 207 11.98 -17.76 2.57
C GLU D 207 11.07 -17.36 1.42
N PRO D 208 11.36 -16.25 0.75
CA PRO D 208 10.60 -15.95 -0.44
C PRO D 208 11.37 -16.44 -1.67
N GLU D 209 11.12 -17.67 -2.08
CA GLU D 209 11.83 -18.27 -3.18
C GLU D 209 11.29 -17.85 -4.58
N ILE D 210 12.11 -17.11 -5.31
CA ILE D 210 11.86 -16.82 -6.71
C ILE D 210 12.47 -17.96 -7.52
N LEU D 211 11.62 -18.74 -8.16
CA LEU D 211 12.05 -19.88 -8.95
C LEU D 211 12.90 -19.42 -10.15
N ALA D 212 13.90 -20.20 -10.51
CA ALA D 212 14.68 -19.97 -11.75
C ALA D 212 14.04 -20.51 -13.04
N ASP D 213 12.86 -21.16 -12.96
CA ASP D 213 12.11 -21.59 -14.16
C ASP D 213 12.01 -20.51 -15.23
N GLY D 214 12.14 -20.92 -16.49
CA GLY D 214 11.91 -20.03 -17.61
C GLY D 214 13.23 -19.58 -18.19
N ASP D 215 13.16 -18.65 -19.12
CA ASP D 215 14.35 -18.32 -19.94
C ASP D 215 14.78 -16.84 -19.78
N HIS D 216 14.32 -16.22 -18.71
CA HIS D 216 14.62 -14.82 -18.39
C HIS D 216 16.12 -14.61 -18.09
N SER D 217 16.55 -13.37 -18.23
CA SER D 217 17.95 -13.00 -18.01
C SER D 217 18.27 -12.82 -16.52
N ILE D 218 19.57 -12.82 -16.23
CA ILE D 218 20.00 -12.57 -14.87
C ILE D 218 19.55 -11.15 -14.42
N GLU D 219 19.43 -10.24 -15.38
CA GLU D 219 19.06 -8.87 -15.08
C GLU D 219 17.59 -8.85 -14.66
N VAL D 220 16.75 -9.66 -15.30
CA VAL D 220 15.36 -9.76 -14.87
C VAL D 220 15.26 -10.35 -13.48
N CYS D 221 16.04 -11.40 -13.19
CA CYS D 221 16.04 -11.95 -11.86
C CYS D 221 16.44 -10.93 -10.80
N ALA D 222 17.46 -10.15 -11.11
CA ALA D 222 17.93 -9.08 -10.21
C ALA D 222 16.84 -8.07 -9.88
N GLU D 223 16.15 -7.61 -10.91
CA GLU D 223 15.10 -6.59 -10.74
C GLU D 223 13.94 -7.16 -9.91
N VAL D 224 13.51 -8.36 -10.27
CA VAL D 224 12.42 -9.02 -9.53
C VAL D 224 12.81 -9.31 -8.09
N THR D 225 14.02 -9.80 -7.89
CA THR D 225 14.48 -10.12 -6.54
C THR D 225 14.46 -8.87 -5.69
N GLU D 226 14.96 -7.75 -6.20
CA GLU D 226 15.03 -6.51 -5.42
C GLU D 226 13.62 -6.02 -5.04
N ARG D 227 12.69 -6.05 -6.00
CA ARG D 227 11.28 -5.69 -5.76
C ARG D 227 10.60 -6.57 -4.72
N VAL D 228 10.81 -7.88 -4.83
CA VAL D 228 10.21 -8.82 -3.92
C VAL D 228 10.72 -8.58 -2.50
N LEU D 229 12.04 -8.44 -2.36
CA LEU D 229 12.61 -8.27 -1.05
C LEU D 229 12.16 -6.94 -0.45
N ALA D 230 12.00 -5.90 -1.28
CA ALA D 230 11.55 -4.61 -0.74
C ALA D 230 10.16 -4.77 -0.11
N ALA D 231 9.28 -5.47 -0.83
CA ALA D 231 7.94 -5.78 -0.36
C ALA D 231 7.94 -6.64 0.92
N VAL D 232 8.79 -7.66 0.94
CA VAL D 232 8.90 -8.56 2.11
C VAL D 232 9.35 -7.80 3.36
N PHE D 233 10.39 -6.98 3.21
CA PHE D 233 10.90 -6.28 4.39
C PHE D 233 9.97 -5.18 4.89
N LYS D 234 9.24 -4.54 3.98
CA LYS D 234 8.22 -3.60 4.39
C LYS D 234 7.12 -4.32 5.17
N ALA D 235 6.67 -5.46 4.67
CA ALA D 235 5.66 -6.23 5.42
C ALA D 235 6.15 -6.69 6.81
N LEU D 236 7.41 -7.13 6.91
CA LEU D 236 7.97 -7.53 8.20
C LEU D 236 7.94 -6.34 9.17
N ASN D 237 8.22 -5.14 8.66
CA ASN D 237 8.14 -3.95 9.47
C ASN D 237 6.70 -3.67 9.92
N ASP D 238 5.76 -3.70 8.97
CA ASP D 238 4.34 -3.50 9.27
C ASP D 238 3.83 -4.51 10.32
N HIS D 239 4.33 -5.73 10.30
CA HIS D 239 3.92 -6.74 11.26
C HIS D 239 4.75 -6.78 12.55
N LYS D 240 5.72 -5.87 12.69
CA LYS D 240 6.54 -5.82 13.87
C LYS D 240 7.33 -7.09 14.10
N VAL D 241 7.86 -7.64 13.01
CA VAL D 241 8.80 -8.76 13.12
C VAL D 241 10.16 -8.19 13.52
N LEU D 242 10.77 -8.82 14.54
CA LEU D 242 12.07 -8.43 15.00
C LEU D 242 13.14 -9.03 14.06
N LEU D 243 13.75 -8.17 13.25
CA LEU D 243 14.77 -8.63 12.34
C LEU D 243 15.97 -9.26 13.05
N GLU D 244 16.31 -8.74 14.22
CA GLU D 244 17.42 -9.25 15.02
C GLU D 244 17.21 -10.73 15.40
N GLY D 245 15.93 -11.17 15.40
CA GLY D 245 15.58 -12.55 15.71
C GLY D 245 15.00 -13.32 14.53
N ALA D 246 15.48 -13.02 13.33
CA ALA D 246 15.02 -13.69 12.11
C ALA D 246 16.19 -13.90 11.17
N LEU D 247 15.93 -14.67 10.13
CA LEU D 247 16.88 -14.94 9.06
C LEU D 247 16.14 -14.92 7.75
N LEU D 248 16.87 -14.64 6.67
CA LEU D 248 16.30 -14.67 5.33
C LEU D 248 16.89 -15.83 4.57
N LYS D 249 16.07 -16.49 3.77
CA LYS D 249 16.50 -17.54 2.82
C LYS D 249 15.97 -17.24 1.41
N PRO D 250 16.72 -16.43 0.66
CA PRO D 250 16.38 -16.05 -0.69
C PRO D 250 17.09 -16.91 -1.72
N ASN D 251 16.58 -16.88 -2.95
CA ASN D 251 17.31 -17.31 -4.10
C ASN D 251 18.52 -16.44 -4.28
N MET D 252 19.54 -17.04 -4.88
CA MET D 252 20.60 -16.23 -5.46
C MET D 252 20.01 -15.60 -6.70
N VAL D 253 20.68 -14.57 -7.20
CA VAL D 253 20.33 -13.93 -8.47
C VAL D 253 21.08 -14.65 -9.61
N THR D 254 20.30 -15.28 -10.49
CA THR D 254 20.84 -16.05 -11.59
C THR D 254 19.93 -15.89 -12.79
N GLN D 255 20.44 -16.27 -13.95
CA GLN D 255 19.61 -16.30 -15.13
C GLN D 255 18.65 -17.47 -14.99
N GLY D 256 17.57 -17.48 -15.76
CA GLY D 256 16.63 -18.61 -15.78
C GLY D 256 17.22 -19.89 -16.35
N VAL D 257 16.66 -21.03 -15.92
CA VAL D 257 17.14 -22.35 -16.32
C VAL D 257 17.17 -22.55 -17.83
N ASP D 258 16.19 -22.03 -18.57
CA ASP D 258 16.20 -22.16 -20.04
C ASP D 258 16.80 -20.93 -20.76
N CYS D 259 17.43 -20.01 -20.02
CA CYS D 259 18.04 -18.84 -20.66
C CYS D 259 19.32 -19.31 -21.38
N LYS D 260 19.52 -18.85 -22.61
CA LYS D 260 20.72 -19.28 -23.37
C LYS D 260 21.95 -18.57 -22.88
N ASP D 261 21.79 -17.39 -22.28
CA ASP D 261 22.94 -16.68 -21.71
C ASP D 261 23.56 -17.55 -20.60
N LYS D 262 24.87 -17.42 -20.37
CA LYS D 262 25.51 -18.08 -19.23
C LYS D 262 26.45 -17.08 -18.57
N PRO D 263 25.93 -16.25 -17.65
CA PRO D 263 26.80 -15.30 -16.97
C PRO D 263 27.87 -15.96 -16.09
N ALA D 264 28.98 -15.25 -15.92
CA ALA D 264 30.11 -15.76 -15.14
C ALA D 264 29.69 -15.85 -13.67
N PRO D 265 30.32 -16.74 -12.90
CA PRO D 265 30.00 -16.83 -11.47
C PRO D 265 30.27 -15.52 -10.71
N GLN D 266 31.26 -14.74 -11.16
CA GLN D 266 31.53 -13.42 -10.61
C GLN D 266 30.29 -12.49 -10.74
N THR D 267 29.53 -12.65 -11.82
CA THR D 267 28.36 -11.80 -12.05
C THR D 267 27.21 -12.22 -11.15
N VAL D 268 27.03 -13.52 -10.96
CA VAL D 268 26.06 -14.00 -10.00
C VAL D 268 26.41 -13.44 -8.62
N GLY D 269 27.69 -13.51 -8.26
CA GLY D 269 28.14 -12.97 -6.99
C GLY D 269 27.82 -11.50 -6.84
N PHE D 270 28.16 -10.71 -7.83
CA PHE D 270 27.91 -9.29 -7.79
C PHE D 270 26.40 -8.93 -7.74
N LEU D 271 25.59 -9.50 -8.62
CA LEU D 271 24.15 -9.11 -8.69
C LEU D 271 23.37 -9.58 -7.46
N THR D 272 23.73 -10.76 -6.91
CA THR D 272 23.17 -11.24 -5.64
C THR D 272 23.54 -10.30 -4.48
N SER D 273 24.81 -9.97 -4.37
CA SER D 273 25.23 -9.01 -3.34
C SER D 273 24.51 -7.67 -3.47
N ARG D 274 24.43 -7.16 -4.69
CA ARG D 274 23.81 -5.88 -4.93
C ARG D 274 22.34 -5.91 -4.52
N ALA D 275 21.64 -6.98 -4.92
CA ALA D 275 20.21 -7.08 -4.61
C ALA D 275 19.93 -7.04 -3.10
N LEU D 276 20.75 -7.74 -2.33
CA LEU D 276 20.63 -7.78 -0.87
C LEU D 276 21.05 -6.45 -0.22
N ARG D 277 22.13 -5.86 -0.71
CA ARG D 277 22.63 -4.58 -0.18
CA ARG D 277 22.60 -4.61 -0.13
C ARG D 277 21.59 -3.47 -0.37
N ARG D 278 20.82 -3.58 -1.45
CA ARG D 278 19.84 -2.58 -1.79
C ARG D 278 18.54 -2.71 -1.01
N THR D 279 18.34 -3.82 -0.30
CA THR D 279 17.06 -4.14 0.32
C THR D 279 17.05 -4.66 1.76
N VAL D 280 18.11 -5.29 2.24
CA VAL D 280 18.04 -6.01 3.50
C VAL D 280 18.72 -5.19 4.61
N PRO D 281 17.94 -4.69 5.59
CA PRO D 281 18.57 -3.94 6.68
C PRO D 281 19.62 -4.71 7.48
N PRO D 282 20.66 -4.03 7.97
CA PRO D 282 21.74 -4.73 8.69
C PRO D 282 21.37 -5.39 10.05
N ALA D 283 20.21 -5.03 10.62
CA ALA D 283 19.72 -5.68 11.85
C ALA D 283 19.48 -7.15 11.65
N LEU D 284 19.20 -7.60 10.42
CA LEU D 284 19.07 -9.05 10.12
C LEU D 284 20.45 -9.73 10.22
N PRO D 285 20.58 -10.79 11.02
CA PRO D 285 21.93 -11.34 11.28
C PRO D 285 22.48 -12.24 10.19
N GLY D 286 21.61 -12.80 9.37
CA GLY D 286 22.05 -13.75 8.39
C GLY D 286 21.10 -13.96 7.24
N VAL D 287 21.72 -14.18 6.09
CA VAL D 287 21.09 -14.59 4.85
C VAL D 287 21.66 -15.97 4.51
N MET D 288 20.80 -16.97 4.53
CA MET D 288 21.18 -18.36 4.36
C MET D 288 20.51 -18.80 3.05
N PHE D 289 21.29 -18.84 1.98
CA PHE D 289 20.76 -19.02 0.64
C PHE D 289 20.20 -20.41 0.42
N LEU D 290 19.16 -20.47 -0.41
CA LEU D 290 18.70 -21.72 -0.98
C LEU D 290 19.51 -21.94 -2.24
N SER D 291 19.65 -23.20 -2.64
CA SER D 291 20.44 -23.50 -3.83
C SER D 291 19.65 -23.85 -5.09
N GLY D 292 18.35 -24.13 -4.94
CA GLY D 292 17.50 -24.44 -6.11
C GLY D 292 17.97 -25.71 -6.81
N GLY D 293 18.08 -25.67 -8.13
CA GLY D 293 18.59 -26.81 -8.88
C GLY D 293 20.09 -26.78 -9.15
N GLN D 294 20.82 -25.89 -8.50
CA GLN D 294 22.28 -25.80 -8.72
C GLN D 294 22.99 -27.07 -8.26
N SER D 295 24.06 -27.45 -8.95
CA SER D 295 24.87 -28.59 -8.53
C SER D 295 25.57 -28.29 -7.20
N GLU D 296 25.97 -29.34 -6.49
CA GLU D 296 26.76 -29.20 -5.26
C GLU D 296 27.89 -28.20 -5.43
N SER D 297 28.62 -28.33 -6.54
CA SER D 297 29.78 -27.47 -6.79
C SER D 297 29.41 -26.02 -7.08
N MET D 298 28.39 -25.82 -7.91
CA MET D 298 27.99 -24.46 -8.27
C MET D 298 27.41 -23.70 -7.09
N ALA D 299 26.67 -24.39 -6.23
CA ALA D 299 26.11 -23.81 -5.01
C ALA D 299 27.22 -23.26 -4.11
N THR D 300 28.34 -23.97 -4.03
CA THR D 300 29.46 -23.54 -3.21
C THR D 300 30.19 -22.38 -3.86
N ARG D 301 30.44 -22.50 -5.17
CA ARG D 301 31.19 -21.49 -5.89
C ARG D 301 30.44 -20.17 -5.92
N HIS D 302 29.14 -20.23 -6.20
CA HIS D 302 28.33 -19.02 -6.17
C HIS D 302 28.36 -18.38 -4.79
N LEU D 303 28.22 -19.17 -3.73
CA LEU D 303 28.28 -18.63 -2.37
C LEU D 303 29.63 -17.91 -2.11
N ASN D 304 30.72 -18.55 -2.47
CA ASN D 304 32.05 -17.93 -2.37
C ASN D 304 32.14 -16.56 -3.07
N GLU D 305 31.69 -16.51 -4.32
CA GLU D 305 31.71 -15.27 -5.12
C GLU D 305 30.85 -14.15 -4.53
N ILE D 306 29.70 -14.53 -3.96
CA ILE D 306 28.82 -13.57 -3.30
C ILE D 306 29.59 -12.92 -2.14
N ASN D 307 30.23 -13.74 -1.32
CA ASN D 307 31.01 -13.22 -0.22
C ASN D 307 32.28 -12.48 -0.64
N LYS D 308 32.90 -12.89 -1.74
CA LYS D 308 34.15 -12.28 -2.18
C LYS D 308 33.95 -10.86 -2.67
N CYS D 309 32.76 -10.50 -3.15
CA CYS D 309 32.69 -9.28 -3.93
C CYS D 309 32.56 -8.01 -3.08
N ASN D 310 32.31 -8.15 -1.78
CA ASN D 310 32.08 -6.96 -0.95
C ASN D 310 32.10 -7.33 0.50
N LYS D 311 32.17 -6.34 1.37
CA LYS D 311 31.89 -6.53 2.80
C LYS D 311 30.38 -6.38 3.00
N HIS D 312 29.83 -7.16 3.92
CA HIS D 312 28.41 -7.21 4.13
C HIS D 312 28.10 -7.17 5.63
N PRO D 313 27.00 -6.53 6.03
CA PRO D 313 26.67 -6.47 7.45
C PRO D 313 25.95 -7.68 8.06
N TRP D 314 25.57 -8.66 7.26
CA TRP D 314 24.94 -9.88 7.76
C TRP D 314 25.80 -11.02 7.23
N SER D 315 25.75 -12.17 7.89
CA SER D 315 26.33 -13.39 7.32
C SER D 315 25.67 -13.74 6.02
N LEU D 316 26.45 -14.22 5.08
CA LEU D 316 25.98 -14.73 3.82
C LEU D 316 26.41 -16.20 3.76
N SER D 317 25.45 -17.10 3.96
CA SER D 317 25.77 -18.50 4.15
C SER D 317 24.79 -19.35 3.41
N PHE D 318 24.64 -20.59 3.88
CA PHE D 318 23.88 -21.58 3.18
C PHE D 318 22.80 -22.22 4.04
N SER D 319 21.74 -22.65 3.36
CA SER D 319 20.72 -23.54 3.92
C SER D 319 20.38 -24.54 2.83
N TYR D 320 21.18 -25.59 2.77
CA TYR D 320 21.23 -26.50 1.65
C TYR D 320 20.73 -27.89 2.05
N GLY D 321 19.97 -28.50 1.15
CA GLY D 321 19.40 -29.84 1.30
C GLY D 321 20.17 -30.76 0.37
N ARG D 322 19.70 -30.82 -0.87
CA ARG D 322 20.33 -31.65 -1.89
C ARG D 322 21.79 -31.29 -2.13
N ALA D 323 22.14 -30.00 -2.00
CA ALA D 323 23.51 -29.57 -2.29
C ALA D 323 24.50 -29.99 -1.20
N LEU D 324 23.97 -30.45 -0.07
CA LEU D 324 24.78 -31.09 0.96
C LEU D 324 24.59 -32.61 1.03
N GLN D 325 23.50 -33.17 0.44
CA GLN D 325 23.13 -34.59 0.65
C GLN D 325 23.16 -35.52 -0.57
N SER D 326 23.09 -35.01 -1.79
CA SER D 326 23.06 -35.90 -2.96
C SER D 326 24.18 -36.92 -3.00
N SER D 327 25.41 -36.44 -2.95
CA SER D 327 26.56 -37.33 -2.93
C SER D 327 26.64 -38.18 -1.66
N VAL D 328 26.03 -37.70 -0.58
CA VAL D 328 26.06 -38.43 0.68
C VAL D 328 25.18 -39.67 0.54
N LEU D 329 23.96 -39.45 0.06
CA LEU D 329 22.99 -40.52 -0.11
C LEU D 329 23.55 -41.56 -1.07
N LYS D 330 24.08 -41.08 -2.20
CA LYS D 330 24.65 -41.96 -3.22
C LYS D 330 25.83 -42.79 -2.68
N THR D 331 26.64 -42.22 -1.81
CA THR D 331 27.77 -42.94 -1.19
C THR D 331 27.29 -44.01 -0.22
N TRP D 332 26.29 -43.66 0.60
CA TRP D 332 25.68 -44.57 1.54
C TRP D 332 25.05 -45.75 0.81
N ASN D 333 24.25 -45.43 -0.21
CA ASN D 333 23.67 -46.45 -1.10
C ASN D 333 22.87 -47.50 -0.37
N GLY D 334 22.25 -47.13 0.75
CA GLY D 334 21.41 -48.02 1.53
C GLY D 334 22.10 -49.01 2.44
N SER D 335 23.39 -48.84 2.69
CA SER D 335 24.09 -49.86 3.49
C SER D 335 25.09 -49.30 4.52
N MET D 336 25.01 -49.84 5.73
CA MET D 336 25.79 -49.31 6.87
C MET D 336 27.28 -49.51 6.66
N SER D 337 27.68 -50.41 5.76
CA SER D 337 29.09 -50.51 5.34
C SER D 337 29.64 -49.18 4.83
N ASN D 338 28.80 -48.42 4.14
CA ASN D 338 29.22 -47.15 3.57
C ASN D 338 28.92 -45.91 4.45
N ALA D 339 28.41 -46.13 5.65
CA ALA D 339 27.98 -45.01 6.49
C ALA D 339 29.16 -44.07 6.78
N ALA D 340 30.32 -44.63 7.17
CA ALA D 340 31.50 -43.81 7.50
C ALA D 340 31.98 -43.01 6.28
N ALA D 341 31.98 -43.66 5.10
CA ALA D 341 32.29 -42.96 3.84
C ALA D 341 31.29 -41.82 3.56
N ALA D 342 30.01 -42.09 3.73
CA ALA D 342 28.99 -41.08 3.54
C ALA D 342 29.22 -39.87 4.46
N GLN D 343 29.54 -40.15 5.72
CA GLN D 343 29.83 -39.10 6.68
C GLN D 343 31.03 -38.26 6.26
N ASP D 344 32.03 -38.92 5.68
CA ASP D 344 33.22 -38.23 5.17
C ASP D 344 32.85 -37.25 4.03
N VAL D 345 31.95 -37.67 3.15
CA VAL D 345 31.47 -36.84 2.05
C VAL D 345 30.66 -35.64 2.57
N LEU D 346 29.79 -35.87 3.54
CA LEU D 346 29.06 -34.75 4.18
C LEU D 346 30.02 -33.74 4.77
N MET D 347 31.06 -34.21 5.45
CA MET D 347 32.02 -33.31 6.07
C MET D 347 32.77 -32.48 5.04
N LYS D 348 33.08 -33.08 3.89
CA LYS D 348 33.75 -32.37 2.81
C LYS D 348 32.85 -31.26 2.26
N LEU D 349 31.59 -31.58 2.01
CA LEU D 349 30.67 -30.60 1.44
C LEU D 349 30.36 -29.51 2.48
N ALA D 350 30.16 -29.91 3.73
CA ALA D 350 29.96 -28.97 4.82
C ALA D 350 31.16 -28.02 4.97
N GLN D 351 32.37 -28.56 4.85
CA GLN D 351 33.57 -27.72 4.93
C GLN D 351 33.73 -26.73 3.80
N GLN D 352 33.51 -27.17 2.56
CA GLN D 352 33.68 -26.27 1.42
C GLN D 352 32.62 -25.14 1.46
N ASN D 353 31.42 -25.46 1.92
CA ASN D 353 30.39 -24.43 2.08
C ASN D 353 30.65 -23.50 3.27
N SER D 354 31.24 -24.01 4.35
CA SER D 354 31.77 -23.15 5.44
C SER D 354 32.79 -22.13 4.90
N GLU D 355 33.76 -22.63 4.13
CA GLU D 355 34.77 -21.79 3.50
C GLU D 355 34.16 -20.78 2.53
N ALA D 356 33.19 -21.22 1.76
CA ALA D 356 32.44 -20.32 0.85
C ALA D 356 31.69 -19.20 1.59
N SER D 357 31.18 -19.52 2.77
CA SER D 357 30.44 -18.57 3.60
C SER D 357 31.35 -17.48 4.17
N LEU D 358 32.67 -17.66 4.08
CA LEU D 358 33.64 -16.66 4.55
C LEU D 358 34.41 -16.12 3.36
N GLY D 359 33.96 -16.46 2.16
CA GLY D 359 34.63 -16.03 0.95
C GLY D 359 36.04 -16.57 0.79
N SER D 360 36.27 -17.79 1.28
CA SER D 360 37.62 -18.38 1.40
C SER D 360 37.77 -19.77 0.81
N LEU D 361 36.99 -20.09 -0.22
CA LEU D 361 37.00 -21.43 -0.77
C LEU D 361 38.39 -21.79 -1.27
N LYS D 362 38.86 -23.01 -0.92
CA LYS D 362 40.20 -23.53 -1.29
C LYS D 362 40.12 -24.80 -2.17
N ALA D 375 29.10 -1.44 -22.20
CA ALA D 375 28.00 -1.52 -21.22
C ALA D 375 28.40 -2.31 -19.96
N LYS D 376 27.72 -2.04 -18.84
CA LYS D 376 28.08 -2.63 -17.54
C LYS D 376 26.94 -2.51 -16.49
N TYR D 377 26.93 -3.44 -15.53
CA TYR D 377 25.93 -3.45 -14.45
C TYR D 377 26.17 -2.29 -13.49
N ILE D 378 25.11 -1.56 -13.11
CA ILE D 378 25.23 -0.42 -12.19
C ILE D 378 25.66 -0.91 -10.81
N TYR D 379 26.53 -0.13 -10.14
CA TYR D 379 26.98 -0.43 -8.77
C TYR D 379 25.81 -0.35 -7.79
C1 CIT E . -25.83 -12.46 16.16
O1 CIT E . -26.25 -13.52 16.63
O2 CIT E . -26.47 -11.41 16.40
C2 CIT E . -24.52 -12.43 15.40
C3 CIT E . -24.50 -11.52 14.15
O7 CIT E . -25.18 -12.21 13.05
C4 CIT E . -23.03 -11.23 13.75
C5 CIT E . -22.25 -12.45 13.33
O3 CIT E . -21.88 -13.36 14.14
O4 CIT E . -21.98 -12.60 12.13
C6 CIT E . -25.16 -10.14 14.42
O5 CIT E . -24.62 -9.39 15.28
O6 CIT E . -26.21 -9.75 13.79
C1 PEG F . -13.14 -8.29 -10.70
O1 PEG F . -11.83 -8.01 -10.16
C2 PEG F . -13.46 -9.78 -10.67
O2 PEG F . -12.65 -10.41 -11.64
C3 PEG F . -12.99 -11.74 -11.97
C4 PEG F . -12.19 -12.09 -13.24
O4 PEG F . -13.05 -12.67 -14.22
C1 CIT G . -10.76 17.31 -25.80
O1 CIT G . -10.39 18.39 -26.30
O2 CIT G . -11.72 16.69 -26.30
C2 CIT G . -9.99 16.81 -24.60
C3 CIT G . -10.78 15.99 -23.57
O7 CIT G . -11.74 16.84 -22.88
C4 CIT G . -9.77 15.35 -22.59
C5 CIT G . -9.02 16.43 -21.84
O3 CIT G . -8.08 17.08 -22.37
O4 CIT G . -9.36 16.74 -20.70
C6 CIT G . -11.55 14.85 -24.23
O5 CIT G . -10.89 13.90 -24.71
O6 CIT G . -12.82 14.86 -24.27
C1 PEG H . -13.65 11.41 4.08
O1 PEG H . -12.58 10.55 3.63
C2 PEG H . -13.85 12.62 3.20
O2 PEG H . -14.57 13.65 3.89
C3 PEG H . -14.06 14.99 3.91
C4 PEG H . -13.70 15.38 5.33
O4 PEG H . -14.37 16.58 5.71
C1 PEG I . -35.58 23.99 -26.42
O1 PEG I . -35.87 24.61 -25.15
C2 PEG I . -34.23 24.41 -26.99
O2 PEG I . -34.15 25.83 -27.25
C3 PEG I . -32.86 26.19 -27.75
C4 PEG I . -32.80 27.64 -28.22
O4 PEG I . -32.94 28.58 -27.14
C1 CIT J . 20.16 23.76 10.90
O1 CIT J . 20.25 25.00 10.82
O2 CIT J . 20.91 23.18 11.70
C2 CIT J . 19.11 23.04 10.07
C3 CIT J . 19.39 21.55 9.77
O7 CIT J . 20.46 21.43 8.78
C4 CIT J . 18.10 20.87 9.24
C5 CIT J . 17.66 21.34 7.87
O3 CIT J . 17.28 22.51 7.60
O4 CIT J . 17.65 20.50 6.96
C6 CIT J . 19.76 20.78 11.07
O5 CIT J . 18.85 20.69 11.95
O6 CIT J . 20.92 20.23 11.22
C1 PEG K . 16.02 0.15 -7.32
O1 PEG K . 14.59 0.11 -7.28
C2 PEG K . 16.47 1.37 -8.08
O2 PEG K . 17.79 1.22 -8.56
C3 PEG K . 18.10 2.18 -9.58
C4 PEG K . 17.46 1.76 -10.90
O4 PEG K . 18.20 2.30 -11.98
C1 PEG L . 44.33 19.55 10.78
O1 PEG L . 45.22 19.20 9.72
C2 PEG L . 44.32 21.07 11.03
O2 PEG L . 44.10 21.82 9.83
C3 PEG L . 44.94 22.98 9.77
C4 PEG L . 44.46 24.00 8.74
O4 PEG L . 45.17 23.87 7.50
C1 EDO M . 17.02 -27.92 -0.87
O1 EDO M . 16.95 -29.34 -1.11
C2 EDO M . 15.98 -27.45 0.17
O2 EDO M . 16.23 -26.08 0.59
C1 PEG N . 9.68 -3.23 14.61
O1 PEG N . 8.84 -3.14 13.45
C2 PEG N . 9.86 -4.68 14.97
O2 PEG N . 10.34 -4.81 16.30
C3 PEG N . 9.57 -5.64 17.19
C4 PEG N . 8.61 -4.77 17.98
O4 PEG N . 8.42 -5.36 19.26
C1 PEG O . 37.44 -30.62 11.20
O1 PEG O . 38.42 -29.68 11.68
C2 PEG O . 37.66 -31.96 11.90
O2 PEG O . 36.46 -32.43 12.51
C3 PEG O . 36.23 -33.83 12.37
C4 PEG O . 36.13 -34.55 13.72
O4 PEG O . 36.12 -33.64 14.84
#